data_4OFO
#
_entry.id   4OFO
#
_cell.length_a   101.230
_cell.length_b   144.690
_cell.length_c   149.190
_cell.angle_alpha   90.00
_cell.angle_beta   90.00
_cell.angle_gamma   90.00
#
_symmetry.space_group_name_H-M   'P 21 21 21'
#
loop_
_entity.id
_entity.type
_entity.pdbx_description
1 polymer 'Extracytoplasmic Nickel-Binding Protein YpYntA'
2 non-polymer 'NICKEL (II) ION'
3 water water
#
_entity_poly.entity_id   1
_entity_poly.type   'polypeptide(L)'
_entity_poly.pdbx_seq_one_letter_code
;ATHTLQLAIGDEPTEGFDPMLGWSHGSYLLLHSPLLKQNEDFSWDSLLLSQYQPSDDGKTWLLTLKPDLKFSDGSPLTAK
DVAFTYNNAAASGGKVDMGNFLSAEVIDPLNVRIHLKAPQSTFVNVLGSLGIVSADKYNAKTYAQKPIGAGPYRLVSFQP
GQQMIVEANPYYAGNKNDFDKLIFVFLDEDSAFAAAQSGQLGVVRIPPSMAVGSVNNMKLWVRPSVENRGIVFPTTPAGK
KDAHGYPIGNDVTADVAIRRAINYAINRQLLADQIMEGHAIPAYTGVQGLPWNNPDSAIKDGDIDKAKQILEQAGWQLNS
QGTREKNGLPAKITLWYTSGDTTRRDLAQALRSMLKPIGIDVDLKSGSWETVERNMHANPTLFGWGSLDPMELYHHYSSN
AAGVEYYNPGYYKNPMVDKHLQQALDAPTWQQAVPFWQQVDWDGTTGAGIRGDAAWAWLLNIQHTYLANNCVDLGKGTPE
IHGSWSLLNSIDSWKWTCQ
;
_entity_poly.pdbx_strand_id   A,B,C,D
#
loop_
_chem_comp.id
_chem_comp.type
_chem_comp.name
_chem_comp.formula
NI non-polymer 'NICKEL (II) ION' 'Ni 2'
#
# COMPACT_ATOMS: atom_id res chain seq x y z
N THR A 2 -10.75 -56.75 -15.18
CA THR A 2 -10.59 -55.41 -14.63
C THR A 2 -9.40 -55.34 -13.68
N HIS A 3 -9.70 -54.96 -12.43
CA HIS A 3 -8.80 -54.77 -11.26
C HIS A 3 -8.33 -53.31 -11.21
N THR A 4 -9.01 -52.43 -11.92
CA THR A 4 -8.63 -51.02 -12.00
C THR A 4 -9.61 -50.17 -11.19
N LEU A 5 -9.35 -48.88 -11.11
CA LEU A 5 -10.13 -48.02 -10.24
C LEU A 5 -11.39 -47.52 -10.93
N GLN A 6 -12.53 -47.71 -10.25
CA GLN A 6 -13.81 -47.19 -10.73
C GLN A 6 -14.23 -46.03 -9.84
N LEU A 7 -14.70 -44.94 -10.45
CA LEU A 7 -15.04 -43.74 -9.68
C LEU A 7 -16.44 -43.21 -10.00
N ALA A 8 -17.13 -42.72 -8.98
CA ALA A 8 -18.42 -42.05 -9.16
C ALA A 8 -18.41 -40.65 -8.54
N ILE A 9 -17.97 -39.66 -9.32
CA ILE A 9 -17.81 -38.30 -8.81
C ILE A 9 -18.59 -37.22 -9.57
N GLY A 10 -19.55 -37.62 -10.40
CA GLY A 10 -20.36 -36.66 -11.13
C GLY A 10 -21.19 -37.26 -12.25
N ASP A 11 -21.99 -36.41 -12.90
CA ASP A 11 -22.93 -36.88 -13.91
C ASP A 11 -22.45 -36.63 -15.34
N GLU A 12 -23.18 -37.19 -16.29
CA GLU A 12 -22.77 -37.26 -17.70
C GLU A 12 -22.15 -36.01 -18.33
N PRO A 13 -20.89 -36.13 -18.80
CA PRO A 13 -20.18 -35.11 -19.57
C PRO A 13 -20.79 -34.89 -20.94
N THR A 14 -22.07 -34.54 -21.00
CA THR A 14 -22.75 -34.27 -22.27
C THR A 14 -22.09 -33.10 -23.02
N GLU A 15 -22.53 -32.87 -24.25
CA GLU A 15 -22.05 -31.78 -25.11
C GLU A 15 -20.63 -32.06 -25.61
N GLY A 16 -19.76 -32.58 -24.75
CA GLY A 16 -18.46 -33.05 -25.18
C GLY A 16 -17.28 -32.55 -24.39
N PHE A 17 -16.09 -32.71 -24.96
CA PHE A 17 -14.85 -32.24 -24.35
C PHE A 17 -14.12 -31.31 -25.32
N ASP A 18 -14.62 -30.09 -25.45
CA ASP A 18 -13.98 -29.10 -26.31
C ASP A 18 -13.65 -27.88 -25.48
N PRO A 19 -12.34 -27.61 -25.27
CA PRO A 19 -11.84 -26.47 -24.49
C PRO A 19 -12.32 -25.13 -25.03
N MET A 20 -12.70 -25.12 -26.30
CA MET A 20 -13.23 -23.93 -26.95
C MET A 20 -14.61 -23.55 -26.41
N LEU A 21 -15.18 -24.40 -25.58
CA LEU A 21 -16.51 -24.17 -25.02
C LEU A 21 -16.43 -23.78 -23.54
N GLY A 22 -15.21 -23.73 -23.01
CA GLY A 22 -14.99 -23.21 -21.67
C GLY A 22 -14.67 -24.22 -20.60
N TRP A 23 -14.50 -23.72 -19.38
CA TRP A 23 -14.17 -24.55 -18.23
C TRP A 23 -15.38 -24.63 -17.30
N SER A 24 -16.56 -24.33 -17.84
CA SER A 24 -17.79 -24.36 -17.08
C SER A 24 -18.04 -25.76 -16.52
N HIS A 25 -17.66 -26.77 -17.30
CA HIS A 25 -17.73 -28.15 -16.85
C HIS A 25 -16.42 -28.50 -16.15
N GLY A 26 -16.41 -29.60 -15.40
CA GLY A 26 -15.24 -29.97 -14.63
C GLY A 26 -14.49 -31.18 -15.14
N SER A 27 -15.12 -31.91 -16.05
CA SER A 27 -14.55 -33.14 -16.59
C SER A 27 -13.37 -32.87 -17.51
N TYR A 28 -13.30 -31.67 -18.05
CA TYR A 28 -12.29 -31.34 -19.03
C TYR A 28 -10.89 -31.46 -18.42
N LEU A 29 -10.79 -31.21 -17.12
CA LEU A 29 -9.52 -31.32 -16.41
C LEU A 29 -8.91 -32.71 -16.49
N LEU A 30 -9.73 -33.69 -16.89
CA LEU A 30 -9.27 -35.06 -17.09
C LEU A 30 -8.43 -35.20 -18.36
N LEU A 31 -8.88 -34.55 -19.43
CA LEU A 31 -8.29 -34.77 -20.75
C LEU A 31 -7.43 -33.58 -21.21
N HIS A 32 -7.59 -32.44 -20.54
CA HIS A 32 -6.93 -31.20 -20.96
C HIS A 32 -6.15 -30.56 -19.82
N SER A 33 -5.24 -29.66 -20.18
CA SER A 33 -4.48 -28.91 -19.19
C SER A 33 -4.30 -27.47 -19.67
N PRO A 34 -4.59 -26.50 -18.78
CA PRO A 34 -4.32 -25.10 -19.10
C PRO A 34 -2.84 -24.81 -18.97
N LEU A 35 -2.42 -23.58 -19.27
CA LEU A 35 -1.01 -23.23 -19.17
C LEU A 35 -0.54 -23.29 -17.73
N LEU A 36 -1.41 -22.89 -16.82
CA LEU A 36 -1.07 -22.82 -15.41
C LEU A 36 -1.92 -23.75 -14.54
N LYS A 37 -1.37 -24.10 -13.38
CA LYS A 37 -2.02 -24.97 -12.42
C LYS A 37 -1.83 -24.35 -11.03
N GLN A 38 -2.92 -24.10 -10.33
CA GLN A 38 -2.87 -23.39 -9.04
C GLN A 38 -2.32 -24.26 -7.89
N ASN A 39 -1.50 -23.65 -7.03
CA ASN A 39 -0.99 -24.32 -5.83
C ASN A 39 -1.91 -24.22 -4.63
N GLU A 40 -1.60 -24.97 -3.58
CA GLU A 40 -2.39 -24.93 -2.36
C GLU A 40 -2.16 -23.61 -1.63
N ASP A 41 -1.04 -22.95 -1.92
CA ASP A 41 -0.77 -21.63 -1.36
C ASP A 41 -1.24 -20.55 -2.34
N PHE A 42 -1.92 -21.02 -3.38
CA PHE A 42 -2.67 -20.19 -4.33
C PHE A 42 -1.78 -19.44 -5.32
N SER A 43 -0.47 -19.64 -5.22
CA SER A 43 0.42 -19.18 -6.29
C SER A 43 0.26 -20.12 -7.48
N TRP A 44 0.96 -19.85 -8.57
CA TRP A 44 0.74 -20.62 -9.79
C TRP A 44 1.98 -21.38 -10.27
N ASP A 45 1.80 -22.66 -10.55
CA ASP A 45 2.83 -23.49 -11.15
C ASP A 45 2.58 -23.65 -12.63
N SER A 46 3.65 -23.79 -13.39
CA SER A 46 3.55 -23.97 -14.83
C SER A 46 3.86 -25.41 -15.23
N LEU A 47 2.90 -26.07 -15.87
CA LEU A 47 3.15 -27.40 -16.40
C LEU A 47 3.77 -27.32 -17.79
N LEU A 48 3.25 -26.42 -18.61
CA LEU A 48 3.67 -26.29 -20.01
C LEU A 48 4.64 -25.11 -20.22
N LEU A 49 4.74 -24.23 -19.24
CA LEU A 49 5.55 -23.04 -19.38
C LEU A 49 6.82 -23.10 -18.53
N SER A 50 7.92 -22.67 -19.12
CA SER A 50 9.18 -22.48 -18.42
C SER A 50 9.24 -21.05 -17.86
N GLN A 51 8.55 -20.15 -18.56
CA GLN A 51 8.53 -18.73 -18.23
C GLN A 51 7.20 -18.09 -18.60
N TYR A 52 6.69 -17.25 -17.70
CA TYR A 52 5.52 -16.43 -17.98
C TYR A 52 5.59 -15.15 -17.15
N GLN A 53 5.42 -14.01 -17.83
CA GLN A 53 5.66 -12.73 -17.18
C GLN A 53 4.76 -11.64 -17.76
N PRO A 54 4.00 -10.95 -16.89
CA PRO A 54 3.22 -9.80 -17.33
C PRO A 54 4.10 -8.55 -17.40
N SER A 55 3.73 -7.59 -18.24
CA SER A 55 4.44 -6.31 -18.30
C SER A 55 4.09 -5.45 -17.09
N ASP A 56 4.81 -4.33 -16.93
CA ASP A 56 4.61 -3.47 -15.77
C ASP A 56 3.18 -2.93 -15.67
N ASP A 57 2.55 -2.70 -16.83
CA ASP A 57 1.18 -2.21 -16.86
C ASP A 57 0.17 -3.35 -16.78
N GLY A 58 0.65 -4.58 -16.92
CA GLY A 58 -0.22 -5.75 -16.87
C GLY A 58 -1.05 -5.94 -18.13
N LYS A 59 -0.67 -5.25 -19.20
CA LYS A 59 -1.44 -5.31 -20.44
C LYS A 59 -0.93 -6.38 -21.41
N THR A 60 0.30 -6.86 -21.20
CA THR A 60 0.83 -7.92 -22.06
C THR A 60 1.47 -9.05 -21.23
N TRP A 61 1.40 -10.27 -21.76
CA TRP A 61 2.05 -11.41 -21.12
C TRP A 61 3.09 -12.03 -22.05
N LEU A 62 4.23 -12.40 -21.49
CA LEU A 62 5.23 -13.16 -22.23
C LEU A 62 5.23 -14.60 -21.76
N LEU A 63 5.00 -15.53 -22.68
CA LEU A 63 4.93 -16.94 -22.37
C LEU A 63 6.02 -17.72 -23.07
N THR A 64 6.77 -18.52 -22.33
CA THR A 64 7.77 -19.39 -22.92
C THR A 64 7.42 -20.85 -22.63
N LEU A 65 7.32 -21.67 -23.67
CA LEU A 65 6.98 -23.09 -23.49
C LEU A 65 8.19 -23.94 -23.16
N LYS A 66 7.95 -25.07 -22.52
CA LYS A 66 8.97 -26.11 -22.36
C LYS A 66 9.18 -26.78 -23.73
N PRO A 67 10.42 -27.21 -24.02
CA PRO A 67 10.81 -27.51 -25.41
C PRO A 67 10.17 -28.73 -26.09
N ASP A 68 10.09 -29.87 -25.41
CA ASP A 68 9.76 -31.10 -26.10
C ASP A 68 8.32 -31.59 -25.87
N LEU A 69 7.41 -30.70 -25.50
CA LEU A 69 6.05 -31.06 -25.15
C LEU A 69 5.32 -31.71 -26.32
N LYS A 70 4.39 -32.63 -26.01
CA LYS A 70 3.59 -33.28 -27.02
C LYS A 70 2.13 -33.43 -26.58
N PHE A 71 1.24 -33.62 -27.54
CA PHE A 71 -0.16 -33.86 -27.23
C PHE A 71 -0.41 -35.32 -26.91
N SER A 72 -1.67 -35.67 -26.66
CA SER A 72 -2.01 -37.02 -26.24
C SER A 72 -1.84 -38.02 -27.39
N ASP A 73 -1.82 -37.49 -28.62
CA ASP A 73 -1.63 -38.33 -29.81
C ASP A 73 -0.19 -38.30 -30.29
N GLY A 74 0.68 -37.64 -29.51
CA GLY A 74 2.09 -37.62 -29.84
C GLY A 74 2.50 -36.41 -30.66
N SER A 75 1.52 -35.72 -31.22
CA SER A 75 1.79 -34.52 -32.00
C SER A 75 2.37 -33.44 -31.10
N PRO A 76 3.26 -32.60 -31.65
CA PRO A 76 3.98 -31.62 -30.82
C PRO A 76 3.10 -30.46 -30.36
N LEU A 77 3.36 -29.95 -29.17
CA LEU A 77 2.64 -28.80 -28.64
C LEU A 77 3.56 -27.58 -28.64
N THR A 78 3.22 -26.60 -29.47
CA THR A 78 4.07 -25.42 -29.63
C THR A 78 3.27 -24.14 -29.55
N ALA A 79 3.97 -23.01 -29.71
CA ALA A 79 3.36 -21.69 -29.65
C ALA A 79 2.15 -21.53 -30.58
N LYS A 80 2.24 -22.14 -31.76
CA LYS A 80 1.18 -22.10 -32.76
C LYS A 80 -0.17 -22.53 -32.16
N ASP A 81 -0.12 -23.57 -31.33
CA ASP A 81 -1.32 -24.14 -30.75
C ASP A 81 -1.86 -23.27 -29.62
N VAL A 82 -0.96 -22.67 -28.84
CA VAL A 82 -1.39 -21.78 -27.77
C VAL A 82 -2.08 -20.55 -28.32
N ALA A 83 -1.43 -19.91 -29.30
CA ALA A 83 -1.99 -18.73 -29.92
C ALA A 83 -3.30 -19.05 -30.63
N PHE A 84 -3.34 -20.20 -31.31
CA PHE A 84 -4.57 -20.61 -32.00
C PHE A 84 -5.71 -20.81 -31.00
N THR A 85 -5.38 -21.45 -29.89
CA THR A 85 -6.35 -21.74 -28.84
C THR A 85 -6.96 -20.46 -28.32
N TYR A 86 -6.12 -19.49 -27.99
CA TYR A 86 -6.64 -18.25 -27.41
C TYR A 86 -7.41 -17.41 -28.43
N ASN A 87 -6.84 -17.25 -29.62
CA ASN A 87 -7.48 -16.43 -30.65
C ASN A 87 -8.84 -16.99 -31.04
N ASN A 88 -8.94 -18.32 -31.19
CA ASN A 88 -10.20 -18.93 -31.59
C ASN A 88 -11.19 -19.15 -30.45
N ALA A 89 -10.70 -19.29 -29.23
CA ALA A 89 -11.62 -19.35 -28.10
C ALA A 89 -12.32 -18.01 -27.97
N ALA A 90 -11.55 -16.94 -28.12
CA ALA A 90 -12.13 -15.61 -28.09
C ALA A 90 -13.09 -15.42 -29.27
N ALA A 91 -12.65 -15.87 -30.45
CA ALA A 91 -13.38 -15.66 -31.70
C ALA A 91 -14.52 -16.65 -31.95
N SER A 92 -15.30 -16.97 -30.92
CA SER A 92 -16.42 -17.92 -31.07
C SER A 92 -17.17 -18.15 -29.77
N GLY A 93 -18.36 -18.74 -29.91
CA GLY A 93 -19.22 -19.01 -28.78
C GLY A 93 -20.03 -20.29 -28.72
N GLY A 94 -20.06 -20.99 -27.58
CA GLY A 94 -19.20 -20.82 -26.41
C GLY A 94 -19.22 -19.59 -25.50
N LYS A 95 -18.97 -18.42 -26.08
CA LYS A 95 -18.81 -17.15 -25.39
C LYS A 95 -18.01 -17.31 -24.11
N VAL A 96 -16.82 -17.87 -24.28
CA VAL A 96 -15.86 -18.02 -23.21
C VAL A 96 -15.51 -16.59 -22.83
N ASP A 97 -15.48 -16.27 -21.54
CA ASP A 97 -15.20 -14.89 -21.17
C ASP A 97 -13.70 -14.74 -20.96
N MET A 98 -13.07 -14.17 -21.98
CA MET A 98 -11.63 -13.99 -22.04
C MET A 98 -11.27 -12.67 -21.36
N GLY A 99 -12.30 -11.91 -21.00
CA GLY A 99 -12.09 -10.66 -20.30
C GLY A 99 -11.57 -9.58 -21.23
N ASN A 100 -10.42 -9.01 -20.86
CA ASN A 100 -9.83 -7.94 -21.63
C ASN A 100 -8.84 -8.46 -22.69
N PHE A 101 -8.93 -9.74 -23.02
CA PHE A 101 -8.02 -10.33 -24.00
C PHE A 101 -8.20 -9.71 -25.38
N LEU A 102 -7.09 -9.34 -25.99
CA LEU A 102 -7.09 -8.87 -27.38
C LEU A 102 -6.62 -9.91 -28.36
N SER A 103 -5.36 -10.34 -28.22
CA SER A 103 -4.80 -11.22 -29.26
C SER A 103 -3.54 -11.96 -28.83
N ALA A 104 -3.21 -13.03 -29.56
CA ALA A 104 -2.00 -13.79 -29.29
C ALA A 104 -1.08 -13.81 -30.49
N GLU A 105 0.18 -13.42 -30.27
CA GLU A 105 1.16 -13.37 -31.33
C GLU A 105 2.25 -14.39 -31.07
N VAL A 106 2.56 -15.20 -32.06
CA VAL A 106 3.66 -16.15 -31.93
C VAL A 106 4.99 -15.45 -32.22
N ILE A 107 5.91 -15.50 -31.26
CA ILE A 107 7.26 -14.96 -31.48
C ILE A 107 8.17 -16.00 -32.13
N ASP A 108 8.29 -17.19 -31.52
CA ASP A 108 9.02 -18.32 -32.11
C ASP A 108 8.29 -19.60 -31.61
N PRO A 109 8.72 -20.81 -32.05
CA PRO A 109 7.96 -21.99 -31.63
C PRO A 109 7.80 -22.21 -30.12
N LEU A 110 8.59 -21.53 -29.29
CA LEU A 110 8.47 -21.68 -27.84
C LEU A 110 7.98 -20.42 -27.14
N ASN A 111 7.67 -19.37 -27.90
CA ASN A 111 7.29 -18.10 -27.28
C ASN A 111 6.00 -17.48 -27.83
N VAL A 112 5.16 -17.00 -26.92
CA VAL A 112 3.88 -16.38 -27.27
C VAL A 112 3.74 -15.07 -26.50
N ARG A 113 3.22 -14.05 -27.17
CA ARG A 113 2.92 -12.78 -26.55
C ARG A 113 1.41 -12.58 -26.49
N ILE A 114 0.88 -12.29 -25.31
CA ILE A 114 -0.54 -12.04 -25.14
C ILE A 114 -0.82 -10.54 -24.98
N HIS A 115 -1.79 -10.04 -25.74
CA HIS A 115 -2.19 -8.63 -25.70
C HIS A 115 -3.58 -8.48 -25.10
N LEU A 116 -3.72 -7.53 -24.17
CA LEU A 116 -4.99 -7.21 -23.54
C LEU A 116 -5.50 -5.79 -23.88
N LYS A 117 -6.81 -5.58 -23.75
CA LYS A 117 -7.44 -4.28 -23.97
C LYS A 117 -7.06 -3.29 -22.90
N ALA A 118 -7.01 -3.78 -21.67
CA ALA A 118 -6.82 -2.96 -20.48
C ALA A 118 -6.23 -3.83 -19.39
N PRO A 119 -5.73 -3.22 -18.30
CA PRO A 119 -5.20 -4.06 -17.22
C PRO A 119 -6.24 -5.03 -16.66
N GLN A 120 -5.82 -6.26 -16.38
CA GLN A 120 -6.69 -7.25 -15.77
C GLN A 120 -5.87 -8.14 -14.85
N SER A 121 -5.98 -7.93 -13.54
CA SER A 121 -5.21 -8.71 -12.59
C SER A 121 -5.73 -10.15 -12.53
N THR A 122 -6.98 -10.35 -12.94
CA THR A 122 -7.59 -11.67 -12.85
C THR A 122 -7.34 -12.51 -14.11
N PHE A 123 -6.55 -11.98 -15.05
CA PHE A 123 -6.32 -12.71 -16.29
C PHE A 123 -5.54 -13.99 -16.04
N VAL A 124 -4.79 -14.04 -14.94
CA VAL A 124 -4.08 -15.26 -14.62
C VAL A 124 -5.08 -16.41 -14.46
N ASN A 125 -6.27 -16.11 -13.96
CA ASN A 125 -7.26 -17.16 -13.77
C ASN A 125 -7.72 -17.72 -15.12
N VAL A 126 -7.62 -16.92 -16.19
CA VAL A 126 -7.88 -17.41 -17.54
C VAL A 126 -6.76 -18.33 -18.00
N LEU A 127 -5.51 -17.98 -17.68
CA LEU A 127 -4.37 -18.80 -18.08
C LEU A 127 -4.41 -20.18 -17.43
N GLY A 128 -4.98 -20.26 -16.24
CA GLY A 128 -5.08 -21.52 -15.53
C GLY A 128 -6.43 -22.18 -15.73
N SER A 129 -7.12 -21.81 -16.80
CA SER A 129 -8.47 -22.32 -17.05
C SER A 129 -8.71 -22.81 -18.48
N LEU A 130 -8.31 -22.01 -19.46
CA LEU A 130 -8.54 -22.37 -20.86
C LEU A 130 -7.59 -23.48 -21.29
N GLY A 131 -8.15 -24.63 -21.64
CA GLY A 131 -7.36 -25.78 -22.04
C GLY A 131 -6.74 -25.62 -23.42
N ILE A 132 -5.53 -26.17 -23.60
CA ILE A 132 -4.81 -26.01 -24.87
C ILE A 132 -5.30 -27.00 -25.92
N VAL A 133 -5.50 -26.49 -27.15
CA VAL A 133 -6.00 -27.28 -28.27
C VAL A 133 -4.99 -27.32 -29.42
N SER A 134 -4.99 -28.40 -30.20
CA SER A 134 -4.05 -28.52 -31.33
C SER A 134 -4.52 -27.71 -32.54
N ALA A 135 -3.67 -26.81 -33.01
CA ALA A 135 -3.99 -25.97 -34.15
C ALA A 135 -4.20 -26.80 -35.41
N ASP A 136 -3.30 -27.75 -35.67
CA ASP A 136 -3.36 -28.54 -36.89
C ASP A 136 -4.58 -29.45 -36.97
N LYS A 137 -4.92 -30.07 -35.85
CA LYS A 137 -5.93 -31.13 -35.85
C LYS A 137 -7.29 -30.73 -35.29
N TYR A 138 -7.57 -29.44 -35.18
CA TYR A 138 -8.84 -29.01 -34.60
C TYR A 138 -9.96 -28.90 -35.63
N ASN A 139 -11.06 -29.60 -35.35
CA ASN A 139 -12.29 -29.46 -36.10
C ASN A 139 -13.41 -29.36 -35.06
N ALA A 140 -14.25 -28.33 -35.17
CA ALA A 140 -15.25 -28.00 -34.14
C ALA A 140 -16.19 -29.15 -33.76
N LYS A 141 -16.81 -29.77 -34.77
CA LYS A 141 -17.75 -30.86 -34.55
C LYS A 141 -17.02 -32.15 -34.13
N THR A 142 -15.85 -32.39 -34.72
CA THR A 142 -15.13 -33.65 -34.53
C THR A 142 -14.41 -33.68 -33.18
N TYR A 143 -14.00 -32.52 -32.69
CA TYR A 143 -13.15 -32.44 -31.51
C TYR A 143 -13.86 -32.82 -30.22
N ALA A 144 -15.13 -32.44 -30.10
CA ALA A 144 -15.89 -32.76 -28.90
C ALA A 144 -15.97 -34.26 -28.64
N GLN A 145 -16.13 -35.04 -29.70
CA GLN A 145 -16.24 -36.49 -29.59
C GLN A 145 -14.91 -37.25 -29.49
N LYS A 146 -13.89 -36.76 -30.19
CA LYS A 146 -12.57 -37.40 -30.13
C LYS A 146 -11.47 -36.36 -29.90
N PRO A 147 -11.41 -35.78 -28.69
CA PRO A 147 -10.53 -34.68 -28.34
C PRO A 147 -9.06 -35.05 -28.20
N ILE A 148 -8.19 -34.07 -28.46
CA ILE A 148 -6.75 -34.21 -28.27
C ILE A 148 -6.32 -33.18 -27.25
N GLY A 149 -5.57 -33.59 -26.23
CA GLY A 149 -5.28 -32.69 -25.14
C GLY A 149 -3.91 -32.90 -24.51
N ALA A 150 -3.59 -32.03 -23.57
CA ALA A 150 -2.34 -32.14 -22.84
C ALA A 150 -2.61 -32.55 -21.39
N GLY A 151 -3.81 -33.06 -21.14
CA GLY A 151 -4.21 -33.44 -19.80
C GLY A 151 -3.58 -34.74 -19.34
N PRO A 152 -3.81 -35.11 -18.07
CA PRO A 152 -3.15 -36.27 -17.47
C PRO A 152 -3.68 -37.59 -18.00
N TYR A 153 -4.89 -37.59 -18.56
CA TYR A 153 -5.48 -38.81 -19.10
C TYR A 153 -6.02 -38.57 -20.51
N ARG A 154 -6.26 -39.65 -21.24
CA ARG A 154 -6.82 -39.55 -22.58
C ARG A 154 -7.94 -40.55 -22.79
N LEU A 155 -8.92 -40.18 -23.60
CA LEU A 155 -10.12 -40.97 -23.78
C LEU A 155 -9.81 -42.31 -24.45
N VAL A 156 -10.38 -43.38 -23.89
CA VAL A 156 -10.28 -44.73 -24.47
C VAL A 156 -11.62 -45.14 -25.05
N SER A 157 -12.68 -45.00 -24.26
CA SER A 157 -14.02 -45.27 -24.78
C SER A 157 -15.03 -44.41 -24.04
N PHE A 158 -16.15 -44.13 -24.69
CA PHE A 158 -17.20 -43.35 -24.05
C PHE A 158 -18.55 -43.96 -24.38
N GLN A 159 -19.22 -44.42 -23.32
CA GLN A 159 -20.54 -45.03 -23.46
C GLN A 159 -21.58 -44.14 -22.78
N PRO A 160 -22.42 -43.49 -23.60
CA PRO A 160 -23.43 -42.50 -23.16
C PRO A 160 -24.39 -43.03 -22.10
N GLY A 161 -24.59 -42.25 -21.04
CA GLY A 161 -25.50 -42.62 -19.97
C GLY A 161 -25.00 -43.83 -19.19
N GLN A 162 -23.77 -44.26 -19.49
CA GLN A 162 -23.20 -45.44 -18.87
C GLN A 162 -21.88 -45.18 -18.16
N GLN A 163 -20.80 -45.10 -18.93
CA GLN A 163 -19.47 -45.01 -18.36
C GLN A 163 -18.47 -44.36 -19.29
N MET A 164 -17.29 -44.08 -18.77
CA MET A 164 -16.21 -43.51 -19.55
C MET A 164 -14.88 -44.16 -19.17
N ILE A 165 -14.17 -44.67 -20.16
CA ILE A 165 -12.89 -45.32 -19.86
C ILE A 165 -11.75 -44.46 -20.42
N VAL A 166 -10.79 -44.14 -19.56
CA VAL A 166 -9.63 -43.34 -19.93
C VAL A 166 -8.34 -44.03 -19.48
N GLU A 167 -7.25 -43.71 -20.16
CA GLU A 167 -5.94 -44.23 -19.78
C GLU A 167 -4.96 -43.08 -19.62
N ALA A 168 -3.88 -43.31 -18.87
CA ALA A 168 -2.89 -42.28 -18.60
C ALA A 168 -2.23 -41.76 -19.89
N ASN A 169 -2.07 -40.44 -19.97
CA ASN A 169 -1.42 -39.83 -21.11
C ASN A 169 0.10 -39.90 -20.93
N PRO A 170 0.76 -40.68 -21.79
CA PRO A 170 2.21 -40.93 -21.72
C PRO A 170 3.04 -39.69 -22.03
N TYR A 171 2.44 -38.72 -22.70
CA TYR A 171 3.14 -37.51 -23.11
C TYR A 171 2.82 -36.37 -22.14
N TYR A 172 2.12 -36.70 -21.05
CA TYR A 172 1.74 -35.73 -20.02
C TYR A 172 2.96 -35.04 -19.41
N ALA A 173 2.90 -33.72 -19.29
CA ALA A 173 4.06 -32.93 -18.86
C ALA A 173 4.15 -32.80 -17.34
N GLY A 174 3.14 -33.28 -16.63
CA GLY A 174 3.13 -33.18 -15.19
C GLY A 174 3.48 -34.49 -14.53
N ASN A 175 3.09 -34.67 -13.27
CA ASN A 175 3.40 -35.90 -12.54
C ASN A 175 2.41 -37.03 -12.83
N LYS A 176 2.96 -38.21 -13.10
CA LYS A 176 2.12 -39.38 -13.30
C LYS A 176 1.74 -39.96 -11.94
N ASN A 177 0.50 -40.41 -11.79
CA ASN A 177 0.07 -41.00 -10.54
C ASN A 177 0.18 -42.53 -10.57
N ASP A 178 -0.33 -43.19 -9.54
CA ASP A 178 -0.15 -44.62 -9.36
C ASP A 178 -1.24 -45.43 -10.07
N PHE A 179 -2.07 -44.76 -10.87
CA PHE A 179 -3.21 -45.41 -11.51
C PHE A 179 -3.14 -45.27 -13.03
N ASP A 180 -2.82 -46.38 -13.71
CA ASP A 180 -2.62 -46.41 -15.15
C ASP A 180 -3.89 -46.22 -15.97
N LYS A 181 -5.02 -46.64 -15.42
CA LYS A 181 -6.29 -46.61 -16.14
C LYS A 181 -7.43 -46.29 -15.20
N LEU A 182 -8.39 -45.50 -15.68
CA LEU A 182 -9.52 -45.12 -14.85
C LEU A 182 -10.85 -45.31 -15.58
N ILE A 183 -11.85 -45.75 -14.82
CA ILE A 183 -13.20 -45.89 -15.35
C ILE A 183 -14.14 -45.06 -14.51
N PHE A 184 -14.89 -44.18 -15.16
CA PHE A 184 -15.81 -43.31 -14.45
C PHE A 184 -17.24 -43.77 -14.72
N VAL A 185 -17.97 -44.04 -13.65
CA VAL A 185 -19.34 -44.51 -13.78
C VAL A 185 -20.30 -43.34 -13.52
N PHE A 186 -21.35 -43.28 -14.32
CA PHE A 186 -22.35 -42.22 -14.25
C PHE A 186 -23.64 -42.74 -13.65
N LEU A 187 -23.86 -42.42 -12.37
CA LEU A 187 -25.00 -42.97 -11.64
C LEU A 187 -25.70 -41.90 -10.80
N ASP A 188 -26.98 -42.12 -10.53
CA ASP A 188 -27.72 -41.27 -9.58
C ASP A 188 -27.20 -41.57 -8.18
N GLU A 189 -27.32 -40.61 -7.27
CA GLU A 189 -26.69 -40.68 -5.95
C GLU A 189 -26.96 -41.97 -5.18
N ASP A 190 -28.19 -42.45 -5.25
CA ASP A 190 -28.62 -43.59 -4.44
C ASP A 190 -28.01 -44.90 -4.95
N SER A 191 -28.09 -45.10 -6.26
CA SER A 191 -27.51 -46.28 -6.89
C SER A 191 -25.99 -46.22 -6.77
N ALA A 192 -25.47 -45.01 -6.78
CA ALA A 192 -24.03 -44.77 -6.60
C ALA A 192 -23.57 -45.24 -5.22
N PHE A 193 -24.25 -44.77 -4.18
CA PHE A 193 -23.98 -45.19 -2.81
C PHE A 193 -24.12 -46.71 -2.65
N ALA A 194 -25.16 -47.26 -3.28
CA ALA A 194 -25.41 -48.70 -3.21
C ALA A 194 -24.23 -49.47 -3.81
N ALA A 195 -23.73 -48.99 -4.93
CA ALA A 195 -22.58 -49.62 -5.57
C ALA A 195 -21.30 -49.41 -4.76
N ALA A 196 -21.23 -48.29 -4.04
CA ALA A 196 -20.08 -47.97 -3.20
C ALA A 196 -19.91 -48.93 -2.02
N GLN A 197 -20.98 -49.11 -1.24
CA GLN A 197 -20.94 -50.08 -0.14
C GLN A 197 -20.57 -51.49 -0.59
N SER A 198 -21.06 -51.89 -1.75
CA SER A 198 -20.82 -53.22 -2.30
C SER A 198 -19.37 -53.44 -2.73
N GLY A 199 -18.54 -52.40 -2.64
CA GLY A 199 -17.12 -52.52 -2.95
C GLY A 199 -16.83 -52.65 -4.43
N GLN A 200 -17.70 -52.07 -5.26
CA GLN A 200 -17.53 -52.07 -6.69
C GLN A 200 -16.71 -50.86 -7.11
N LEU A 201 -16.75 -49.83 -6.28
CA LEU A 201 -16.11 -48.55 -6.56
C LEU A 201 -14.94 -48.29 -5.62
N GLY A 202 -13.94 -47.57 -6.13
CA GLY A 202 -12.78 -47.21 -5.33
C GLY A 202 -12.91 -45.83 -4.71
N VAL A 203 -13.59 -44.93 -5.42
CA VAL A 203 -13.86 -43.58 -4.93
C VAL A 203 -15.30 -43.17 -5.29
N VAL A 204 -16.02 -42.59 -4.32
CA VAL A 204 -17.37 -42.09 -4.57
C VAL A 204 -17.66 -40.79 -3.81
N ARG A 205 -18.21 -39.81 -4.51
CA ARG A 205 -18.59 -38.54 -3.90
C ARG A 205 -19.93 -38.70 -3.19
N ILE A 206 -20.01 -38.24 -1.95
CA ILE A 206 -21.27 -38.29 -1.23
C ILE A 206 -21.67 -36.90 -0.74
N PRO A 207 -22.98 -36.68 -0.50
CA PRO A 207 -23.40 -35.39 0.04
C PRO A 207 -22.96 -35.24 1.50
N PRO A 208 -22.51 -34.04 1.89
CA PRO A 208 -22.05 -33.81 3.26
C PRO A 208 -23.17 -33.93 4.29
N SER A 209 -24.40 -33.82 3.81
CA SER A 209 -25.59 -33.82 4.65
C SER A 209 -26.09 -35.21 5.06
N MET A 210 -25.44 -36.27 4.60
CA MET A 210 -25.99 -37.59 4.84
C MET A 210 -25.19 -38.32 5.91
N ALA A 211 -25.82 -38.44 7.08
CA ALA A 211 -25.27 -39.08 8.27
C ALA A 211 -24.53 -40.37 7.91
N VAL A 212 -23.34 -40.22 7.32
CA VAL A 212 -22.65 -41.35 6.73
C VAL A 212 -22.09 -42.28 7.78
N GLY A 213 -22.61 -43.50 7.78
CA GLY A 213 -22.19 -44.56 8.67
C GLY A 213 -21.01 -45.29 8.05
N SER A 214 -20.55 -46.34 8.71
CA SER A 214 -19.40 -47.08 8.21
C SER A 214 -19.71 -47.73 6.87
N VAL A 215 -18.73 -47.65 5.96
CA VAL A 215 -18.82 -48.33 4.68
C VAL A 215 -17.73 -49.38 4.59
N ASN A 216 -18.12 -50.58 4.17
CA ASN A 216 -17.22 -51.72 4.20
C ASN A 216 -15.96 -51.48 3.36
N ASN A 217 -14.81 -51.62 4.01
CA ASN A 217 -13.50 -51.53 3.38
C ASN A 217 -13.29 -50.16 2.71
N MET A 218 -13.93 -49.13 3.25
CA MET A 218 -13.76 -47.77 2.74
C MET A 218 -13.52 -46.74 3.86
N LYS A 219 -12.94 -45.60 3.47
CA LYS A 219 -12.53 -44.55 4.41
C LYS A 219 -13.03 -43.18 3.96
N LEU A 220 -13.35 -42.32 4.93
CA LEU A 220 -13.94 -41.01 4.65
C LEU A 220 -12.90 -39.88 4.52
N TRP A 221 -12.93 -39.23 3.37
CA TRP A 221 -12.08 -38.09 3.05
C TRP A 221 -12.88 -36.77 3.06
N VAL A 222 -12.35 -35.77 3.76
CA VAL A 222 -12.95 -34.45 3.76
C VAL A 222 -12.07 -33.44 3.04
N ARG A 223 -12.55 -32.96 1.89
CA ARG A 223 -11.80 -32.02 1.07
C ARG A 223 -12.39 -30.62 1.18
N PRO A 224 -11.53 -29.61 1.40
CA PRO A 224 -11.95 -28.20 1.45
C PRO A 224 -12.57 -27.74 0.14
N SER A 225 -13.46 -26.75 0.22
CA SER A 225 -14.15 -26.25 -0.96
C SER A 225 -14.51 -24.77 -0.86
N VAL A 226 -14.64 -24.14 -2.03
CA VAL A 226 -15.05 -22.75 -2.12
C VAL A 226 -16.56 -22.60 -2.19
N GLU A 227 -17.27 -23.70 -2.44
CA GLU A 227 -18.73 -23.71 -2.47
C GLU A 227 -19.32 -23.17 -1.17
N ASN A 228 -20.27 -22.23 -1.29
CA ASN A 228 -20.84 -21.61 -0.10
C ASN A 228 -22.37 -21.46 -0.13
N ARG A 229 -22.92 -21.01 1.00
CA ARG A 229 -24.34 -20.70 1.11
C ARG A 229 -24.48 -19.36 1.83
N GLY A 230 -25.36 -18.50 1.30
CA GLY A 230 -25.59 -17.20 1.89
C GLY A 230 -26.95 -16.61 1.57
N ILE A 231 -27.35 -15.58 2.31
CA ILE A 231 -28.59 -14.88 2.06
C ILE A 231 -28.33 -13.47 1.53
N VAL A 232 -28.96 -13.11 0.42
CA VAL A 232 -28.77 -11.78 -0.14
C VAL A 232 -29.98 -10.90 0.18
N PHE A 233 -29.70 -9.69 0.69
CA PHE A 233 -30.72 -8.71 1.06
C PHE A 233 -30.89 -7.61 0.03
N PRO A 234 -32.13 -7.18 -0.22
CA PRO A 234 -32.34 -5.92 -0.93
C PRO A 234 -31.85 -4.75 -0.08
N THR A 235 -31.00 -3.89 -0.65
CA THR A 235 -30.38 -2.82 0.12
C THR A 235 -31.10 -1.49 -0.07
N THR A 236 -32.13 -1.46 -0.92
CA THR A 236 -32.85 -0.23 -1.21
C THR A 236 -34.32 -0.33 -0.82
N PRO A 237 -34.96 0.82 -0.51
CA PRO A 237 -36.39 0.80 -0.21
C PRO A 237 -37.24 0.38 -1.40
N ALA A 238 -38.46 -0.06 -1.15
CA ALA A 238 -39.35 -0.51 -2.22
C ALA A 238 -39.89 0.65 -3.04
N GLY A 239 -40.57 0.35 -4.14
CA GLY A 239 -41.25 1.37 -4.92
C GLY A 239 -40.86 1.46 -6.38
N LYS A 240 -39.66 0.99 -6.70
CA LYS A 240 -39.20 0.97 -8.09
C LYS A 240 -39.30 -0.43 -8.70
N LYS A 241 -39.16 -0.52 -10.02
CA LYS A 241 -39.18 -1.82 -10.72
C LYS A 241 -38.13 -1.89 -11.81
N ASP A 242 -37.62 -3.09 -12.10
CA ASP A 242 -36.58 -3.25 -13.12
C ASP A 242 -37.18 -3.40 -14.51
N ALA A 243 -36.32 -3.72 -15.47
CA ALA A 243 -36.70 -3.82 -16.88
C ALA A 243 -37.68 -4.95 -17.16
N HIS A 244 -37.76 -5.92 -16.25
CA HIS A 244 -38.65 -7.06 -16.47
C HIS A 244 -40.00 -6.84 -15.81
N GLY A 245 -40.14 -5.71 -15.13
CA GLY A 245 -41.35 -5.40 -14.41
C GLY A 245 -41.37 -6.05 -13.04
N TYR A 246 -40.22 -6.52 -12.59
CA TYR A 246 -40.10 -7.11 -11.25
C TYR A 246 -39.91 -6.02 -10.21
N PRO A 247 -40.58 -6.15 -9.06
CA PRO A 247 -40.45 -5.15 -7.99
C PRO A 247 -39.04 -5.15 -7.38
N ILE A 248 -38.50 -3.96 -7.11
CA ILE A 248 -37.17 -3.83 -6.52
C ILE A 248 -37.24 -3.19 -5.14
N GLY A 249 -36.64 -3.83 -4.15
CA GLY A 249 -36.52 -3.23 -2.83
C GLY A 249 -37.39 -3.87 -1.77
N ASN A 250 -37.01 -3.69 -0.52
CA ASN A 250 -37.74 -4.22 0.62
C ASN A 250 -37.62 -3.22 1.76
N ASP A 251 -38.75 -2.73 2.25
CA ASP A 251 -38.74 -1.63 3.21
C ASP A 251 -38.09 -2.04 4.54
N VAL A 252 -38.08 -3.34 4.81
CA VAL A 252 -37.48 -3.85 6.04
C VAL A 252 -35.97 -4.07 5.94
N THR A 253 -35.55 -4.83 4.92
CA THR A 253 -34.15 -5.20 4.79
C THR A 253 -33.28 -4.08 4.25
N ALA A 254 -33.90 -2.99 3.83
CA ALA A 254 -33.14 -1.81 3.41
C ALA A 254 -32.37 -1.19 4.59
N ASP A 255 -32.86 -1.40 5.81
CA ASP A 255 -32.22 -0.89 7.03
C ASP A 255 -31.05 -1.78 7.42
N VAL A 256 -29.86 -1.17 7.52
CA VAL A 256 -28.63 -1.92 7.75
C VAL A 256 -28.64 -2.67 9.08
N ALA A 257 -29.40 -2.14 10.04
CA ALA A 257 -29.51 -2.73 11.37
C ALA A 257 -30.13 -4.12 11.31
N ILE A 258 -31.07 -4.30 10.38
CA ILE A 258 -31.70 -5.59 10.17
C ILE A 258 -30.68 -6.61 9.67
N ARG A 259 -29.89 -6.21 8.68
CA ARG A 259 -28.90 -7.09 8.08
C ARG A 259 -27.78 -7.46 9.06
N ARG A 260 -27.28 -6.47 9.80
CA ARG A 260 -26.27 -6.74 10.83
C ARG A 260 -26.82 -7.65 11.92
N ALA A 261 -28.04 -7.36 12.36
CA ALA A 261 -28.66 -8.14 13.42
C ALA A 261 -28.82 -9.60 13.01
N ILE A 262 -29.33 -9.82 11.80
CA ILE A 262 -29.45 -11.17 11.27
C ILE A 262 -28.07 -11.84 11.19
N ASN A 263 -27.07 -11.09 10.77
CA ASN A 263 -25.69 -11.59 10.75
C ASN A 263 -25.20 -12.07 12.12
N TYR A 264 -25.57 -11.37 13.18
CA TYR A 264 -25.09 -11.72 14.52
C TYR A 264 -25.94 -12.78 15.21
N ALA A 265 -27.23 -12.85 14.86
CA ALA A 265 -28.15 -13.74 15.55
C ALA A 265 -27.94 -15.19 15.16
N ILE A 266 -27.62 -15.40 13.88
CA ILE A 266 -27.42 -16.74 13.36
C ILE A 266 -26.18 -17.39 13.97
N ASN A 267 -26.32 -18.65 14.39
CA ASN A 267 -25.20 -19.43 14.86
C ASN A 267 -24.75 -20.44 13.80
N ARG A 268 -23.66 -20.10 13.12
CA ARG A 268 -23.23 -20.82 11.94
C ARG A 268 -22.67 -22.19 12.26
N GLN A 269 -22.02 -22.31 13.41
CA GLN A 269 -21.47 -23.60 13.82
C GLN A 269 -22.61 -24.61 13.98
N LEU A 270 -23.74 -24.14 14.51
CA LEU A 270 -24.89 -25.00 14.72
C LEU A 270 -25.48 -25.43 13.39
N LEU A 271 -25.45 -24.52 12.41
CA LEU A 271 -25.87 -24.84 11.06
C LEU A 271 -25.01 -25.95 10.48
N ALA A 272 -23.69 -25.78 10.60
CA ALA A 272 -22.73 -26.76 10.09
C ALA A 272 -22.94 -28.13 10.71
N ASP A 273 -23.10 -28.17 12.03
CA ASP A 273 -23.23 -29.43 12.75
C ASP A 273 -24.57 -30.12 12.50
N GLN A 274 -25.66 -29.35 12.47
CA GLN A 274 -26.98 -29.96 12.35
C GLN A 274 -27.34 -30.31 10.91
N ILE A 275 -27.14 -29.37 9.99
CA ILE A 275 -27.52 -29.63 8.60
C ILE A 275 -26.42 -30.33 7.81
N MET A 276 -25.18 -29.90 7.97
CA MET A 276 -24.11 -30.43 7.13
C MET A 276 -23.27 -31.51 7.82
N GLU A 277 -23.74 -31.94 8.98
CA GLU A 277 -23.09 -33.01 9.74
C GLU A 277 -21.65 -32.66 10.10
N GLY A 278 -21.40 -31.36 10.32
CA GLY A 278 -20.10 -30.87 10.72
C GLY A 278 -19.06 -30.81 9.61
N HIS A 279 -19.49 -31.15 8.39
CA HIS A 279 -18.63 -31.14 7.22
C HIS A 279 -18.72 -29.81 6.47
N ALA A 280 -18.98 -28.75 7.22
CA ALA A 280 -19.00 -27.39 6.68
C ALA A 280 -18.20 -26.48 7.61
N ILE A 281 -17.85 -25.31 7.11
CA ILE A 281 -17.14 -24.33 7.92
C ILE A 281 -17.93 -23.03 7.96
N PRO A 282 -17.94 -22.35 9.12
CA PRO A 282 -18.60 -21.04 9.18
C PRO A 282 -18.00 -20.07 8.18
N ALA A 283 -18.86 -19.35 7.47
CA ALA A 283 -18.40 -18.37 6.49
C ALA A 283 -19.03 -17.03 6.79
N TYR A 284 -18.20 -16.01 6.92
CA TYR A 284 -18.68 -14.66 7.20
C TYR A 284 -18.59 -13.79 5.94
N THR A 285 -17.91 -14.30 4.93
CA THR A 285 -17.82 -13.64 3.64
C THR A 285 -18.07 -14.65 2.53
N GLY A 286 -18.20 -14.16 1.31
CA GLY A 286 -18.37 -15.02 0.15
C GLY A 286 -17.05 -15.60 -0.33
N VAL A 287 -15.96 -15.12 0.26
CA VAL A 287 -14.62 -15.56 -0.10
C VAL A 287 -13.86 -16.20 1.06
N GLN A 288 -14.60 -16.77 2.01
CA GLN A 288 -14.00 -17.38 3.19
C GLN A 288 -12.93 -18.42 2.82
N GLY A 289 -11.76 -18.33 3.47
CA GLY A 289 -10.70 -19.28 3.25
C GLY A 289 -9.77 -18.95 2.10
N LEU A 290 -9.93 -17.75 1.54
CA LEU A 290 -9.14 -17.33 0.39
C LEU A 290 -8.21 -16.17 0.76
N PRO A 291 -7.09 -16.01 0.03
CA PRO A 291 -6.12 -14.95 0.34
C PRO A 291 -6.73 -13.55 0.25
N TRP A 292 -7.75 -13.38 -0.57
CA TRP A 292 -8.36 -12.07 -0.78
C TRP A 292 -9.52 -11.80 0.18
N ASN A 293 -9.70 -12.70 1.14
CA ASN A 293 -10.64 -12.46 2.22
C ASN A 293 -9.99 -11.48 3.18
N ASN A 294 -10.79 -10.53 3.68
CA ASN A 294 -10.35 -9.59 4.70
C ASN A 294 -10.06 -10.35 5.99
N PRO A 295 -8.83 -10.21 6.51
CA PRO A 295 -8.42 -10.98 7.70
C PRO A 295 -9.18 -10.59 8.97
N ASP A 296 -9.83 -9.43 8.96
CA ASP A 296 -10.55 -8.94 10.13
C ASP A 296 -12.06 -9.07 9.95
N SER A 297 -12.47 -9.92 9.01
CA SER A 297 -13.87 -9.99 8.61
C SER A 297 -14.73 -10.92 9.49
N ALA A 298 -14.08 -11.81 10.25
CA ALA A 298 -14.82 -12.78 11.05
C ALA A 298 -15.46 -12.14 12.29
N ILE A 299 -16.55 -12.74 12.77
CA ILE A 299 -17.21 -12.30 14.00
C ILE A 299 -17.57 -13.48 14.90
N LYS A 300 -17.89 -13.18 16.16
CA LYS A 300 -18.45 -14.18 17.06
C LYS A 300 -19.98 -14.13 17.06
N ASP A 301 -20.57 -15.13 16.41
CA ASP A 301 -22.00 -15.16 16.11
C ASP A 301 -22.80 -15.95 17.15
N GLY A 302 -24.08 -16.13 16.86
CA GLY A 302 -25.00 -16.76 17.79
C GLY A 302 -25.22 -15.91 19.02
N ASP A 303 -25.12 -14.60 18.84
CA ASP A 303 -25.27 -13.65 19.93
C ASP A 303 -26.60 -12.93 19.85
N ILE A 304 -27.63 -13.51 20.46
CA ILE A 304 -28.97 -12.92 20.45
C ILE A 304 -28.96 -11.52 21.06
N ASP A 305 -28.24 -11.37 22.17
CA ASP A 305 -28.14 -10.09 22.87
C ASP A 305 -27.54 -9.00 22.00
N LYS A 306 -26.47 -9.31 21.28
CA LYS A 306 -25.83 -8.34 20.40
C LYS A 306 -26.79 -7.90 19.31
N ALA A 307 -27.48 -8.87 18.72
CA ALA A 307 -28.48 -8.60 17.69
C ALA A 307 -29.58 -7.66 18.21
N LYS A 308 -30.10 -7.98 19.39
CA LYS A 308 -31.13 -7.18 20.01
C LYS A 308 -30.62 -5.77 20.31
N GLN A 309 -29.36 -5.65 20.72
CA GLN A 309 -28.73 -4.35 20.95
C GLN A 309 -28.66 -3.50 19.69
N ILE A 310 -28.20 -4.12 18.60
CA ILE A 310 -28.11 -3.47 17.31
C ILE A 310 -29.48 -2.99 16.85
N LEU A 311 -30.49 -3.84 17.02
CA LEU A 311 -31.85 -3.51 16.63
C LEU A 311 -32.44 -2.39 17.47
N GLU A 312 -32.17 -2.40 18.78
CA GLU A 312 -32.71 -1.40 19.69
C GLU A 312 -32.09 -0.03 19.41
N GLN A 313 -30.77 0.01 19.22
CA GLN A 313 -30.06 1.25 18.98
C GLN A 313 -30.50 1.95 17.69
N ALA A 314 -31.10 1.20 16.77
CA ALA A 314 -31.51 1.77 15.49
C ALA A 314 -32.99 2.06 15.42
N GLY A 315 -33.71 1.82 16.52
CA GLY A 315 -35.12 2.17 16.58
C GLY A 315 -36.10 1.05 16.27
N TRP A 316 -35.61 -0.19 16.24
CA TRP A 316 -36.50 -1.32 16.03
C TRP A 316 -36.96 -1.87 17.37
N GLN A 317 -38.22 -1.61 17.71
CA GLN A 317 -38.71 -1.90 19.04
C GLN A 317 -39.75 -3.02 19.04
N LEU A 318 -39.81 -3.77 20.15
CA LEU A 318 -40.74 -4.88 20.27
C LEU A 318 -42.18 -4.39 20.39
N ASN A 319 -43.04 -4.83 19.48
CA ASN A 319 -44.45 -4.49 19.56
C ASN A 319 -45.19 -5.41 20.55
N SER A 320 -46.52 -5.33 20.53
CA SER A 320 -47.34 -6.14 21.42
C SER A 320 -47.34 -7.60 20.99
N GLN A 321 -47.15 -7.83 19.69
CA GLN A 321 -47.12 -9.20 19.15
C GLN A 321 -45.76 -9.86 19.37
N GLY A 322 -44.83 -9.14 19.97
CA GLY A 322 -43.49 -9.66 20.21
C GLY A 322 -42.62 -9.62 18.96
N THR A 323 -43.05 -8.85 17.97
CA THR A 323 -42.31 -8.70 16.73
C THR A 323 -41.70 -7.30 16.65
N ARG A 324 -40.49 -7.19 16.10
CA ARG A 324 -39.83 -5.90 15.97
C ARG A 324 -40.64 -4.95 15.09
N GLU A 325 -40.58 -3.65 15.39
CA GLU A 325 -41.32 -2.65 14.64
C GLU A 325 -40.58 -1.30 14.63
N LYS A 326 -40.60 -0.62 13.49
CA LYS A 326 -39.95 0.67 13.35
C LYS A 326 -40.81 1.63 12.55
N ASN A 327 -41.18 2.76 13.16
CA ASN A 327 -42.05 3.76 12.54
C ASN A 327 -43.34 3.16 11.96
N GLY A 328 -43.95 2.23 12.70
CA GLY A 328 -45.20 1.62 12.29
C GLY A 328 -45.02 0.46 11.33
N LEU A 329 -43.76 0.16 11.00
CA LEU A 329 -43.46 -0.93 10.06
C LEU A 329 -42.87 -2.12 10.82
N PRO A 330 -43.58 -3.26 10.78
CA PRO A 330 -43.13 -4.47 11.47
C PRO A 330 -42.10 -5.26 10.66
N ALA A 331 -41.15 -5.89 11.36
CA ALA A 331 -40.13 -6.69 10.70
C ALA A 331 -40.66 -8.06 10.32
N LYS A 332 -41.40 -8.12 9.22
CA LYS A 332 -41.92 -9.38 8.70
C LYS A 332 -41.38 -9.53 7.28
N ILE A 333 -40.54 -10.54 7.06
CA ILE A 333 -39.89 -10.69 5.77
C ILE A 333 -39.99 -12.10 5.22
N THR A 334 -39.94 -12.23 3.90
CA THR A 334 -40.04 -13.53 3.26
C THR A 334 -38.71 -13.98 2.69
N LEU A 335 -38.30 -15.18 3.06
CA LEU A 335 -37.07 -15.78 2.55
C LEU A 335 -37.41 -16.72 1.40
N TRP A 336 -36.85 -16.43 0.23
CA TRP A 336 -37.09 -17.25 -0.95
C TRP A 336 -35.95 -18.24 -1.19
N TYR A 337 -36.30 -19.42 -1.68
CA TYR A 337 -35.29 -20.40 -2.06
C TYR A 337 -35.77 -21.32 -3.17
N THR A 338 -34.83 -22.06 -3.77
CA THR A 338 -35.16 -22.96 -4.86
C THR A 338 -35.65 -24.29 -4.34
N SER A 339 -36.72 -24.79 -4.96
CA SER A 339 -37.31 -26.08 -4.58
C SER A 339 -36.49 -27.24 -5.14
N GLY A 340 -36.86 -28.45 -4.72
CA GLY A 340 -36.18 -29.64 -5.22
C GLY A 340 -35.02 -30.07 -4.35
N ASP A 341 -34.88 -29.43 -3.20
CA ASP A 341 -33.81 -29.79 -2.28
C ASP A 341 -34.30 -29.74 -0.84
N THR A 342 -34.24 -30.89 -0.16
CA THR A 342 -34.67 -30.97 1.22
C THR A 342 -33.72 -30.20 2.15
N THR A 343 -32.44 -30.19 1.79
CA THR A 343 -31.42 -29.55 2.61
C THR A 343 -31.51 -28.03 2.59
N ARG A 344 -31.81 -27.48 1.42
CA ARG A 344 -31.96 -26.02 1.29
C ARG A 344 -33.11 -25.55 2.17
N ARG A 345 -34.21 -26.30 2.12
CA ARG A 345 -35.39 -26.01 2.94
C ARG A 345 -35.09 -26.17 4.41
N ASP A 346 -34.39 -27.25 4.77
CA ASP A 346 -34.02 -27.48 6.16
C ASP A 346 -33.21 -26.29 6.68
N LEU A 347 -32.35 -25.78 5.81
CA LEU A 347 -31.51 -24.63 6.14
C LEU A 347 -32.36 -23.38 6.34
N ALA A 348 -33.33 -23.19 5.43
CA ALA A 348 -34.25 -22.05 5.51
C ALA A 348 -35.10 -22.03 6.79
N GLN A 349 -35.75 -23.16 7.09
CA GLN A 349 -36.58 -23.30 8.28
C GLN A 349 -35.75 -23.11 9.53
N ALA A 350 -34.55 -23.67 9.52
CA ALA A 350 -33.64 -23.50 10.65
C ALA A 350 -33.37 -22.00 10.83
N LEU A 351 -33.20 -21.29 9.73
CA LEU A 351 -32.94 -19.85 9.81
C LEU A 351 -34.14 -19.08 10.38
N ARG A 352 -35.35 -19.44 9.95
CA ARG A 352 -36.56 -18.85 10.52
C ARG A 352 -36.58 -19.02 12.04
N SER A 353 -36.32 -20.25 12.45
CA SER A 353 -36.31 -20.60 13.87
C SER A 353 -35.26 -19.82 14.63
N MET A 354 -34.13 -19.55 13.98
CA MET A 354 -33.03 -18.82 14.61
C MET A 354 -33.29 -17.31 14.67
N LEU A 355 -34.15 -16.83 13.79
CA LEU A 355 -34.48 -15.40 13.77
C LEU A 355 -35.70 -15.08 14.63
N LYS A 356 -36.48 -16.09 14.97
CA LYS A 356 -37.60 -15.89 15.90
C LYS A 356 -37.25 -15.20 17.23
N PRO A 357 -36.13 -15.60 17.90
CA PRO A 357 -35.83 -14.99 19.20
C PRO A 357 -35.59 -13.48 19.19
N ILE A 358 -35.16 -12.91 18.07
CA ILE A 358 -34.86 -11.48 18.03
C ILE A 358 -36.02 -10.67 17.48
N GLY A 359 -37.15 -11.33 17.23
CA GLY A 359 -38.37 -10.66 16.85
C GLY A 359 -38.52 -10.39 15.37
N ILE A 360 -37.78 -11.12 14.55
CA ILE A 360 -37.95 -11.03 13.11
C ILE A 360 -38.78 -12.21 12.65
N ASP A 361 -39.92 -11.93 12.02
CA ASP A 361 -40.80 -13.01 11.58
C ASP A 361 -40.51 -13.32 10.12
N VAL A 362 -39.98 -14.52 9.89
CA VAL A 362 -39.58 -14.92 8.55
C VAL A 362 -40.54 -15.95 7.96
N ASP A 363 -41.25 -15.53 6.93
CA ASP A 363 -42.06 -16.43 6.13
C ASP A 363 -41.12 -17.09 5.13
N LEU A 364 -41.44 -18.29 4.68
CA LEU A 364 -40.59 -18.98 3.72
C LEU A 364 -41.35 -19.33 2.45
N LYS A 365 -40.74 -19.06 1.30
CA LYS A 365 -41.32 -19.46 0.03
C LYS A 365 -40.28 -20.11 -0.87
N SER A 366 -40.71 -21.14 -1.59
CA SER A 366 -39.82 -21.86 -2.48
C SER A 366 -40.39 -21.88 -3.89
N GLY A 367 -39.52 -22.05 -4.87
CA GLY A 367 -39.98 -22.17 -6.24
C GLY A 367 -38.88 -22.57 -7.20
N SER A 368 -39.22 -22.61 -8.49
CA SER A 368 -38.23 -22.82 -9.55
C SER A 368 -37.43 -21.53 -9.75
N TRP A 369 -36.26 -21.65 -10.36
CA TRP A 369 -35.42 -20.48 -10.61
C TRP A 369 -36.21 -19.37 -11.29
N GLU A 370 -37.04 -19.74 -12.27
CA GLU A 370 -37.90 -18.79 -12.96
C GLU A 370 -38.83 -18.05 -12.00
N THR A 371 -39.32 -18.74 -10.99
CA THR A 371 -40.21 -18.16 -9.99
C THR A 371 -39.45 -17.27 -9.02
N VAL A 372 -38.28 -17.74 -8.62
CA VAL A 372 -37.43 -17.00 -7.69
C VAL A 372 -36.98 -15.68 -8.30
N GLU A 373 -36.66 -15.72 -9.59
CA GLU A 373 -36.20 -14.54 -10.33
C GLU A 373 -37.10 -13.31 -10.17
N ARG A 374 -38.41 -13.56 -10.17
CA ARG A 374 -39.40 -12.49 -10.12
C ARG A 374 -39.43 -11.82 -8.75
N ASN A 375 -39.17 -12.60 -7.71
CA ASN A 375 -39.25 -12.12 -6.33
C ASN A 375 -37.87 -11.90 -5.73
N MET A 376 -36.84 -12.16 -6.52
CA MET A 376 -35.46 -12.21 -6.04
C MET A 376 -34.91 -10.83 -5.67
N HIS A 377 -35.55 -9.78 -6.19
CA HIS A 377 -35.10 -8.42 -5.95
C HIS A 377 -35.85 -7.70 -4.83
N ALA A 378 -36.98 -8.26 -4.41
CA ALA A 378 -37.80 -7.60 -3.39
C ALA A 378 -37.78 -8.35 -2.06
N ASN A 379 -37.12 -9.50 -2.05
CA ASN A 379 -37.07 -10.34 -0.85
C ASN A 379 -35.67 -10.91 -0.62
N PRO A 380 -35.34 -11.21 0.65
CA PRO A 380 -34.10 -11.93 0.95
C PRO A 380 -34.06 -13.27 0.24
N THR A 381 -32.91 -13.69 -0.27
CA THR A 381 -32.89 -14.91 -1.07
C THR A 381 -31.69 -15.80 -0.75
N LEU A 382 -31.94 -17.11 -0.70
CA LEU A 382 -30.90 -18.08 -0.41
C LEU A 382 -30.16 -18.51 -1.67
N PHE A 383 -28.85 -18.26 -1.69
CA PHE A 383 -28.00 -18.56 -2.84
C PHE A 383 -26.79 -19.42 -2.49
N GLY A 384 -26.37 -20.24 -3.44
CA GLY A 384 -25.09 -20.92 -3.36
C GLY A 384 -24.12 -20.43 -4.42
N TRP A 385 -22.89 -20.13 -4.01
CA TRP A 385 -21.88 -19.61 -4.93
C TRP A 385 -20.52 -20.22 -4.64
N GLY A 386 -19.47 -19.45 -4.88
CA GLY A 386 -18.11 -19.88 -4.59
C GLY A 386 -17.24 -19.99 -5.83
N SER A 387 -16.04 -19.42 -5.74
CA SER A 387 -15.14 -19.38 -6.89
C SER A 387 -13.70 -19.13 -6.43
N LEU A 388 -12.74 -19.66 -7.18
CA LEU A 388 -11.32 -19.43 -6.90
C LEU A 388 -10.84 -18.15 -7.57
N ASP A 389 -11.76 -17.48 -8.26
CA ASP A 389 -11.48 -16.21 -8.92
C ASP A 389 -12.03 -15.07 -8.05
N PRO A 390 -11.15 -14.12 -7.66
CA PRO A 390 -11.58 -12.99 -6.85
C PRO A 390 -12.63 -12.14 -7.56
N MET A 391 -12.76 -12.34 -8.86
CA MET A 391 -13.70 -11.57 -9.67
C MET A 391 -15.13 -11.69 -9.11
N GLU A 392 -15.41 -12.77 -8.40
CA GLU A 392 -16.73 -12.98 -7.83
C GLU A 392 -17.12 -11.83 -6.90
N LEU A 393 -16.14 -11.31 -6.18
CA LEU A 393 -16.36 -10.15 -5.30
C LEU A 393 -16.99 -9.04 -6.13
N TYR A 394 -16.41 -8.77 -7.28
CA TYR A 394 -16.94 -7.76 -8.20
C TYR A 394 -18.39 -8.09 -8.52
N HIS A 395 -18.64 -9.32 -8.96
CA HIS A 395 -19.98 -9.70 -9.37
C HIS A 395 -20.97 -9.54 -8.22
N HIS A 396 -20.49 -9.66 -6.99
CA HIS A 396 -21.39 -9.51 -5.86
C HIS A 396 -21.65 -8.04 -5.53
N TYR A 397 -20.61 -7.22 -5.63
CA TYR A 397 -20.63 -5.92 -4.96
C TYR A 397 -20.48 -4.71 -5.87
N SER A 398 -20.27 -4.92 -7.16
CA SER A 398 -20.16 -3.81 -8.09
C SER A 398 -21.53 -3.21 -8.38
N SER A 399 -21.58 -1.87 -8.44
CA SER A 399 -22.80 -1.18 -8.79
C SER A 399 -23.16 -1.50 -10.24
N ASN A 400 -22.14 -1.82 -11.05
CA ASN A 400 -22.35 -2.19 -12.45
C ASN A 400 -23.03 -3.55 -12.59
N ALA A 401 -22.91 -4.39 -11.58
CA ALA A 401 -23.47 -5.75 -11.65
C ALA A 401 -24.89 -5.80 -11.10
N ALA A 402 -25.36 -4.68 -10.58
CA ALA A 402 -26.67 -4.62 -9.94
C ALA A 402 -27.75 -5.04 -10.92
N GLY A 403 -28.47 -6.10 -10.59
CA GLY A 403 -29.58 -6.54 -11.40
C GLY A 403 -29.14 -7.27 -12.64
N VAL A 404 -27.85 -7.56 -12.75
CA VAL A 404 -27.33 -8.27 -13.91
C VAL A 404 -27.44 -9.77 -13.72
N GLU A 405 -28.41 -10.35 -14.41
CA GLU A 405 -28.74 -11.77 -14.28
C GLU A 405 -29.00 -12.16 -12.83
N TYR A 406 -28.19 -13.06 -12.29
CA TYR A 406 -28.39 -13.51 -10.92
C TYR A 406 -27.44 -12.79 -9.96
N TYR A 407 -26.62 -11.91 -10.51
CA TYR A 407 -25.65 -11.16 -9.70
C TYR A 407 -26.24 -9.90 -9.07
N ASN A 408 -25.76 -9.61 -7.87
CA ASN A 408 -26.17 -8.44 -7.10
C ASN A 408 -27.66 -8.09 -7.20
N PRO A 409 -28.54 -9.03 -6.82
CA PRO A 409 -29.99 -8.83 -6.95
C PRO A 409 -30.55 -7.80 -5.97
N GLY A 410 -29.80 -7.49 -4.92
CA GLY A 410 -30.26 -6.55 -3.94
C GLY A 410 -29.90 -5.13 -4.28
N TYR A 411 -29.38 -4.94 -5.49
CA TYR A 411 -29.00 -3.61 -5.99
C TYR A 411 -28.11 -2.84 -5.01
N TYR A 412 -27.05 -3.50 -4.55
CA TYR A 412 -26.08 -2.87 -3.66
C TYR A 412 -25.19 -1.92 -4.43
N LYS A 413 -25.07 -0.69 -3.94
CA LYS A 413 -24.18 0.30 -4.54
C LYS A 413 -23.44 1.10 -3.48
N ASN A 414 -22.11 1.01 -3.53
CA ASN A 414 -21.26 1.77 -2.63
C ASN A 414 -20.06 2.24 -3.43
N PRO A 415 -19.99 3.55 -3.70
CA PRO A 415 -18.96 4.11 -4.59
C PRO A 415 -17.53 3.83 -4.11
N MET A 416 -17.30 3.81 -2.80
CA MET A 416 -15.96 3.51 -2.29
C MET A 416 -15.60 2.04 -2.53
N VAL A 417 -16.59 1.17 -2.35
CA VAL A 417 -16.43 -0.24 -2.65
C VAL A 417 -16.14 -0.41 -4.15
N ASP A 418 -16.84 0.36 -4.98
CA ASP A 418 -16.63 0.34 -6.43
C ASP A 418 -15.20 0.76 -6.76
N LYS A 419 -14.69 1.75 -6.02
CA LYS A 419 -13.32 2.22 -6.23
C LYS A 419 -12.30 1.14 -5.87
N HIS A 420 -12.52 0.46 -4.74
CA HIS A 420 -11.59 -0.59 -4.32
C HIS A 420 -11.62 -1.75 -5.31
N LEU A 421 -12.82 -2.07 -5.79
CA LEU A 421 -12.99 -3.10 -6.80
C LEU A 421 -12.22 -2.77 -8.08
N GLN A 422 -12.39 -1.55 -8.59
CA GLN A 422 -11.76 -1.18 -9.84
C GLN A 422 -10.24 -1.11 -9.69
N GLN A 423 -9.80 -0.60 -8.55
CA GLN A 423 -8.37 -0.62 -8.22
C GLN A 423 -7.84 -2.05 -8.24
N ALA A 424 -8.64 -2.98 -7.72
CA ALA A 424 -8.23 -4.37 -7.66
C ALA A 424 -8.10 -4.99 -9.05
N LEU A 425 -9.06 -4.68 -9.92
CA LEU A 425 -9.04 -5.22 -11.28
C LEU A 425 -7.88 -4.63 -12.08
N ASP A 426 -7.58 -3.36 -11.84
CA ASP A 426 -6.60 -2.65 -12.66
C ASP A 426 -5.17 -2.90 -12.19
N ALA A 427 -5.01 -3.60 -11.08
CA ALA A 427 -3.68 -3.88 -10.56
C ALA A 427 -2.89 -4.71 -11.57
N PRO A 428 -1.59 -4.39 -11.70
CA PRO A 428 -0.75 -5.06 -12.71
C PRO A 428 -0.56 -6.55 -12.43
N THR A 429 -0.56 -6.94 -11.17
CA THR A 429 -0.42 -8.36 -10.81
C THR A 429 -1.49 -8.72 -9.80
N TRP A 430 -1.82 -10.01 -9.70
CA TRP A 430 -2.86 -10.42 -8.77
C TRP A 430 -2.41 -10.22 -7.32
N GLN A 431 -1.11 -10.36 -7.10
CA GLN A 431 -0.53 -10.17 -5.77
C GLN A 431 -0.80 -8.76 -5.25
N GLN A 432 -0.59 -7.78 -6.13
CA GLN A 432 -0.84 -6.38 -5.80
C GLN A 432 -2.33 -6.09 -5.71
N ALA A 433 -3.12 -6.91 -6.40
CA ALA A 433 -4.56 -6.78 -6.40
C ALA A 433 -5.17 -7.20 -5.08
N VAL A 434 -4.59 -8.22 -4.45
CA VAL A 434 -5.13 -8.80 -3.22
C VAL A 434 -5.49 -7.78 -2.11
N PRO A 435 -4.60 -6.82 -1.81
CA PRO A 435 -4.97 -5.88 -0.74
C PRO A 435 -6.21 -5.04 -1.03
N PHE A 436 -6.47 -4.76 -2.31
CA PHE A 436 -7.66 -3.98 -2.66
C PHE A 436 -8.91 -4.84 -2.53
N TRP A 437 -8.79 -6.12 -2.88
CA TRP A 437 -9.91 -7.05 -2.74
C TRP A 437 -10.34 -7.12 -1.27
N GLN A 438 -9.36 -7.05 -0.38
CA GLN A 438 -9.66 -7.09 1.05
C GLN A 438 -10.38 -5.81 1.52
N GLN A 439 -10.13 -4.69 0.84
CA GLN A 439 -10.73 -3.41 1.22
C GLN A 439 -12.24 -3.38 0.98
N VAL A 440 -12.74 -4.35 0.22
CA VAL A 440 -14.15 -4.40 -0.13
C VAL A 440 -15.01 -4.68 1.09
N ASP A 441 -14.52 -5.56 1.98
CA ASP A 441 -15.23 -5.85 3.21
C ASP A 441 -15.26 -4.63 4.11
N TRP A 442 -14.10 -3.99 4.28
CA TRP A 442 -13.96 -2.86 5.20
C TRP A 442 -12.66 -2.10 4.93
N ASP A 443 -12.74 -0.79 4.73
CA ASP A 443 -11.54 0.01 4.47
C ASP A 443 -11.13 0.85 5.68
N GLY A 444 -11.83 0.66 6.80
CA GLY A 444 -11.60 1.45 8.00
C GLY A 444 -12.73 2.45 8.21
N THR A 445 -13.54 2.64 7.17
CA THR A 445 -14.64 3.60 7.22
C THR A 445 -15.95 3.02 6.71
N THR A 446 -15.92 2.37 5.56
CA THR A 446 -17.11 1.73 5.01
C THR A 446 -16.73 0.42 4.31
N GLY A 447 -17.72 -0.37 3.94
CA GLY A 447 -17.45 -1.63 3.27
C GLY A 447 -18.72 -2.43 3.08
N ALA A 448 -18.61 -3.54 2.35
CA ALA A 448 -19.78 -4.36 2.04
C ALA A 448 -20.01 -5.44 3.10
N GLY A 449 -19.06 -5.55 4.04
CA GLY A 449 -19.11 -6.60 5.03
C GLY A 449 -19.97 -6.24 6.24
N ILE A 450 -19.87 -7.04 7.28
CA ILE A 450 -20.71 -6.89 8.47
C ILE A 450 -20.41 -5.61 9.23
N ARG A 451 -19.14 -5.23 9.28
CA ARG A 451 -18.74 -3.97 9.89
C ARG A 451 -19.30 -2.76 9.12
N GLY A 452 -19.60 -2.98 7.84
CA GLY A 452 -20.08 -1.94 6.95
C GLY A 452 -21.55 -2.08 6.60
N ASP A 453 -21.88 -2.08 5.31
CA ASP A 453 -23.27 -2.09 4.87
C ASP A 453 -23.96 -3.44 5.02
N ALA A 454 -23.16 -4.50 5.17
CA ALA A 454 -23.67 -5.86 5.37
C ALA A 454 -24.69 -6.28 4.32
N ALA A 455 -24.26 -6.27 3.06
CA ALA A 455 -25.13 -6.61 1.93
C ALA A 455 -25.59 -8.07 1.96
N TRP A 456 -24.79 -8.93 2.58
CA TRP A 456 -25.11 -10.34 2.65
C TRP A 456 -25.15 -10.84 4.08
N ALA A 457 -25.85 -11.96 4.28
CA ALA A 457 -25.69 -12.77 5.46
C ALA A 457 -25.08 -14.09 5.03
N TRP A 458 -23.77 -14.14 4.97
CA TRP A 458 -23.10 -15.36 4.53
C TRP A 458 -23.20 -16.42 5.61
N LEU A 459 -23.51 -17.65 5.21
CA LEU A 459 -23.78 -18.71 6.17
C LEU A 459 -22.63 -19.68 6.25
N LEU A 460 -22.34 -20.38 5.15
CA LEU A 460 -21.40 -21.49 5.24
C LEU A 460 -20.49 -21.62 4.03
N ASN A 461 -19.33 -22.22 4.24
CA ASN A 461 -18.55 -22.81 3.15
C ASN A 461 -18.69 -24.32 3.25
N ILE A 462 -19.23 -24.95 2.22
CA ILE A 462 -19.45 -26.39 2.23
C ILE A 462 -18.14 -27.12 1.92
N GLN A 463 -17.87 -28.22 2.60
CA GLN A 463 -16.74 -29.08 2.23
C GLN A 463 -17.25 -30.34 1.55
N HIS A 464 -16.46 -30.87 0.61
CA HIS A 464 -16.89 -32.05 -0.13
C HIS A 464 -16.40 -33.32 0.54
N THR A 465 -17.23 -34.35 0.52
CA THR A 465 -16.96 -35.59 1.25
C THR A 465 -16.93 -36.79 0.30
N TYR A 466 -15.91 -37.62 0.45
CA TYR A 466 -15.72 -38.77 -0.41
C TYR A 466 -15.47 -40.05 0.38
N LEU A 467 -15.91 -41.18 -0.16
CA LEU A 467 -15.49 -42.48 0.38
C LEU A 467 -14.49 -43.10 -0.57
N ALA A 468 -13.40 -43.60 -0.03
CA ALA A 468 -12.34 -44.15 -0.87
C ALA A 468 -11.77 -45.44 -0.28
N ASN A 469 -11.46 -46.39 -1.15
CA ASN A 469 -10.80 -47.63 -0.75
C ASN A 469 -9.60 -47.31 0.14
N ASN A 470 -9.38 -48.11 1.17
CA ASN A 470 -8.36 -47.80 2.17
C ASN A 470 -6.95 -47.64 1.59
N CYS A 471 -6.68 -48.34 0.50
CA CYS A 471 -5.39 -48.25 -0.18
C CYS A 471 -5.30 -47.06 -1.14
N VAL A 472 -6.40 -46.30 -1.26
CA VAL A 472 -6.43 -45.14 -2.15
C VAL A 472 -6.13 -43.86 -1.38
N ASP A 473 -5.09 -43.16 -1.81
CA ASP A 473 -4.75 -41.84 -1.26
C ASP A 473 -5.08 -40.78 -2.29
N LEU A 474 -6.08 -39.96 -2.01
CA LEU A 474 -6.55 -38.95 -2.93
C LEU A 474 -5.63 -37.74 -2.92
N GLY A 475 -4.56 -37.83 -2.12
CA GLY A 475 -3.55 -36.79 -2.06
C GLY A 475 -4.10 -35.51 -1.50
N LYS A 476 -3.69 -34.39 -2.08
CA LYS A 476 -4.15 -33.09 -1.62
C LYS A 476 -4.18 -32.09 -2.76
N GLY A 477 -4.91 -31.00 -2.57
CA GLY A 477 -4.99 -29.96 -3.59
C GLY A 477 -5.67 -28.70 -3.11
N THR A 478 -5.91 -27.80 -4.05
CA THR A 478 -6.64 -26.56 -3.79
C THR A 478 -8.08 -26.88 -3.37
N PRO A 479 -8.76 -25.91 -2.73
CA PRO A 479 -10.19 -26.06 -2.48
C PRO A 479 -10.97 -26.40 -3.74
N GLU A 480 -11.90 -27.33 -3.60
CA GLU A 480 -12.67 -27.83 -4.73
C GLU A 480 -13.73 -26.83 -5.19
N ILE A 481 -13.94 -26.75 -6.51
CA ILE A 481 -14.91 -25.82 -7.09
C ILE A 481 -16.36 -26.19 -6.79
N HIS A 482 -17.27 -25.26 -7.02
CA HIS A 482 -18.69 -25.53 -6.90
C HIS A 482 -19.16 -26.13 -8.23
N GLY A 483 -19.10 -27.46 -8.32
CA GLY A 483 -19.41 -28.16 -9.56
C GLY A 483 -18.97 -29.61 -9.52
N SER A 484 -19.21 -30.33 -10.62
CA SER A 484 -18.89 -31.75 -10.70
C SER A 484 -17.40 -31.96 -10.99
N TRP A 485 -16.88 -33.13 -10.63
CA TRP A 485 -15.46 -33.49 -10.86
C TRP A 485 -14.45 -32.57 -10.21
N SER A 486 -14.82 -31.96 -9.08
CA SER A 486 -13.91 -31.04 -8.43
C SER A 486 -12.68 -31.79 -7.92
N LEU A 487 -12.88 -33.06 -7.53
CA LEU A 487 -11.82 -33.91 -7.01
C LEU A 487 -10.62 -34.00 -7.97
N LEU A 488 -10.88 -33.83 -9.27
CA LEU A 488 -9.86 -33.96 -10.29
C LEU A 488 -8.74 -32.95 -10.08
N ASN A 489 -9.01 -31.88 -9.33
CA ASN A 489 -7.99 -30.88 -9.06
C ASN A 489 -6.77 -31.47 -8.34
N SER A 490 -6.92 -32.67 -7.76
CA SER A 490 -5.80 -33.29 -7.07
C SER A 490 -5.29 -34.55 -7.77
N ILE A 491 -5.82 -34.84 -8.96
CA ILE A 491 -5.65 -36.16 -9.58
C ILE A 491 -4.20 -36.61 -9.78
N ASP A 492 -3.28 -35.66 -9.92
CA ASP A 492 -1.88 -36.01 -10.17
C ASP A 492 -1.17 -36.54 -8.93
N SER A 493 -1.72 -36.26 -7.75
CA SER A 493 -1.07 -36.64 -6.51
C SER A 493 -1.65 -37.92 -5.92
N TRP A 494 -2.53 -38.57 -6.67
CA TRP A 494 -3.14 -39.81 -6.19
C TRP A 494 -2.12 -40.93 -6.11
N LYS A 495 -2.14 -41.67 -5.00
CA LYS A 495 -1.20 -42.75 -4.79
C LYS A 495 -1.91 -44.02 -4.33
N TRP A 496 -1.19 -45.14 -4.35
CA TRP A 496 -1.68 -46.42 -3.90
C TRP A 496 -0.88 -46.89 -2.69
N THR A 497 -1.54 -47.02 -1.53
CA THR A 497 -0.86 -47.24 -0.26
C THR A 497 -0.44 -48.70 -0.05
N CYS A 498 -0.86 -49.59 -0.96
CA CYS A 498 -0.60 -51.01 -0.80
C CYS A 498 -0.10 -51.64 -2.09
N THR B 2 -28.80 3.40 -71.22
CA THR B 2 -28.40 4.47 -70.31
C THR B 2 -29.61 4.88 -69.50
N HIS B 3 -30.48 3.92 -69.31
CA HIS B 3 -31.69 4.10 -68.55
C HIS B 3 -31.45 4.20 -67.04
N THR B 4 -30.38 3.57 -66.57
CA THR B 4 -30.03 3.54 -65.14
C THR B 4 -28.79 4.33 -64.79
N LEU B 5 -28.48 4.38 -63.49
CA LEU B 5 -27.37 5.19 -62.98
C LEU B 5 -26.15 4.32 -62.64
N GLN B 6 -25.00 4.70 -63.17
CA GLN B 6 -23.75 3.99 -62.89
C GLN B 6 -22.82 4.79 -61.97
N LEU B 7 -22.26 4.12 -60.96
CA LEU B 7 -21.41 4.79 -59.98
C LEU B 7 -20.07 4.10 -59.76
N ALA B 8 -19.03 4.90 -59.58
CA ALA B 8 -17.72 4.42 -59.16
C ALA B 8 -17.29 5.19 -57.93
N ILE B 9 -17.69 4.72 -56.75
CA ILE B 9 -17.46 5.45 -55.52
C ILE B 9 -16.62 4.66 -54.53
N GLY B 10 -15.99 3.59 -55.02
CA GLY B 10 -15.15 2.75 -54.20
C GLY B 10 -14.89 1.45 -54.92
N ASP B 11 -14.09 0.59 -54.32
CA ASP B 11 -13.72 -0.66 -54.97
C ASP B 11 -14.52 -1.82 -54.38
N GLU B 12 -14.36 -2.98 -55.01
CA GLU B 12 -15.10 -4.20 -54.70
C GLU B 12 -15.20 -4.50 -53.19
N PRO B 13 -16.45 -4.68 -52.71
CA PRO B 13 -16.80 -5.09 -51.34
C PRO B 13 -16.25 -6.48 -51.02
N THR B 14 -15.07 -6.55 -50.41
CA THR B 14 -14.44 -7.84 -50.12
C THR B 14 -15.31 -8.76 -49.25
N GLU B 15 -15.20 -10.07 -49.51
CA GLU B 15 -15.88 -11.13 -48.77
C GLU B 15 -17.41 -11.11 -48.90
N GLY B 16 -18.02 -9.92 -48.90
CA GLY B 16 -19.46 -9.85 -49.09
C GLY B 16 -20.26 -8.89 -48.22
N PHE B 17 -21.56 -9.17 -48.12
CA PHE B 17 -22.49 -8.30 -47.40
C PHE B 17 -23.13 -9.01 -46.22
N ASP B 18 -22.39 -9.18 -45.13
CA ASP B 18 -22.93 -9.82 -43.94
C ASP B 18 -22.80 -8.92 -42.73
N PRO B 19 -23.93 -8.41 -42.22
CA PRO B 19 -23.95 -7.54 -41.03
C PRO B 19 -23.31 -8.19 -39.80
N MET B 20 -23.27 -9.52 -39.79
CA MET B 20 -22.61 -10.30 -38.74
C MET B 20 -21.09 -10.15 -38.77
N LEU B 21 -20.58 -9.46 -39.78
CA LEU B 21 -19.15 -9.25 -39.93
C LEU B 21 -18.79 -7.80 -39.61
N GLY B 22 -19.81 -7.00 -39.30
CA GLY B 22 -19.61 -5.64 -38.86
C GLY B 22 -19.98 -4.54 -39.84
N TRP B 23 -19.80 -3.31 -39.41
CA TRP B 23 -20.14 -2.14 -40.21
C TRP B 23 -18.89 -1.37 -40.65
N SER B 24 -17.73 -2.02 -40.65
CA SER B 24 -16.49 -1.37 -41.04
C SER B 24 -16.55 -0.87 -42.48
N HIS B 25 -17.24 -1.61 -43.34
CA HIS B 25 -17.45 -1.19 -44.72
C HIS B 25 -18.70 -0.30 -44.77
N GLY B 26 -18.88 0.42 -45.86
CA GLY B 26 -20.01 1.32 -45.98
C GLY B 26 -21.03 0.80 -46.97
N SER B 27 -20.63 -0.23 -47.72
CA SER B 27 -21.48 -0.78 -48.76
C SER B 27 -22.67 -1.52 -48.16
N TYR B 28 -22.55 -1.96 -46.91
CA TYR B 28 -23.61 -2.75 -46.31
C TYR B 28 -24.89 -1.92 -46.21
N LEU B 29 -24.74 -0.61 -46.05
CA LEU B 29 -25.89 0.30 -46.01
C LEU B 29 -26.74 0.27 -47.28
N LEU B 30 -26.18 -0.31 -48.34
CA LEU B 30 -26.90 -0.46 -49.59
C LEU B 30 -27.97 -1.54 -49.47
N LEU B 31 -27.63 -2.65 -48.83
CA LEU B 31 -28.52 -3.80 -48.80
C LEU B 31 -29.16 -4.00 -47.43
N HIS B 32 -28.58 -3.38 -46.41
CA HIS B 32 -29.00 -3.65 -45.03
C HIS B 32 -29.36 -2.37 -44.29
N SER B 33 -30.09 -2.54 -43.19
CA SER B 33 -30.50 -1.41 -42.38
C SER B 33 -30.41 -1.72 -40.88
N PRO B 34 -29.74 -0.84 -40.12
CA PRO B 34 -29.72 -0.99 -38.66
C PRO B 34 -31.06 -0.54 -38.08
N LEU B 35 -31.24 -0.68 -36.77
CA LEU B 35 -32.49 -0.28 -36.16
C LEU B 35 -32.64 1.24 -36.23
N LEU B 36 -31.51 1.93 -36.06
CA LEU B 36 -31.53 3.39 -36.02
C LEU B 36 -30.70 3.99 -37.13
N LYS B 37 -31.05 5.23 -37.47
CA LYS B 37 -30.38 6.00 -38.49
C LYS B 37 -30.13 7.40 -37.97
N GLN B 38 -28.87 7.81 -37.97
CA GLN B 38 -28.47 9.11 -37.44
C GLN B 38 -28.87 10.24 -38.37
N ASN B 39 -29.31 11.34 -37.79
CA ASN B 39 -29.64 12.53 -38.57
C ASN B 39 -28.42 13.41 -38.78
N GLU B 40 -28.56 14.39 -39.65
CA GLU B 40 -27.47 15.31 -39.94
C GLU B 40 -27.24 16.23 -38.74
N ASP B 41 -28.24 16.34 -37.87
CA ASP B 41 -28.10 17.13 -36.64
C ASP B 41 -27.66 16.25 -35.48
N PHE B 42 -27.30 15.00 -35.81
CA PHE B 42 -26.64 14.04 -34.90
C PHE B 42 -27.59 13.42 -33.87
N SER B 43 -28.86 13.80 -33.90
CA SER B 43 -29.89 13.07 -33.17
C SER B 43 -30.24 11.76 -33.91
N TRP B 44 -31.13 10.94 -33.36
CA TRP B 44 -31.41 9.65 -33.96
C TRP B 44 -32.85 9.45 -34.40
N ASP B 45 -33.04 9.08 -35.66
CA ASP B 45 -34.36 8.69 -36.15
C ASP B 45 -34.43 7.18 -36.27
N SER B 46 -35.63 6.65 -36.08
CA SER B 46 -35.85 5.20 -36.15
C SER B 46 -36.54 4.80 -37.45
N LEU B 47 -35.87 3.98 -38.24
CA LEU B 47 -36.46 3.46 -39.47
C LEU B 47 -37.29 2.19 -39.22
N LEU B 48 -36.79 1.30 -38.37
CA LEU B 48 -37.47 0.04 -38.10
C LEU B 48 -38.23 0.08 -36.77
N LEU B 49 -37.93 1.07 -35.94
CA LEU B 49 -38.51 1.15 -34.60
C LEU B 49 -39.55 2.25 -34.49
N SER B 50 -40.63 1.97 -33.79
CA SER B 50 -41.62 3.00 -33.47
C SER B 50 -41.24 3.72 -32.16
N GLN B 51 -40.59 3.00 -31.26
CA GLN B 51 -40.16 3.58 -29.99
C GLN B 51 -38.94 2.86 -29.42
N TYR B 52 -38.01 3.61 -28.84
CA TYR B 52 -36.82 3.03 -28.19
C TYR B 52 -36.40 3.89 -26.99
N GLN B 53 -36.19 3.23 -25.86
CA GLN B 53 -35.95 3.92 -24.58
C GLN B 53 -35.02 3.13 -23.67
N PRO B 54 -33.97 3.80 -23.17
CA PRO B 54 -33.07 3.20 -22.18
C PRO B 54 -33.66 3.27 -20.77
N SER B 55 -33.23 2.36 -19.90
CA SER B 55 -33.63 2.40 -18.50
C SER B 55 -32.88 3.49 -17.74
N ASP B 56 -33.30 3.73 -16.51
CA ASP B 56 -32.73 4.78 -15.67
C ASP B 56 -31.25 4.60 -15.40
N ASP B 57 -30.82 3.34 -15.27
CA ASP B 57 -29.42 3.02 -15.03
C ASP B 57 -28.62 2.95 -16.32
N GLY B 58 -29.34 2.91 -17.44
CA GLY B 58 -28.73 2.82 -18.75
C GLY B 58 -28.23 1.42 -19.07
N LYS B 59 -28.67 0.42 -18.30
CA LYS B 59 -28.22 -0.96 -18.48
C LYS B 59 -29.12 -1.81 -19.37
N THR B 60 -30.36 -1.36 -19.58
CA THR B 60 -31.26 -2.10 -20.48
C THR B 60 -31.94 -1.17 -21.47
N TRP B 61 -32.24 -1.71 -22.65
CA TRP B 61 -32.98 -0.95 -23.65
C TRP B 61 -34.30 -1.66 -23.96
N LEU B 62 -35.36 -0.89 -24.11
CA LEU B 62 -36.62 -1.44 -24.59
C LEU B 62 -36.89 -0.98 -26.03
N LEU B 63 -37.05 -1.94 -26.92
CA LEU B 63 -37.24 -1.64 -28.33
C LEU B 63 -38.61 -2.12 -28.82
N THR B 64 -39.36 -1.22 -29.44
CA THR B 64 -40.65 -1.57 -30.06
C THR B 64 -40.57 -1.40 -31.57
N LEU B 65 -40.84 -2.46 -32.32
CA LEU B 65 -40.77 -2.43 -33.78
C LEU B 65 -42.01 -1.84 -34.43
N LYS B 66 -41.85 -1.37 -35.66
CA LYS B 66 -42.99 -1.01 -36.48
C LYS B 66 -43.72 -2.26 -36.96
N PRO B 67 -45.06 -2.18 -37.09
CA PRO B 67 -45.85 -3.41 -37.22
C PRO B 67 -45.70 -4.20 -38.53
N ASP B 68 -45.64 -3.54 -39.67
CA ASP B 68 -45.83 -4.26 -40.92
C ASP B 68 -44.53 -4.54 -41.68
N LEU B 69 -43.41 -4.53 -40.97
CA LEU B 69 -42.10 -4.63 -41.60
C LEU B 69 -41.88 -5.93 -42.36
N LYS B 70 -41.12 -5.86 -43.45
CA LYS B 70 -40.75 -7.03 -44.23
C LYS B 70 -39.30 -6.93 -44.69
N PHE B 71 -38.70 -8.07 -45.02
CA PHE B 71 -37.35 -8.06 -45.57
C PHE B 71 -37.41 -7.83 -47.06
N SER B 72 -36.25 -7.90 -47.71
CA SER B 72 -36.17 -7.62 -49.14
C SER B 72 -36.81 -8.73 -49.97
N ASP B 73 -36.98 -9.91 -49.38
CA ASP B 73 -37.60 -11.02 -50.09
C ASP B 73 -39.07 -11.17 -49.71
N GLY B 74 -39.57 -10.22 -48.92
CA GLY B 74 -40.97 -10.21 -48.55
C GLY B 74 -41.28 -10.91 -47.25
N SER B 75 -40.35 -11.71 -46.75
CA SER B 75 -40.55 -12.39 -45.47
C SER B 75 -40.61 -11.34 -44.36
N PRO B 76 -41.41 -11.62 -43.30
CA PRO B 76 -41.65 -10.63 -42.25
C PRO B 76 -40.46 -10.42 -41.32
N LEU B 77 -40.31 -9.19 -40.84
CA LEU B 77 -39.24 -8.84 -39.91
C LEU B 77 -39.86 -8.56 -38.53
N THR B 78 -39.51 -9.37 -37.54
CA THR B 78 -40.07 -9.20 -36.19
C THR B 78 -39.00 -9.25 -35.11
N ALA B 79 -39.44 -9.16 -33.85
CA ALA B 79 -38.55 -9.16 -32.68
C ALA B 79 -37.57 -10.32 -32.68
N LYS B 80 -38.04 -11.49 -33.13
CA LYS B 80 -37.21 -12.69 -33.24
C LYS B 80 -35.93 -12.42 -34.03
N ASP B 81 -36.07 -11.63 -35.10
CA ASP B 81 -34.97 -11.38 -36.01
C ASP B 81 -33.97 -10.40 -35.40
N VAL B 82 -34.46 -9.40 -34.68
CA VAL B 82 -33.61 -8.44 -33.98
C VAL B 82 -32.81 -9.10 -32.85
N ALA B 83 -33.50 -9.86 -32.02
CA ALA B 83 -32.85 -10.56 -30.92
C ALA B 83 -31.82 -11.57 -31.43
N PHE B 84 -32.19 -12.30 -32.49
CA PHE B 84 -31.25 -13.25 -33.10
C PHE B 84 -30.02 -12.53 -33.64
N THR B 85 -30.26 -11.40 -34.28
CA THR B 85 -29.19 -10.62 -34.88
C THR B 85 -28.20 -10.20 -33.82
N TYR B 86 -28.69 -9.62 -32.72
CA TYR B 86 -27.78 -9.13 -31.69
C TYR B 86 -27.07 -10.26 -30.93
N ASN B 87 -27.83 -11.28 -30.56
CA ASN B 87 -27.27 -12.42 -29.83
C ASN B 87 -26.17 -13.11 -30.63
N ASN B 88 -26.40 -13.32 -31.92
CA ASN B 88 -25.43 -13.99 -32.77
C ASN B 88 -24.31 -13.10 -33.28
N ALA B 89 -24.56 -11.80 -33.39
CA ALA B 89 -23.49 -10.88 -33.74
C ALA B 89 -22.49 -10.93 -32.60
N ALA B 90 -23.01 -10.95 -31.37
CA ALA B 90 -22.14 -11.07 -30.21
C ALA B 90 -21.47 -12.46 -30.20
N ALA B 91 -22.25 -13.50 -30.47
CA ALA B 91 -21.75 -14.87 -30.38
C ALA B 91 -21.02 -15.35 -31.65
N SER B 92 -20.57 -14.42 -32.48
CA SER B 92 -19.83 -14.79 -33.68
C SER B 92 -18.41 -14.24 -33.63
N GLY B 93 -17.55 -14.80 -34.46
CA GLY B 93 -16.16 -14.37 -34.55
C GLY B 93 -15.96 -13.50 -35.77
N GLY B 94 -16.96 -12.68 -36.07
CA GLY B 94 -16.91 -11.78 -37.20
C GLY B 94 -16.19 -10.48 -36.85
N LYS B 95 -15.70 -10.41 -35.61
CA LYS B 95 -14.99 -9.24 -35.06
C LYS B 95 -15.90 -8.05 -34.72
N VAL B 96 -17.22 -8.24 -34.76
CA VAL B 96 -18.16 -7.17 -34.40
C VAL B 96 -18.00 -6.75 -32.94
N ASP B 97 -17.89 -5.45 -32.69
CA ASP B 97 -17.68 -4.94 -31.33
C ASP B 97 -19.00 -4.47 -30.70
N MET B 98 -19.56 -5.31 -29.84
CA MET B 98 -20.87 -5.05 -29.25
C MET B 98 -20.80 -4.31 -27.90
N GLY B 99 -19.59 -4.14 -27.39
CA GLY B 99 -19.39 -3.40 -26.16
C GLY B 99 -19.86 -4.15 -24.94
N ASN B 100 -20.71 -3.51 -24.15
CA ASN B 100 -21.18 -4.10 -22.90
C ASN B 100 -22.44 -4.94 -23.11
N PHE B 101 -22.71 -5.33 -24.34
CA PHE B 101 -23.91 -6.12 -24.63
C PHE B 101 -23.87 -7.46 -23.91
N LEU B 102 -24.95 -7.78 -23.21
CA LEU B 102 -25.08 -9.09 -22.58
C LEU B 102 -26.03 -9.98 -23.39
N SER B 103 -27.30 -9.57 -23.53
CA SER B 103 -28.27 -10.47 -24.20
C SER B 103 -29.53 -9.78 -24.71
N ALA B 104 -30.24 -10.43 -25.62
CA ALA B 104 -31.51 -9.91 -26.11
C ALA B 104 -32.66 -10.89 -25.86
N GLU B 105 -33.73 -10.38 -25.26
CA GLU B 105 -34.89 -11.20 -24.94
C GLU B 105 -36.10 -10.73 -25.72
N VAL B 106 -36.81 -11.66 -26.36
CA VAL B 106 -38.04 -11.31 -27.07
C VAL B 106 -39.24 -11.29 -26.12
N ILE B 107 -39.91 -10.14 -26.05
CA ILE B 107 -41.11 -9.99 -25.24
C ILE B 107 -42.37 -10.44 -26.00
N ASP B 108 -42.58 -9.85 -27.16
CA ASP B 108 -43.68 -10.20 -28.05
C ASP B 108 -43.20 -9.98 -29.50
N PRO B 109 -44.05 -10.24 -30.52
CA PRO B 109 -43.50 -10.11 -31.89
C PRO B 109 -42.91 -8.74 -32.26
N LEU B 110 -43.23 -7.69 -31.51
CA LEU B 110 -42.70 -6.36 -31.80
C LEU B 110 -41.82 -5.76 -30.71
N ASN B 111 -41.51 -6.52 -29.66
CA ASN B 111 -40.76 -5.95 -28.55
C ASN B 111 -39.54 -6.76 -28.16
N VAL B 112 -38.44 -6.07 -27.94
CA VAL B 112 -37.16 -6.70 -27.57
C VAL B 112 -36.55 -5.96 -26.40
N ARG B 113 -36.00 -6.71 -25.45
CA ARG B 113 -35.27 -6.12 -24.34
C ARG B 113 -33.80 -6.44 -24.46
N ILE B 114 -32.96 -5.40 -24.42
CA ILE B 114 -31.51 -5.59 -24.48
C ILE B 114 -30.90 -5.42 -23.09
N HIS B 115 -30.06 -6.37 -22.70
CA HIS B 115 -29.36 -6.35 -21.42
C HIS B 115 -27.89 -6.09 -21.68
N LEU B 116 -27.33 -5.17 -20.89
CA LEU B 116 -25.91 -4.85 -20.93
C LEU B 116 -25.21 -5.26 -19.65
N LYS B 117 -23.90 -5.46 -19.74
CA LYS B 117 -23.08 -5.80 -18.59
C LYS B 117 -23.02 -4.63 -17.60
N ALA B 118 -22.88 -3.43 -18.16
CA ALA B 118 -22.61 -2.23 -17.39
C ALA B 118 -23.13 -1.02 -18.17
N PRO B 119 -23.23 0.16 -17.52
CA PRO B 119 -23.69 1.33 -18.26
C PRO B 119 -22.81 1.63 -19.49
N GLN B 120 -23.45 1.97 -20.60
CA GLN B 120 -22.74 2.34 -21.82
C GLN B 120 -23.52 3.41 -22.58
N SER B 121 -23.04 4.65 -22.51
CA SER B 121 -23.70 5.76 -23.18
C SER B 121 -23.56 5.67 -24.69
N THR B 122 -22.55 4.94 -25.13
CA THR B 122 -22.23 4.83 -26.55
C THR B 122 -22.98 3.68 -27.24
N PHE B 123 -23.83 2.97 -26.50
CA PHE B 123 -24.53 1.83 -27.09
C PHE B 123 -25.51 2.23 -28.19
N VAL B 124 -25.98 3.47 -28.17
CA VAL B 124 -26.87 3.92 -29.23
C VAL B 124 -26.15 3.78 -30.57
N ASN B 125 -24.82 3.96 -30.55
CA ASN B 125 -24.05 3.85 -31.78
C ASN B 125 -24.05 2.43 -32.34
N VAL B 126 -24.23 1.44 -31.46
CA VAL B 126 -24.40 0.05 -31.90
C VAL B 126 -25.77 -0.13 -32.54
N LEU B 127 -26.78 0.53 -31.98
CA LEU B 127 -28.14 0.41 -32.52
C LEU B 127 -28.23 0.98 -33.93
N GLY B 128 -27.42 2.00 -34.21
CA GLY B 128 -27.43 2.64 -35.52
C GLY B 128 -26.35 2.12 -36.44
N SER B 129 -25.83 0.93 -36.16
CA SER B 129 -24.75 0.38 -36.96
C SER B 129 -24.98 -1.07 -37.38
N LEU B 130 -25.36 -1.92 -36.44
CA LEU B 130 -25.54 -3.35 -36.72
C LEU B 130 -26.81 -3.62 -37.53
N GLY B 131 -26.64 -4.07 -38.76
CA GLY B 131 -27.76 -4.35 -39.64
C GLY B 131 -28.52 -5.59 -39.26
N ILE B 132 -29.83 -5.56 -39.45
CA ILE B 132 -30.70 -6.67 -39.08
C ILE B 132 -30.76 -7.78 -40.14
N VAL B 133 -30.67 -9.03 -39.69
CA VAL B 133 -30.70 -10.20 -40.55
C VAL B 133 -31.89 -11.08 -40.18
N SER B 134 -32.34 -11.91 -41.12
CA SER B 134 -33.47 -12.82 -40.88
C SER B 134 -33.06 -14.04 -40.07
N ALA B 135 -33.71 -14.23 -38.93
CA ALA B 135 -33.38 -15.35 -38.04
C ALA B 135 -33.62 -16.67 -38.75
N ASP B 136 -34.77 -16.77 -39.40
CA ASP B 136 -35.15 -17.99 -40.08
C ASP B 136 -34.26 -18.25 -41.29
N LYS B 137 -33.90 -17.20 -42.03
CA LYS B 137 -33.22 -17.40 -43.32
C LYS B 137 -31.71 -17.12 -43.29
N TYR B 138 -31.09 -17.06 -42.11
CA TYR B 138 -29.66 -16.77 -42.06
C TYR B 138 -28.80 -18.04 -42.12
N ASN B 139 -27.90 -18.05 -43.09
CA ASN B 139 -26.84 -19.05 -43.17
C ASN B 139 -25.51 -18.38 -43.48
N ALA B 140 -24.50 -18.72 -42.68
CA ALA B 140 -23.20 -18.06 -42.78
C ALA B 140 -22.64 -18.11 -44.19
N LYS B 141 -22.63 -19.30 -44.79
CA LYS B 141 -22.07 -19.50 -46.13
C LYS B 141 -22.88 -18.86 -47.27
N THR B 142 -24.21 -18.96 -47.20
CA THR B 142 -25.07 -18.48 -48.28
C THR B 142 -25.39 -16.98 -48.25
N TYR B 143 -25.40 -16.38 -47.06
CA TYR B 143 -25.91 -15.02 -46.88
C TYR B 143 -25.01 -13.99 -47.56
N ALA B 144 -23.70 -14.17 -47.47
CA ALA B 144 -22.75 -13.30 -48.13
C ALA B 144 -22.97 -13.34 -49.64
N GLN B 145 -23.38 -14.51 -50.12
CA GLN B 145 -23.52 -14.78 -51.54
C GLN B 145 -24.78 -14.14 -52.14
N LYS B 146 -25.90 -14.24 -51.44
CA LYS B 146 -27.15 -13.61 -51.85
C LYS B 146 -27.87 -13.01 -50.64
N PRO B 147 -27.42 -11.85 -50.17
CA PRO B 147 -27.97 -11.37 -48.90
C PRO B 147 -29.45 -10.99 -48.95
N ILE B 148 -30.08 -11.11 -47.79
CA ILE B 148 -31.46 -10.70 -47.58
C ILE B 148 -31.41 -9.62 -46.52
N GLY B 149 -32.01 -8.48 -46.79
CA GLY B 149 -31.81 -7.35 -45.93
C GLY B 149 -33.01 -6.44 -45.81
N ALA B 150 -32.87 -5.41 -44.98
CA ALA B 150 -33.91 -4.42 -44.82
C ALA B 150 -33.48 -3.07 -45.42
N GLY B 151 -32.44 -3.11 -46.25
CA GLY B 151 -31.91 -1.90 -46.88
C GLY B 151 -32.76 -1.42 -48.04
N PRO B 152 -32.40 -0.23 -48.60
CA PRO B 152 -33.17 0.40 -49.68
C PRO B 152 -33.04 -0.35 -51.00
N TYR B 153 -32.01 -1.18 -51.12
CA TYR B 153 -31.78 -1.92 -52.35
C TYR B 153 -31.57 -3.40 -52.05
N ARG B 154 -31.71 -4.23 -53.08
CA ARG B 154 -31.47 -5.66 -52.95
C ARG B 154 -30.63 -6.16 -54.12
N LEU B 155 -29.79 -7.16 -53.85
CA LEU B 155 -28.84 -7.63 -54.85
C LEU B 155 -29.52 -8.26 -56.05
N VAL B 156 -29.07 -7.88 -57.25
CA VAL B 156 -29.54 -8.49 -58.49
C VAL B 156 -28.43 -9.34 -59.09
N SER B 157 -27.24 -8.77 -59.22
CA SER B 157 -26.11 -9.56 -59.70
C SER B 157 -24.78 -9.05 -59.15
N PHE B 158 -23.80 -9.94 -59.08
CA PHE B 158 -22.48 -9.56 -58.65
C PHE B 158 -21.42 -10.26 -59.50
N GLN B 159 -20.67 -9.46 -60.25
CA GLN B 159 -19.59 -9.97 -61.09
C GLN B 159 -18.26 -9.42 -60.59
N PRO B 160 -17.45 -10.30 -59.98
CA PRO B 160 -16.18 -9.98 -59.32
C PRO B 160 -15.20 -9.25 -60.24
N GLY B 161 -14.59 -8.20 -59.71
CA GLY B 161 -13.63 -7.39 -60.44
C GLY B 161 -14.21 -6.57 -61.58
N GLN B 162 -15.53 -6.60 -61.71
CA GLN B 162 -16.20 -5.86 -62.78
C GLN B 162 -17.27 -4.93 -62.22
N GLN B 163 -18.42 -5.49 -61.86
CA GLN B 163 -19.55 -4.67 -61.47
C GLN B 163 -20.54 -5.37 -60.54
N MET B 164 -21.45 -4.58 -59.98
CA MET B 164 -22.52 -5.09 -59.11
C MET B 164 -23.81 -4.36 -59.41
N ILE B 165 -24.87 -5.12 -59.68
CA ILE B 165 -26.16 -4.52 -60.00
C ILE B 165 -27.17 -4.77 -58.89
N VAL B 166 -27.81 -3.70 -58.44
CA VAL B 166 -28.84 -3.79 -57.40
C VAL B 166 -30.09 -3.05 -57.84
N GLU B 167 -31.22 -3.44 -57.27
CA GLU B 167 -32.49 -2.80 -57.58
C GLU B 167 -33.19 -2.32 -56.31
N ALA B 168 -34.12 -1.39 -56.47
CA ALA B 168 -34.86 -0.86 -55.33
C ALA B 168 -35.62 -1.96 -54.61
N ASN B 169 -35.56 -1.94 -53.28
CA ASN B 169 -36.28 -2.90 -52.44
C ASN B 169 -37.73 -2.47 -52.20
N PRO B 170 -38.68 -3.25 -52.72
CA PRO B 170 -40.10 -2.87 -52.62
C PRO B 170 -40.61 -2.85 -51.19
N TYR B 171 -39.95 -3.58 -50.29
CA TYR B 171 -40.42 -3.68 -48.91
C TYR B 171 -39.66 -2.74 -47.99
N TYR B 172 -38.85 -1.87 -48.59
CA TYR B 172 -38.08 -0.90 -47.83
C TYR B 172 -38.99 -0.04 -46.97
N ALA B 173 -38.62 0.12 -45.71
CA ALA B 173 -39.47 0.80 -44.74
C ALA B 173 -39.24 2.31 -44.76
N GLY B 174 -38.23 2.73 -45.51
CA GLY B 174 -37.87 4.14 -45.56
C GLY B 174 -38.37 4.86 -46.80
N ASN B 175 -37.70 5.96 -47.11
CA ASN B 175 -38.05 6.80 -48.25
C ASN B 175 -37.54 6.24 -49.58
N LYS B 176 -38.40 6.22 -50.58
CA LYS B 176 -38.00 5.79 -51.92
C LYS B 176 -37.30 6.93 -52.64
N ASN B 177 -36.20 6.64 -53.33
CA ASN B 177 -35.49 7.66 -54.10
C ASN B 177 -35.86 7.60 -55.58
N ASP B 178 -35.18 8.40 -56.40
CA ASP B 178 -35.55 8.55 -57.80
C ASP B 178 -34.89 7.51 -58.70
N PHE B 179 -34.20 6.55 -58.09
CA PHE B 179 -33.43 5.58 -58.85
C PHE B 179 -33.82 4.14 -58.51
N ASP B 180 -34.53 3.50 -59.44
CA ASP B 180 -35.03 2.15 -59.24
C ASP B 180 -33.91 1.11 -59.28
N LYS B 181 -32.85 1.44 -60.00
CA LYS B 181 -31.76 0.49 -60.26
C LYS B 181 -30.39 1.16 -60.27
N LEU B 182 -29.40 0.50 -59.70
CA LEU B 182 -28.05 1.04 -59.62
C LEU B 182 -27.02 0.01 -60.07
N ILE B 183 -26.00 0.50 -60.76
CA ILE B 183 -24.86 -0.32 -61.13
C ILE B 183 -23.59 0.31 -60.59
N PHE B 184 -22.83 -0.45 -59.82
CA PHE B 184 -21.58 0.03 -59.27
C PHE B 184 -20.45 -0.65 -60.00
N VAL B 185 -19.55 0.16 -60.57
CA VAL B 185 -18.43 -0.40 -61.29
C VAL B 185 -17.18 -0.31 -60.40
N PHE B 186 -16.35 -1.33 -60.49
CA PHE B 186 -15.16 -1.39 -59.66
C PHE B 186 -13.93 -1.07 -60.48
N LEU B 187 -13.45 0.16 -60.32
CA LEU B 187 -12.33 0.63 -61.11
C LEU B 187 -11.35 1.34 -60.18
N ASP B 188 -10.08 1.35 -60.56
CA ASP B 188 -9.10 2.14 -59.82
C ASP B 188 -9.36 3.61 -60.11
N GLU B 189 -8.91 4.45 -59.19
CA GLU B 189 -9.23 5.87 -59.16
C GLU B 189 -9.02 6.61 -60.49
N ASP B 190 -7.91 6.27 -61.16
CA ASP B 190 -7.50 6.97 -62.37
C ASP B 190 -8.37 6.62 -63.57
N SER B 191 -8.59 5.32 -63.78
CA SER B 191 -9.45 4.83 -64.84
C SER B 191 -10.87 5.26 -64.53
N ALA B 192 -11.17 5.41 -63.26
CA ALA B 192 -12.47 5.91 -62.83
C ALA B 192 -12.67 7.33 -63.37
N PHE B 193 -11.72 8.22 -63.09
CA PHE B 193 -11.81 9.59 -63.62
C PHE B 193 -11.87 9.60 -65.16
N ALA B 194 -11.06 8.75 -65.79
CA ALA B 194 -11.02 8.67 -67.26
C ALA B 194 -12.37 8.27 -67.83
N ALA B 195 -13.00 7.29 -67.20
CA ALA B 195 -14.32 6.83 -67.61
C ALA B 195 -15.38 7.87 -67.28
N ALA B 196 -15.12 8.67 -66.27
CA ALA B 196 -16.01 9.75 -65.87
C ALA B 196 -16.11 10.76 -66.99
N GLN B 197 -14.96 11.20 -67.48
CA GLN B 197 -14.93 12.10 -68.64
C GLN B 197 -15.69 11.53 -69.85
N SER B 198 -15.59 10.22 -70.05
CA SER B 198 -16.24 9.57 -71.20
C SER B 198 -17.76 9.55 -71.10
N GLY B 199 -18.31 10.01 -69.99
CA GLY B 199 -19.75 10.09 -69.82
C GLY B 199 -20.46 8.77 -69.66
N GLN B 200 -19.75 7.77 -69.15
CA GLN B 200 -20.33 6.46 -68.87
C GLN B 200 -20.86 6.37 -67.44
N LEU B 201 -20.33 7.22 -66.57
CA LEU B 201 -20.67 7.18 -65.14
C LEU B 201 -21.53 8.36 -64.74
N GLY B 202 -22.42 8.15 -63.78
CA GLY B 202 -23.28 9.21 -63.29
C GLY B 202 -22.73 9.85 -62.03
N VAL B 203 -22.07 9.05 -61.20
CA VAL B 203 -21.39 9.53 -60.00
C VAL B 203 -20.05 8.84 -59.87
N VAL B 204 -19.01 9.61 -59.55
CA VAL B 204 -17.70 9.02 -59.37
C VAL B 204 -16.96 9.71 -58.22
N ARG B 205 -16.37 8.91 -57.34
CA ARG B 205 -15.58 9.45 -56.23
C ARG B 205 -14.20 9.82 -56.74
N ILE B 206 -13.74 11.02 -56.39
CA ILE B 206 -12.39 11.43 -56.75
C ILE B 206 -11.66 11.84 -55.48
N PRO B 207 -10.32 11.75 -55.48
CA PRO B 207 -9.60 12.23 -54.30
C PRO B 207 -9.67 13.76 -54.19
N PRO B 208 -9.83 14.28 -52.96
CA PRO B 208 -9.89 15.74 -52.78
C PRO B 208 -8.55 16.37 -53.10
N SER B 209 -7.52 15.52 -53.12
CA SER B 209 -6.14 15.90 -53.34
C SER B 209 -5.84 16.10 -54.83
N MET B 210 -6.83 15.89 -55.68
CA MET B 210 -6.56 15.95 -57.11
C MET B 210 -7.15 17.24 -57.66
N ALA B 211 -6.45 17.81 -58.63
CA ALA B 211 -6.77 19.12 -59.18
C ALA B 211 -7.81 19.01 -60.26
N VAL B 212 -9.05 18.75 -59.87
CA VAL B 212 -10.09 18.44 -60.82
C VAL B 212 -10.56 19.68 -61.58
N GLY B 213 -10.39 19.65 -62.90
CA GLY B 213 -10.85 20.73 -63.76
C GLY B 213 -12.28 20.45 -64.12
N SER B 214 -12.90 21.32 -64.91
CA SER B 214 -14.29 21.12 -65.31
C SER B 214 -14.45 19.93 -66.24
N VAL B 215 -15.50 19.15 -66.00
CA VAL B 215 -15.89 18.09 -66.91
C VAL B 215 -17.28 18.45 -67.43
N ASN B 216 -17.44 18.37 -68.75
CA ASN B 216 -18.69 18.79 -69.38
C ASN B 216 -19.85 17.93 -68.87
N ASN B 217 -20.93 18.60 -68.52
CA ASN B 217 -22.20 18.03 -68.05
C ASN B 217 -22.10 17.25 -66.73
N MET B 218 -21.14 17.62 -65.90
CA MET B 218 -21.06 17.09 -64.53
C MET B 218 -20.80 18.23 -63.55
N LYS B 219 -21.08 17.96 -62.28
CA LYS B 219 -21.03 18.94 -61.21
C LYS B 219 -20.23 18.41 -60.03
N LEU B 220 -19.50 19.30 -59.35
CA LEU B 220 -18.65 18.90 -58.24
C LEU B 220 -19.38 19.01 -56.91
N TRP B 221 -19.44 17.89 -56.21
CA TRP B 221 -20.00 17.82 -54.87
C TRP B 221 -18.92 17.69 -53.83
N VAL B 222 -19.00 18.55 -52.82
CA VAL B 222 -18.10 18.51 -51.68
C VAL B 222 -18.89 18.11 -50.45
N ARG B 223 -18.57 16.94 -49.91
CA ARG B 223 -19.25 16.38 -48.77
C ARG B 223 -18.43 16.51 -47.49
N PRO B 224 -19.06 17.00 -46.41
CA PRO B 224 -18.39 17.02 -45.12
C PRO B 224 -18.08 15.60 -44.65
N SER B 225 -17.02 15.41 -43.87
CA SER B 225 -16.62 14.08 -43.43
C SER B 225 -15.94 14.13 -42.06
N VAL B 226 -16.02 13.02 -41.32
CA VAL B 226 -15.38 12.96 -40.01
C VAL B 226 -13.93 12.56 -40.17
N GLU B 227 -13.58 12.11 -41.37
CA GLU B 227 -12.20 11.74 -41.69
C GLU B 227 -11.26 12.91 -41.41
N ASN B 228 -10.18 12.64 -40.70
CA ASN B 228 -9.23 13.70 -40.38
C ASN B 228 -7.78 13.29 -40.55
N ARG B 229 -6.89 14.28 -40.40
CA ARG B 229 -5.45 14.07 -40.44
C ARG B 229 -4.83 14.79 -39.26
N GLY B 230 -3.91 14.12 -38.58
CA GLY B 230 -3.23 14.70 -37.43
C GLY B 230 -1.88 14.07 -37.14
N ILE B 231 -1.07 14.75 -36.31
CA ILE B 231 0.21 14.21 -35.87
C ILE B 231 0.16 13.86 -34.38
N VAL B 232 0.55 12.64 -34.05
CA VAL B 232 0.56 12.19 -32.66
C VAL B 232 1.97 12.22 -32.07
N PHE B 233 2.09 12.81 -30.88
CA PHE B 233 3.37 12.94 -30.19
C PHE B 233 3.55 11.89 -29.11
N PRO B 234 4.77 11.36 -28.99
CA PRO B 234 5.15 10.63 -27.78
C PRO B 234 5.18 11.60 -26.60
N THR B 235 4.48 11.29 -25.52
CA THR B 235 4.36 12.24 -24.41
C THR B 235 5.36 11.92 -23.29
N THR B 236 6.11 10.84 -23.43
CA THR B 236 7.08 10.44 -22.41
C THR B 236 8.50 10.42 -23.00
N PRO B 237 9.52 10.63 -22.16
CA PRO B 237 10.91 10.56 -22.64
C PRO B 237 11.32 9.15 -23.07
N ALA B 238 12.41 9.06 -23.82
CA ALA B 238 12.91 7.78 -24.31
C ALA B 238 13.56 6.95 -23.19
N GLY B 239 13.93 5.72 -23.50
CA GLY B 239 14.67 4.90 -22.56
C GLY B 239 13.97 3.59 -22.25
N LYS B 240 12.67 3.57 -22.50
CA LYS B 240 11.88 2.36 -22.30
C LYS B 240 11.61 1.65 -23.62
N LYS B 241 11.17 0.38 -23.52
CA LYS B 241 10.76 -0.41 -24.68
C LYS B 241 9.50 -1.22 -24.38
N ASP B 242 8.66 -1.43 -25.39
CA ASP B 242 7.43 -2.19 -25.18
C ASP B 242 7.66 -3.70 -25.32
N ALA B 243 6.58 -4.46 -25.28
CA ALA B 243 6.67 -5.92 -25.34
C ALA B 243 7.22 -6.43 -26.68
N HIS B 244 7.17 -5.58 -27.70
CA HIS B 244 7.63 -5.97 -29.03
C HIS B 244 9.10 -5.61 -29.24
N GLY B 245 9.69 -4.97 -28.24
CA GLY B 245 11.06 -4.51 -28.31
C GLY B 245 11.17 -3.19 -29.04
N TYR B 246 10.02 -2.53 -29.24
CA TYR B 246 9.98 -1.22 -29.88
C TYR B 246 10.29 -0.15 -28.85
N PRO B 247 11.11 0.85 -29.23
CA PRO B 247 11.45 1.92 -28.29
C PRO B 247 10.23 2.80 -28.00
N ILE B 248 10.06 3.18 -26.73
CA ILE B 248 8.94 4.05 -26.36
C ILE B 248 9.48 5.38 -25.86
N GLY B 249 8.94 6.47 -26.41
CA GLY B 249 9.27 7.79 -25.93
C GLY B 249 10.10 8.61 -26.88
N ASN B 250 10.03 9.93 -26.73
CA ASN B 250 10.79 10.87 -27.53
C ASN B 250 11.18 12.01 -26.62
N ASP B 251 12.49 12.22 -26.47
CA ASP B 251 13.00 13.16 -25.47
C ASP B 251 12.69 14.62 -25.80
N VAL B 252 12.47 14.91 -27.08
CA VAL B 252 12.14 16.27 -27.51
C VAL B 252 10.65 16.56 -27.36
N THR B 253 9.81 15.68 -27.90
CA THR B 253 8.36 15.87 -27.90
C THR B 253 7.75 15.58 -26.54
N ALA B 254 8.56 15.06 -25.62
CA ALA B 254 8.11 14.86 -24.25
C ALA B 254 7.81 16.21 -23.62
N ASP B 255 8.48 17.23 -24.14
CA ASP B 255 8.31 18.60 -23.66
C ASP B 255 7.05 19.22 -24.24
N VAL B 256 6.14 19.65 -23.37
CA VAL B 256 4.84 20.16 -23.80
C VAL B 256 4.98 21.44 -24.63
N ALA B 257 6.04 22.19 -24.36
CA ALA B 257 6.27 23.45 -25.06
C ALA B 257 6.48 23.19 -26.54
N ILE B 258 7.14 22.09 -26.85
CA ILE B 258 7.35 21.70 -28.23
C ILE B 258 6.03 21.44 -28.91
N ARG B 259 5.16 20.69 -28.24
CA ARG B 259 3.88 20.30 -28.82
C ARG B 259 2.96 21.51 -29.05
N ARG B 260 2.89 22.41 -28.07
CA ARG B 260 2.10 23.64 -28.22
C ARG B 260 2.67 24.56 -29.31
N ALA B 261 3.98 24.72 -29.33
CA ALA B 261 4.64 25.61 -30.29
C ALA B 261 4.38 25.10 -31.69
N ILE B 262 4.54 23.80 -31.89
CA ILE B 262 4.24 23.16 -33.17
C ILE B 262 2.77 23.35 -33.55
N ASN B 263 1.87 23.19 -32.57
CA ASN B 263 0.44 23.41 -32.81
C ASN B 263 0.12 24.82 -33.30
N TYR B 264 0.85 25.82 -32.79
CA TYR B 264 0.61 27.21 -33.14
C TYR B 264 1.31 27.63 -34.42
N ALA B 265 2.43 26.97 -34.73
CA ALA B 265 3.25 27.35 -35.86
C ALA B 265 2.63 26.93 -37.18
N ILE B 266 1.95 25.79 -37.16
CA ILE B 266 1.32 25.23 -38.34
C ILE B 266 0.20 26.14 -38.87
N ASN B 267 0.16 26.36 -40.18
CA ASN B 267 -0.94 27.07 -40.79
C ASN B 267 -1.86 26.05 -41.46
N ARG B 268 -2.96 25.73 -40.80
CA ARG B 268 -3.80 24.63 -41.25
C ARG B 268 -4.54 25.01 -42.52
N GLN B 269 -4.88 26.29 -42.63
CA GLN B 269 -5.56 26.79 -43.82
C GLN B 269 -4.69 26.62 -45.06
N LEU B 270 -3.39 26.87 -44.92
CA LEU B 270 -2.45 26.73 -46.03
C LEU B 270 -2.31 25.27 -46.45
N LEU B 271 -2.34 24.38 -45.47
CA LEU B 271 -2.35 22.95 -45.74
C LEU B 271 -3.60 22.60 -46.56
N ALA B 272 -4.75 23.07 -46.10
CA ALA B 272 -6.00 22.79 -46.78
C ALA B 272 -6.01 23.30 -48.22
N ASP B 273 -5.62 24.56 -48.40
CA ASP B 273 -5.69 25.22 -49.70
C ASP B 273 -4.64 24.74 -50.70
N GLN B 274 -3.39 24.60 -50.25
CA GLN B 274 -2.31 24.25 -51.17
C GLN B 274 -2.22 22.74 -51.40
N ILE B 275 -2.30 21.96 -50.32
CA ILE B 275 -2.14 20.52 -50.40
C ILE B 275 -3.45 19.82 -50.78
N MET B 276 -4.56 20.25 -50.17
CA MET B 276 -5.84 19.56 -50.33
C MET B 276 -6.78 20.24 -51.32
N GLU B 277 -6.27 21.24 -52.04
CA GLU B 277 -7.05 21.98 -53.04
C GLU B 277 -8.30 22.64 -52.45
N GLY B 278 -8.20 23.03 -51.16
CA GLY B 278 -9.29 23.71 -50.48
C GLY B 278 -10.43 22.77 -50.11
N HIS B 279 -10.22 21.48 -50.37
CA HIS B 279 -11.23 20.48 -50.07
C HIS B 279 -11.02 19.89 -48.68
N ALA B 280 -10.42 20.68 -47.80
CA ALA B 280 -10.27 20.29 -46.41
C ALA B 280 -10.61 21.49 -45.53
N ILE B 281 -10.88 21.25 -44.25
CA ILE B 281 -11.10 22.35 -43.32
C ILE B 281 -10.16 22.19 -42.14
N PRO B 282 -9.70 23.31 -41.57
CA PRO B 282 -8.82 23.22 -40.39
C PRO B 282 -9.46 22.48 -39.23
N ALA B 283 -8.68 21.58 -38.61
CA ALA B 283 -9.15 20.80 -37.46
C ALA B 283 -8.19 20.93 -36.30
N TYR B 284 -8.72 21.31 -35.14
CA TYR B 284 -7.91 21.47 -33.94
C TYR B 284 -8.11 20.31 -32.94
N THR B 285 -9.11 19.49 -33.20
CA THR B 285 -9.35 18.27 -32.40
C THR B 285 -9.66 17.07 -33.30
N GLY B 286 -9.68 15.89 -32.69
CA GLY B 286 -10.02 14.68 -33.42
C GLY B 286 -11.52 14.57 -33.62
N VAL B 287 -12.27 15.46 -32.96
CA VAL B 287 -13.72 15.47 -33.04
C VAL B 287 -14.27 16.80 -33.58
N GLN B 288 -13.50 17.50 -34.40
CA GLN B 288 -13.91 18.80 -34.95
C GLN B 288 -15.27 18.76 -35.65
N GLY B 289 -16.16 19.68 -35.28
CA GLY B 289 -17.46 19.81 -35.94
C GLY B 289 -18.56 18.92 -35.40
N LEU B 290 -18.27 18.23 -34.30
CA LEU B 290 -19.19 17.27 -33.71
C LEU B 290 -19.69 17.78 -32.36
N PRO B 291 -20.87 17.30 -31.90
CA PRO B 291 -21.46 17.83 -30.67
C PRO B 291 -20.57 17.69 -29.43
N TRP B 292 -19.71 16.68 -29.39
CA TRP B 292 -18.89 16.44 -28.21
C TRP B 292 -17.53 17.13 -28.28
N ASN B 293 -17.34 17.97 -29.29
CA ASN B 293 -16.15 18.81 -29.34
C ASN B 293 -16.25 19.98 -28.35
N ASN B 294 -15.16 20.24 -27.63
CA ASN B 294 -15.10 21.38 -26.75
C ASN B 294 -15.15 22.65 -27.58
N PRO B 295 -16.14 23.52 -27.30
CA PRO B 295 -16.42 24.71 -28.12
C PRO B 295 -15.30 25.75 -28.09
N ASP B 296 -14.41 25.68 -27.10
CA ASP B 296 -13.35 26.67 -26.96
C ASP B 296 -12.00 26.08 -27.38
N SER B 297 -12.03 25.01 -28.18
CA SER B 297 -10.84 24.24 -28.50
C SER B 297 -10.00 24.82 -29.64
N ALA B 298 -10.58 25.74 -30.41
CA ALA B 298 -9.90 26.32 -31.57
C ALA B 298 -8.84 27.35 -31.16
N ILE B 299 -7.83 27.54 -32.02
CA ILE B 299 -6.79 28.55 -31.79
C ILE B 299 -6.54 29.38 -33.05
N LYS B 300 -5.81 30.48 -32.91
CA LYS B 300 -5.40 31.25 -34.08
C LYS B 300 -4.02 30.76 -34.49
N ASP B 301 -3.96 29.94 -35.53
CA ASP B 301 -2.73 29.22 -35.87
C ASP B 301 -1.90 29.98 -36.90
N GLY B 302 -0.82 29.35 -37.35
CA GLY B 302 0.11 30.00 -38.26
C GLY B 302 0.76 31.20 -37.60
N ASP B 303 0.92 31.13 -36.28
CA ASP B 303 1.51 32.22 -35.52
C ASP B 303 2.94 31.88 -35.11
N ILE B 304 3.88 32.19 -35.99
CA ILE B 304 5.30 31.92 -35.74
C ILE B 304 5.80 32.63 -34.48
N ASP B 305 5.37 33.89 -34.30
CA ASP B 305 5.80 34.69 -33.16
C ASP B 305 5.40 34.04 -31.84
N LYS B 306 4.15 33.62 -31.74
CA LYS B 306 3.64 32.99 -30.53
C LYS B 306 4.39 31.69 -30.25
N ALA B 307 4.60 30.89 -31.29
CA ALA B 307 5.34 29.64 -31.15
C ALA B 307 6.75 29.86 -30.61
N LYS B 308 7.47 30.79 -31.23
CA LYS B 308 8.84 31.07 -30.80
C LYS B 308 8.86 31.58 -29.37
N GLN B 309 7.86 32.40 -29.01
CA GLN B 309 7.74 32.86 -27.63
C GLN B 309 7.54 31.68 -26.68
N ILE B 310 6.67 30.77 -27.07
CA ILE B 310 6.42 29.56 -26.28
C ILE B 310 7.72 28.79 -26.07
N LEU B 311 8.51 28.63 -27.14
CA LEU B 311 9.75 27.90 -27.06
C LEU B 311 10.78 28.63 -26.18
N GLU B 312 10.83 29.94 -26.28
CA GLU B 312 11.79 30.74 -25.51
C GLU B 312 11.47 30.72 -24.03
N GLN B 313 10.19 30.91 -23.72
CA GLN B 313 9.70 30.98 -22.34
C GLN B 313 9.92 29.64 -21.61
N ALA B 314 10.08 28.58 -22.39
CA ALA B 314 10.28 27.25 -21.84
C ALA B 314 11.74 26.81 -21.92
N GLY B 315 12.61 27.69 -22.39
CA GLY B 315 14.03 27.43 -22.39
C GLY B 315 14.62 26.86 -23.67
N TRP B 316 13.86 26.88 -24.75
CA TRP B 316 14.38 26.41 -26.02
C TRP B 316 15.00 27.58 -26.79
N GLN B 317 16.33 27.60 -26.86
CA GLN B 317 17.05 28.73 -27.44
C GLN B 317 17.82 28.30 -28.68
N LEU B 318 17.98 29.24 -29.60
CA LEU B 318 18.68 28.98 -30.86
C LEU B 318 20.18 28.81 -30.63
N ASN B 319 20.72 27.68 -31.07
CA ASN B 319 22.16 27.46 -31.00
C ASN B 319 22.87 28.16 -32.16
N SER B 320 24.14 27.85 -32.37
CA SER B 320 24.91 28.49 -33.43
C SER B 320 24.47 28.02 -34.81
N GLN B 321 23.98 26.79 -34.91
CA GLN B 321 23.53 26.24 -36.18
C GLN B 321 22.11 26.69 -36.53
N GLY B 322 21.51 27.49 -35.67
CA GLY B 322 20.15 27.97 -35.87
C GLY B 322 19.06 27.00 -35.49
N THR B 323 19.42 25.99 -34.71
CA THR B 323 18.46 24.99 -34.25
C THR B 323 18.19 25.18 -32.77
N ARG B 324 16.94 24.99 -32.36
CA ARG B 324 16.55 25.13 -30.97
C ARG B 324 17.30 24.13 -30.11
N GLU B 325 17.60 24.50 -28.88
CA GLU B 325 18.32 23.59 -27.99
C GLU B 325 17.89 23.82 -26.54
N LYS B 326 17.76 22.72 -25.79
CA LYS B 326 17.37 22.78 -24.39
C LYS B 326 18.16 21.73 -23.58
N ASN B 327 18.89 22.20 -22.58
CA ASN B 327 19.75 21.36 -21.75
C ASN B 327 20.71 20.51 -22.59
N GLY B 328 21.27 21.13 -23.62
CA GLY B 328 22.25 20.46 -24.46
C GLY B 328 21.63 19.58 -25.53
N LEU B 329 20.30 19.54 -25.57
CA LEU B 329 19.58 18.70 -26.52
C LEU B 329 18.94 19.54 -27.63
N PRO B 330 19.34 19.27 -28.89
CA PRO B 330 18.82 20.00 -30.04
C PRO B 330 17.47 19.46 -30.49
N ALA B 331 16.58 20.34 -30.93
CA ALA B 331 15.23 19.93 -31.34
C ALA B 331 15.23 19.31 -32.73
N LYS B 332 15.58 18.04 -32.80
CA LYS B 332 15.61 17.29 -34.04
C LYS B 332 14.68 16.10 -33.90
N ILE B 333 13.61 16.07 -34.71
CA ILE B 333 12.63 15.00 -34.59
C ILE B 333 12.32 14.38 -35.95
N THR B 334 11.93 13.12 -35.94
CA THR B 334 11.61 12.44 -37.19
C THR B 334 10.11 12.21 -37.27
N LEU B 335 9.51 12.66 -38.37
CA LEU B 335 8.10 12.46 -38.60
C LEU B 335 7.89 11.26 -39.51
N TRP B 336 7.17 10.27 -39.01
CA TRP B 336 6.88 9.07 -39.77
C TRP B 336 5.51 9.18 -40.44
N TYR B 337 5.38 8.57 -41.61
CA TYR B 337 4.08 8.46 -42.23
C TYR B 337 4.00 7.21 -43.12
N THR B 338 2.78 6.83 -43.47
CA THR B 338 2.59 5.63 -44.25
C THR B 338 2.80 5.92 -45.73
N SER B 339 3.54 5.06 -46.39
CA SER B 339 3.83 5.23 -47.81
C SER B 339 2.64 4.79 -48.64
N GLY B 340 2.70 5.04 -49.94
CA GLY B 340 1.64 4.64 -50.84
C GLY B 340 0.60 5.72 -51.00
N ASP B 341 0.90 6.90 -50.44
CA ASP B 341 -0.01 8.03 -50.55
C ASP B 341 0.73 9.36 -50.78
N THR B 342 0.42 9.99 -51.90
CA THR B 342 1.06 11.25 -52.28
C THR B 342 0.61 12.38 -51.36
N THR B 343 -0.61 12.29 -50.86
CA THR B 343 -1.18 13.33 -50.02
C THR B 343 -0.49 13.41 -48.67
N ARG B 344 -0.21 12.23 -48.09
CA ARG B 344 0.53 12.18 -46.84
C ARG B 344 1.94 12.71 -47.02
N ARG B 345 2.57 12.35 -48.14
CA ARG B 345 3.93 12.80 -48.40
C ARG B 345 3.97 14.32 -48.53
N ASP B 346 3.05 14.87 -49.31
CA ASP B 346 2.93 16.30 -49.52
C ASP B 346 2.68 17.04 -48.21
N LEU B 347 1.83 16.44 -47.38
CA LEU B 347 1.45 17.04 -46.11
C LEU B 347 2.64 17.06 -45.12
N ALA B 348 3.37 15.94 -45.06
CA ALA B 348 4.55 15.84 -44.22
C ALA B 348 5.60 16.86 -44.63
N GLN B 349 5.87 16.93 -45.93
CA GLN B 349 6.86 17.89 -46.44
C GLN B 349 6.46 19.32 -46.10
N ALA B 350 5.17 19.61 -46.27
CA ALA B 350 4.65 20.94 -45.94
C ALA B 350 4.87 21.25 -44.47
N LEU B 351 4.65 20.26 -43.62
CA LEU B 351 4.80 20.45 -42.18
C LEU B 351 6.24 20.72 -41.80
N ARG B 352 7.17 19.97 -42.38
CA ARG B 352 8.59 20.23 -42.15
C ARG B 352 8.92 21.67 -42.51
N SER B 353 8.42 22.07 -43.68
CA SER B 353 8.68 23.40 -44.20
C SER B 353 8.17 24.45 -43.23
N MET B 354 7.05 24.15 -42.58
CA MET B 354 6.44 25.11 -41.65
C MET B 354 7.17 25.14 -40.31
N LEU B 355 7.87 24.06 -39.97
CA LEU B 355 8.56 24.04 -38.68
C LEU B 355 10.00 24.55 -38.80
N LYS B 356 10.50 24.65 -40.02
CA LYS B 356 11.82 25.25 -40.22
C LYS B 356 11.99 26.65 -39.59
N PRO B 357 11.00 27.57 -39.75
CA PRO B 357 11.17 28.91 -39.18
C PRO B 357 11.29 29.00 -37.64
N ILE B 358 10.77 28.03 -36.89
CA ILE B 358 10.83 28.12 -35.43
C ILE B 358 11.99 27.34 -34.86
N GLY B 359 12.84 26.79 -35.73
CA GLY B 359 14.06 26.14 -35.29
C GLY B 359 13.91 24.68 -34.92
N ILE B 360 12.85 24.04 -35.40
CA ILE B 360 12.69 22.61 -35.22
C ILE B 360 13.11 21.89 -36.48
N ASP B 361 14.07 20.97 -36.36
CA ASP B 361 14.55 20.24 -37.53
C ASP B 361 13.82 18.92 -37.69
N VAL B 362 13.02 18.83 -38.74
CA VAL B 362 12.19 17.67 -38.99
C VAL B 362 12.71 16.79 -40.12
N ASP B 363 13.18 15.60 -39.78
CA ASP B 363 13.53 14.58 -40.78
C ASP B 363 12.26 13.79 -41.14
N LEU B 364 12.17 13.24 -42.35
CA LEU B 364 10.97 12.52 -42.74
C LEU B 364 11.23 11.04 -43.07
N LYS B 365 10.37 10.17 -42.55
CA LYS B 365 10.46 8.76 -42.88
C LYS B 365 9.10 8.21 -43.26
N SER B 366 9.06 7.34 -44.27
CA SER B 366 7.82 6.74 -44.73
C SER B 366 7.95 5.23 -44.76
N GLY B 367 6.82 4.54 -44.65
CA GLY B 367 6.85 3.10 -44.76
C GLY B 367 5.50 2.42 -44.78
N SER B 368 5.53 1.09 -44.78
CA SER B 368 4.34 0.28 -44.64
C SER B 368 3.85 0.35 -43.20
N TRP B 369 2.58 0.04 -42.99
CA TRP B 369 2.02 0.06 -41.64
C TRP B 369 2.84 -0.77 -40.67
N GLU B 370 3.31 -1.93 -41.12
CA GLU B 370 4.18 -2.76 -40.28
C GLU B 370 5.43 -2.00 -39.84
N THR B 371 5.99 -1.20 -40.74
CA THR B 371 7.21 -0.43 -40.46
C THR B 371 6.92 0.75 -39.54
N VAL B 372 5.80 1.42 -39.78
CA VAL B 372 5.38 2.55 -38.96
C VAL B 372 5.11 2.08 -37.53
N GLU B 373 4.56 0.87 -37.40
CA GLU B 373 4.27 0.26 -36.10
C GLU B 373 5.48 0.27 -35.19
N ARG B 374 6.64 0.01 -35.76
CA ARG B 374 7.87 -0.11 -35.00
C ARG B 374 8.35 1.24 -34.47
N ASN B 375 8.10 2.30 -35.23
CA ASN B 375 8.61 3.62 -34.87
C ASN B 375 7.55 4.57 -34.30
N MET B 376 6.29 4.15 -34.30
CA MET B 376 5.21 5.08 -33.97
C MET B 376 5.19 5.46 -32.49
N HIS B 377 5.92 4.70 -31.67
CA HIS B 377 5.96 4.97 -30.24
C HIS B 377 7.14 5.85 -29.88
N ALA B 378 8.09 5.96 -30.80
CA ALA B 378 9.30 6.73 -30.55
C ALA B 378 9.37 8.00 -31.39
N ASN B 379 8.41 8.17 -32.29
CA ASN B 379 8.42 9.32 -33.19
C ASN B 379 7.05 9.93 -33.40
N PRO B 380 7.01 11.23 -33.70
CA PRO B 380 5.73 11.83 -34.09
C PRO B 380 5.20 11.10 -35.31
N THR B 381 3.90 10.87 -35.38
CA THR B 381 3.40 10.07 -36.50
C THR B 381 2.13 10.66 -37.10
N LEU B 382 2.05 10.64 -38.43
CA LEU B 382 0.89 11.16 -39.13
C LEU B 382 -0.18 10.09 -39.28
N PHE B 383 -1.35 10.36 -38.72
CA PHE B 383 -2.46 9.41 -38.70
C PHE B 383 -3.71 10.01 -39.32
N GLY B 384 -4.51 9.15 -39.95
CA GLY B 384 -5.85 9.53 -40.34
C GLY B 384 -6.88 8.78 -39.53
N TRP B 385 -7.87 9.49 -39.00
CA TRP B 385 -8.89 8.89 -38.16
C TRP B 385 -10.25 9.49 -38.48
N GLY B 386 -11.10 9.59 -37.46
CA GLY B 386 -12.40 10.23 -37.62
C GLY B 386 -13.52 9.23 -37.39
N SER B 387 -14.51 9.64 -36.60
CA SER B 387 -15.60 8.73 -36.23
C SER B 387 -16.83 9.50 -35.74
N LEU B 388 -18.01 8.92 -35.96
CA LEU B 388 -19.25 9.52 -35.47
C LEU B 388 -19.56 9.05 -34.04
N ASP B 389 -18.68 8.19 -33.52
CA ASP B 389 -18.75 7.65 -32.18
C ASP B 389 -17.77 8.40 -31.29
N PRO B 390 -18.27 8.98 -30.17
CA PRO B 390 -17.40 9.70 -29.22
C PRO B 390 -16.36 8.80 -28.60
N MET B 391 -16.58 7.49 -28.68
CA MET B 391 -15.70 6.49 -28.09
C MET B 391 -14.27 6.64 -28.59
N GLU B 392 -14.10 7.24 -29.77
CA GLU B 392 -12.76 7.42 -30.32
C GLU B 392 -11.89 8.26 -29.38
N LEU B 393 -12.51 9.24 -28.72
CA LEU B 393 -11.81 10.05 -27.72
C LEU B 393 -11.16 9.16 -26.69
N TYR B 394 -11.93 8.20 -26.21
CA TYR B 394 -11.44 7.23 -25.25
C TYR B 394 -10.21 6.55 -25.84
N HIS B 395 -10.38 6.02 -27.05
CA HIS B 395 -9.32 5.29 -27.72
C HIS B 395 -8.10 6.17 -27.89
N HIS B 396 -8.31 7.47 -28.00
CA HIS B 396 -7.17 8.35 -28.16
C HIS B 396 -6.48 8.65 -26.84
N TYR B 397 -7.27 8.89 -25.80
CA TYR B 397 -6.74 9.59 -24.64
C TYR B 397 -6.81 8.83 -23.33
N SER B 398 -7.43 7.64 -23.34
CA SER B 398 -7.47 6.82 -22.15
C SER B 398 -6.14 6.14 -21.91
N SER B 399 -5.71 6.11 -20.65
CA SER B 399 -4.46 5.45 -20.30
C SER B 399 -4.52 3.95 -20.57
N ASN B 400 -5.72 3.38 -20.52
CA ASN B 400 -5.90 1.97 -20.79
C ASN B 400 -5.66 1.60 -22.26
N ALA B 401 -5.83 2.58 -23.15
CA ALA B 401 -5.67 2.31 -24.57
C ALA B 401 -4.24 2.56 -25.00
N ALA B 402 -3.42 3.03 -24.06
CA ALA B 402 -2.04 3.40 -24.34
C ALA B 402 -1.25 2.21 -24.87
N GLY B 403 -0.76 2.33 -26.10
CA GLY B 403 0.06 1.30 -26.71
C GLY B 403 -0.74 0.12 -27.22
N VAL B 404 -2.07 0.24 -27.19
CA VAL B 404 -2.98 -0.82 -27.67
C VAL B 404 -3.27 -0.67 -29.17
N GLU B 405 -2.70 -1.55 -29.98
CA GLU B 405 -2.80 -1.48 -31.43
C GLU B 405 -2.32 -0.12 -31.96
N TYR B 406 -3.18 0.59 -32.67
CA TYR B 406 -2.79 1.88 -33.23
C TYR B 406 -3.34 3.04 -32.42
N TYR B 407 -4.03 2.73 -31.33
CA TYR B 407 -4.62 3.73 -30.43
C TYR B 407 -3.59 4.22 -29.42
N ASN B 408 -3.67 5.50 -29.07
CA ASN B 408 -2.77 6.14 -28.10
C ASN B 408 -1.30 5.66 -28.19
N PRO B 409 -0.68 5.82 -29.36
CA PRO B 409 0.68 5.31 -29.57
C PRO B 409 1.72 6.12 -28.80
N GLY B 410 1.34 7.32 -28.35
CA GLY B 410 2.24 8.19 -27.62
C GLY B 410 2.17 7.96 -26.11
N TYR B 411 1.48 6.90 -25.71
CA TYR B 411 1.35 6.53 -24.30
C TYR B 411 0.90 7.71 -23.44
N TYR B 412 -0.16 8.39 -23.87
CA TYR B 412 -0.69 9.52 -23.12
C TYR B 412 -1.46 9.06 -21.89
N LYS B 413 -1.11 9.60 -20.72
CA LYS B 413 -1.80 9.27 -19.48
C LYS B 413 -2.07 10.49 -18.61
N ASN B 414 -3.37 10.73 -18.36
CA ASN B 414 -3.81 11.84 -17.53
C ASN B 414 -5.02 11.40 -16.69
N PRO B 415 -4.82 11.24 -15.36
CA PRO B 415 -5.85 10.70 -14.47
C PRO B 415 -7.15 11.49 -14.51
N MET B 416 -7.04 12.80 -14.70
CA MET B 416 -8.22 13.64 -14.74
C MET B 416 -9.01 13.35 -16.02
N VAL B 417 -8.26 13.22 -17.11
CA VAL B 417 -8.85 12.85 -18.40
C VAL B 417 -9.52 11.49 -18.29
N ASP B 418 -8.88 10.56 -17.61
CA ASP B 418 -9.45 9.22 -17.36
C ASP B 418 -10.75 9.35 -16.58
N LYS B 419 -10.80 10.29 -15.64
CA LYS B 419 -12.00 10.50 -14.86
C LYS B 419 -13.13 10.99 -15.75
N HIS B 420 -12.82 11.94 -16.63
CA HIS B 420 -13.84 12.50 -17.52
C HIS B 420 -14.34 11.48 -18.56
N LEU B 421 -13.41 10.69 -19.08
CA LEU B 421 -13.73 9.60 -20.01
C LEU B 421 -14.66 8.59 -19.33
N GLN B 422 -14.31 8.20 -18.12
CA GLN B 422 -15.10 7.20 -17.41
C GLN B 422 -16.49 7.73 -17.04
N GLN B 423 -16.56 8.98 -16.61
CA GLN B 423 -17.85 9.61 -16.40
C GLN B 423 -18.68 9.63 -17.69
N ALA B 424 -18.03 9.89 -18.82
CA ALA B 424 -18.72 9.95 -20.10
C ALA B 424 -19.28 8.60 -20.53
N LEU B 425 -18.48 7.54 -20.36
CA LEU B 425 -18.94 6.20 -20.70
C LEU B 425 -20.03 5.72 -19.75
N ASP B 426 -19.94 6.10 -18.48
CA ASP B 426 -20.86 5.59 -17.46
C ASP B 426 -22.19 6.34 -17.40
N ALA B 427 -22.32 7.44 -18.14
CA ALA B 427 -23.57 8.17 -18.14
C ALA B 427 -24.68 7.29 -18.69
N PRO B 428 -25.88 7.40 -18.09
CA PRO B 428 -27.01 6.57 -18.51
C PRO B 428 -27.52 6.86 -19.93
N THR B 429 -27.37 8.10 -20.40
CA THR B 429 -27.76 8.46 -21.77
C THR B 429 -26.64 9.21 -22.48
N TRP B 430 -26.66 9.22 -23.80
CA TRP B 430 -25.60 9.90 -24.56
C TRP B 430 -25.69 11.41 -24.33
N GLN B 431 -26.91 11.90 -24.14
CA GLN B 431 -27.14 13.31 -23.88
C GLN B 431 -26.42 13.76 -22.62
N GLN B 432 -26.51 12.96 -21.57
CA GLN B 432 -25.84 13.28 -20.32
C GLN B 432 -24.33 13.12 -20.42
N ALA B 433 -23.90 12.24 -21.31
CA ALA B 433 -22.48 11.99 -21.51
C ALA B 433 -21.79 13.15 -22.21
N VAL B 434 -22.49 13.80 -23.15
CA VAL B 434 -21.85 14.84 -23.98
C VAL B 434 -21.01 15.87 -23.20
N PRO B 435 -21.52 16.41 -22.06
CA PRO B 435 -20.70 17.41 -21.35
C PRO B 435 -19.35 16.87 -20.87
N PHE B 436 -19.30 15.58 -20.59
CA PHE B 436 -18.07 14.95 -20.11
C PHE B 436 -17.06 14.74 -21.24
N TRP B 437 -17.53 14.40 -22.44
CA TRP B 437 -16.63 14.26 -23.58
C TRP B 437 -15.90 15.57 -23.86
N GLN B 438 -16.59 16.68 -23.65
CA GLN B 438 -16.01 17.99 -23.88
C GLN B 438 -14.95 18.32 -22.84
N GLN B 439 -15.06 17.73 -21.66
CA GLN B 439 -14.09 17.93 -20.59
C GLN B 439 -12.73 17.32 -20.91
N VAL B 440 -12.69 16.43 -21.90
CA VAL B 440 -11.48 15.74 -22.26
C VAL B 440 -10.46 16.71 -22.84
N ASP B 441 -10.94 17.68 -23.61
CA ASP B 441 -10.07 18.71 -24.17
C ASP B 441 -9.47 19.60 -23.07
N TRP B 442 -10.34 20.11 -22.21
CA TRP B 442 -9.94 21.06 -21.18
C TRP B 442 -11.04 21.20 -20.14
N ASP B 443 -10.72 21.00 -18.86
CA ASP B 443 -11.73 21.11 -17.82
C ASP B 443 -11.61 22.40 -17.00
N GLY B 444 -10.71 23.28 -17.42
CA GLY B 444 -10.45 24.51 -16.69
C GLY B 444 -9.14 24.46 -15.94
N THR B 445 -8.57 23.26 -15.81
CA THR B 445 -7.33 23.05 -15.09
C THR B 445 -6.35 22.20 -15.89
N THR B 446 -6.83 21.10 -16.45
CA THR B 446 -6.01 20.23 -17.29
C THR B 446 -6.83 19.64 -18.44
N GLY B 447 -6.15 19.01 -19.39
CA GLY B 447 -6.82 18.40 -20.54
C GLY B 447 -5.86 17.87 -21.58
N ALA B 448 -6.40 17.18 -22.58
CA ALA B 448 -5.58 16.59 -23.64
C ALA B 448 -5.40 17.53 -24.84
N GLY B 449 -6.10 18.66 -24.81
CA GLY B 449 -6.09 19.59 -25.93
C GLY B 449 -4.90 20.53 -25.91
N ILE B 450 -4.93 21.56 -26.76
CA ILE B 450 -3.79 22.46 -26.91
C ILE B 450 -3.55 23.28 -25.63
N ARG B 451 -4.62 23.71 -24.97
CA ARG B 451 -4.51 24.44 -23.70
C ARG B 451 -3.87 23.58 -22.60
N GLY B 452 -3.93 22.27 -22.77
CA GLY B 452 -3.41 21.33 -21.78
C GLY B 452 -2.13 20.64 -22.21
N ASP B 453 -2.16 19.31 -22.17
CA ASP B 453 -0.99 18.50 -22.44
C ASP B 453 -0.64 18.45 -23.93
N ALA B 454 -1.61 18.80 -24.78
CA ALA B 454 -1.41 18.84 -26.23
C ALA B 454 -0.82 17.55 -26.79
N ALA B 455 -1.55 16.45 -26.61
CA ALA B 455 -1.09 15.13 -27.04
C ALA B 455 -0.96 15.01 -28.56
N TRP B 456 -1.77 15.78 -29.28
CA TRP B 456 -1.78 15.74 -30.73
C TRP B 456 -1.54 17.12 -31.34
N ALA B 457 -1.13 17.13 -32.60
CA ALA B 457 -1.27 18.30 -33.44
C ALA B 457 -2.25 17.94 -34.55
N TRP B 458 -3.53 18.15 -34.28
CA TRP B 458 -4.55 17.83 -35.27
C TRP B 458 -4.47 18.83 -36.40
N LEU B 459 -4.58 18.34 -37.63
CA LEU B 459 -4.36 19.17 -38.79
C LEU B 459 -5.65 19.51 -39.53
N LEU B 460 -6.33 18.50 -40.07
CA LEU B 460 -7.43 18.78 -40.98
C LEU B 460 -8.60 17.82 -40.83
N ASN B 461 -9.78 18.27 -41.24
CA ASN B 461 -10.88 17.37 -41.55
C ASN B 461 -11.01 17.32 -43.07
N ILE B 462 -10.87 16.13 -43.63
CA ILE B 462 -10.93 15.96 -45.07
C ILE B 462 -12.38 16.00 -45.51
N GLN B 463 -12.64 16.63 -46.65
CA GLN B 463 -13.95 16.59 -47.26
C GLN B 463 -13.88 15.65 -48.45
N HIS B 464 -14.97 14.97 -48.75
CA HIS B 464 -14.99 14.01 -49.83
C HIS B 464 -15.48 14.68 -51.11
N THR B 465 -14.91 14.30 -52.25
CA THR B 465 -15.27 14.96 -53.49
C THR B 465 -15.83 13.97 -54.48
N TYR B 466 -16.96 14.36 -55.07
CA TYR B 466 -17.65 13.51 -56.03
C TYR B 466 -17.97 14.31 -57.27
N LEU B 467 -17.94 13.65 -58.41
CA LEU B 467 -18.46 14.23 -59.64
C LEU B 467 -19.79 13.56 -59.92
N ALA B 468 -20.80 14.35 -60.21
CA ALA B 468 -22.12 13.78 -60.43
C ALA B 468 -22.79 14.46 -61.61
N ASN B 469 -23.51 13.69 -62.40
CA ASN B 469 -24.33 14.25 -63.47
C ASN B 469 -25.16 15.42 -62.95
N ASN B 470 -25.28 16.47 -63.74
CA ASN B 470 -25.94 17.70 -63.29
C ASN B 470 -27.38 17.44 -62.85
N CYS B 471 -27.96 16.40 -63.42
CA CYS B 471 -29.34 16.03 -63.13
C CYS B 471 -29.46 15.25 -61.83
N VAL B 472 -28.34 14.87 -61.23
CA VAL B 472 -28.37 14.09 -60.00
C VAL B 472 -28.17 14.94 -58.75
N ASP B 473 -29.14 14.89 -57.84
CA ASP B 473 -29.04 15.60 -56.56
C ASP B 473 -28.76 14.59 -55.46
N LEU B 474 -27.55 14.64 -54.91
CA LEU B 474 -27.10 13.67 -53.91
C LEU B 474 -27.65 13.99 -52.52
N GLY B 475 -28.44 15.05 -52.44
CA GLY B 475 -29.11 15.40 -51.20
C GLY B 475 -28.15 15.82 -50.10
N LYS B 476 -28.45 15.38 -48.88
CA LYS B 476 -27.63 15.68 -47.71
C LYS B 476 -27.78 14.58 -46.66
N GLY B 477 -26.83 14.51 -45.73
CA GLY B 477 -26.85 13.50 -44.69
C GLY B 477 -25.81 13.80 -43.62
N THR B 478 -25.57 12.85 -42.73
CA THR B 478 -24.53 13.02 -41.71
C THR B 478 -23.16 13.20 -42.36
N PRO B 479 -22.20 13.74 -41.60
CA PRO B 479 -20.81 13.75 -42.09
C PRO B 479 -20.38 12.34 -42.49
N GLU B 480 -19.68 12.22 -43.61
CA GLU B 480 -19.33 10.90 -44.14
C GLU B 480 -18.21 10.25 -43.32
N ILE B 481 -18.30 8.93 -43.16
CA ILE B 481 -17.31 8.17 -42.38
C ILE B 481 -15.96 8.11 -43.08
N HIS B 482 -14.92 7.74 -42.33
CA HIS B 482 -13.60 7.48 -42.91
C HIS B 482 -13.55 6.03 -43.39
N GLY B 483 -13.89 5.81 -44.66
CA GLY B 483 -13.95 4.47 -45.19
C GLY B 483 -14.60 4.45 -46.56
N SER B 484 -14.70 3.28 -47.17
CA SER B 484 -15.22 3.20 -48.52
C SER B 484 -16.73 3.28 -48.54
N TRP B 485 -17.26 3.74 -49.67
CA TRP B 485 -18.70 3.76 -49.93
C TRP B 485 -19.45 4.68 -48.96
N SER B 486 -18.80 5.71 -48.45
CA SER B 486 -19.40 6.59 -47.45
C SER B 486 -20.63 7.36 -47.93
N LEU B 487 -20.65 7.69 -49.22
CA LEU B 487 -21.73 8.46 -49.83
C LEU B 487 -23.12 7.88 -49.56
N LEU B 488 -23.15 6.57 -49.34
CA LEU B 488 -24.40 5.84 -49.19
C LEU B 488 -25.19 6.35 -48.00
N ASN B 489 -24.53 7.06 -47.08
CA ASN B 489 -25.26 7.58 -45.92
C ASN B 489 -26.38 8.54 -46.32
N SER B 490 -26.36 8.99 -47.58
CA SER B 490 -27.39 9.89 -48.06
C SER B 490 -28.32 9.28 -49.11
N ILE B 491 -28.18 7.98 -49.36
CA ILE B 491 -28.77 7.37 -50.55
C ILE B 491 -30.28 7.56 -50.72
N ASP B 492 -31.01 7.70 -49.61
CA ASP B 492 -32.47 7.84 -49.66
C ASP B 492 -32.92 9.24 -50.11
N SER B 493 -32.02 10.21 -50.02
CA SER B 493 -32.39 11.60 -50.33
C SER B 493 -31.99 12.00 -51.75
N TRP B 494 -31.55 11.02 -52.53
CA TRP B 494 -31.17 11.23 -53.92
C TRP B 494 -32.39 11.53 -54.79
N LYS B 495 -32.28 12.54 -55.66
CA LYS B 495 -33.38 12.95 -56.53
C LYS B 495 -32.90 13.13 -57.96
N TRP B 496 -33.85 13.29 -58.88
CA TRP B 496 -33.53 13.56 -60.27
C TRP B 496 -34.03 14.97 -60.59
N THR B 497 -33.10 15.87 -60.91
CA THR B 497 -33.38 17.31 -60.98
C THR B 497 -34.06 17.73 -62.29
N CYS B 498 -34.15 16.82 -63.25
CA CYS B 498 -34.72 17.14 -64.57
C CYS B 498 -35.67 16.03 -65.05
N THR C 2 -10.45 46.85 6.83
CA THR C 2 -9.84 47.37 8.05
C THR C 2 -9.35 46.23 8.92
N HIS C 3 -8.04 46.00 8.85
CA HIS C 3 -7.30 44.96 9.55
C HIS C 3 -8.00 43.61 9.81
N THR C 4 -8.79 43.12 8.86
CA THR C 4 -9.37 41.78 9.00
C THR C 4 -8.70 40.99 7.86
N LEU C 5 -8.78 39.66 7.85
CA LEU C 5 -7.98 38.98 6.80
C LEU C 5 -8.32 37.52 6.47
N GLN C 6 -8.50 37.21 5.18
CA GLN C 6 -8.73 35.83 4.73
C GLN C 6 -7.48 35.23 4.09
N LEU C 7 -7.17 34.00 4.47
CA LEU C 7 -5.98 33.31 3.98
C LEU C 7 -6.32 31.92 3.46
N ALA C 8 -5.66 31.53 2.38
CA ALA C 8 -5.70 30.15 1.89
C ALA C 8 -4.26 29.69 1.74
N ILE C 9 -3.69 29.16 2.82
CA ILE C 9 -2.27 28.83 2.81
C ILE C 9 -2.00 27.36 3.09
N GLY C 10 -3.04 26.53 3.03
CA GLY C 10 -2.88 25.11 3.31
C GLY C 10 -4.22 24.46 3.53
N ASP C 11 -4.22 23.16 3.81
CA ASP C 11 -5.47 22.44 3.97
C ASP C 11 -5.83 22.22 5.43
N GLU C 12 -7.06 21.75 5.64
CA GLU C 12 -7.67 21.56 6.94
C GLU C 12 -6.77 20.82 7.93
N PRO C 13 -6.49 21.44 9.07
CA PRO C 13 -5.75 20.78 10.17
C PRO C 13 -6.52 19.63 10.77
N THR C 14 -6.37 18.43 10.21
CA THR C 14 -7.03 17.23 10.71
C THR C 14 -6.61 16.93 12.15
N GLU C 15 -7.43 16.13 12.84
CA GLU C 15 -7.17 15.65 14.20
C GLU C 15 -7.32 16.74 15.27
N GLY C 16 -6.81 17.94 15.01
CA GLY C 16 -7.02 19.03 15.95
C GLY C 16 -5.81 19.88 16.32
N PHE C 17 -5.93 20.58 17.45
CA PHE C 17 -4.88 21.47 17.94
C PHE C 17 -4.43 21.05 19.34
N ASP C 18 -3.65 19.98 19.41
CA ASP C 18 -3.11 19.50 20.68
C ASP C 18 -1.59 19.43 20.58
N PRO C 19 -0.90 20.30 21.34
CA PRO C 19 0.56 20.34 21.38
C PRO C 19 1.16 19.00 21.78
N MET C 20 0.37 18.18 22.47
CA MET C 20 0.77 16.83 22.85
C MET C 20 0.88 15.91 21.65
N LEU C 21 0.52 16.41 20.47
CA LEU C 21 0.53 15.64 19.24
C LEU C 21 1.67 16.01 18.29
N GLY C 22 2.49 16.97 18.68
CA GLY C 22 3.70 17.30 17.94
C GLY C 22 3.69 18.59 17.14
N TRP C 23 4.81 18.89 16.50
CA TRP C 23 4.95 20.13 15.74
C TRP C 23 5.01 19.84 14.24
N SER C 24 4.55 18.66 13.86
CA SER C 24 4.56 18.25 12.46
C SER C 24 3.71 19.17 11.59
N HIS C 25 2.59 19.63 12.14
CA HIS C 25 1.74 20.59 11.46
C HIS C 25 2.20 22.00 11.77
N GLY C 26 1.69 22.98 11.02
CA GLY C 26 2.10 24.35 11.21
C GLY C 26 1.02 25.20 11.84
N SER C 27 -0.19 24.67 11.91
CA SER C 27 -1.31 25.44 12.45
C SER C 27 -1.20 25.63 13.96
N TYR C 28 -0.47 24.74 14.64
CA TYR C 28 -0.38 24.82 16.09
C TYR C 28 0.33 26.12 16.46
N LEU C 29 1.26 26.55 15.62
CA LEU C 29 2.00 27.80 15.82
C LEU C 29 1.07 29.00 15.85
N LEU C 30 -0.16 28.81 15.39
CA LEU C 30 -1.18 29.85 15.41
C LEU C 30 -1.73 30.03 16.83
N LEU C 31 -1.99 28.92 17.51
CA LEU C 31 -2.69 28.98 18.80
C LEU C 31 -1.77 28.71 19.99
N HIS C 32 -0.59 28.15 19.73
CA HIS C 32 0.29 27.70 20.79
C HIS C 32 1.69 28.28 20.65
N SER C 33 2.44 28.26 21.75
CA SER C 33 3.79 28.79 21.74
C SER C 33 4.73 27.91 22.56
N PRO C 34 5.88 27.52 21.97
CA PRO C 34 6.90 26.81 22.74
C PRO C 34 7.66 27.77 23.63
N LEU C 35 8.57 27.27 24.44
CA LEU C 35 9.33 28.14 25.33
C LEU C 35 10.24 29.05 24.51
N LEU C 36 10.77 28.52 23.42
CA LEU C 36 11.72 29.23 22.58
C LEU C 36 11.21 29.41 21.16
N LYS C 37 11.72 30.42 20.48
CA LYS C 37 11.38 30.70 19.10
C LYS C 37 12.66 31.01 18.34
N GLN C 38 12.94 30.25 17.29
CA GLN C 38 14.18 30.42 16.57
C GLN C 38 14.16 31.72 15.77
N ASN C 39 15.26 32.47 15.80
CA ASN C 39 15.37 33.68 14.99
C ASN C 39 15.95 33.37 13.61
N GLU C 40 15.97 34.37 12.74
CA GLU C 40 16.42 34.16 11.37
C GLU C 40 17.93 33.88 11.22
N ASP C 41 18.73 34.28 12.20
CA ASP C 41 20.15 33.94 12.15
C ASP C 41 20.42 32.65 12.93
N PHE C 42 19.33 31.95 13.26
CA PHE C 42 19.33 30.57 13.77
C PHE C 42 19.73 30.39 15.23
N SER C 43 19.99 31.49 15.93
CA SER C 43 20.08 31.50 17.39
C SER C 43 18.68 31.37 17.96
N TRP C 44 18.55 31.39 19.28
CA TRP C 44 17.24 31.19 19.89
C TRP C 44 16.76 32.39 20.71
N ASP C 45 15.53 32.82 20.42
CA ASP C 45 14.88 33.90 21.15
C ASP C 45 13.92 33.32 22.18
N SER C 46 13.76 34.01 23.30
CA SER C 46 12.90 33.52 24.36
C SER C 46 11.58 34.30 24.41
N LEU C 47 10.48 33.61 24.20
CA LEU C 47 9.16 34.23 24.30
C LEU C 47 8.58 34.17 25.70
N LEU C 48 8.68 32.99 26.33
CA LEU C 48 8.11 32.73 27.64
C LEU C 48 9.15 32.71 28.75
N LEU C 49 10.43 32.68 28.38
CA LEU C 49 11.52 32.55 29.34
C LEU C 49 12.30 33.85 29.49
N SER C 50 12.67 34.18 30.72
CA SER C 50 13.56 35.31 30.91
C SER C 50 15.00 34.84 30.79
N GLN C 51 15.25 33.60 31.22
CA GLN C 51 16.57 32.96 31.10
C GLN C 51 16.44 31.45 31.01
N TYR C 52 17.32 30.86 30.20
CA TYR C 52 17.44 29.42 30.05
C TYR C 52 18.90 29.07 29.82
N GLN C 53 19.42 28.09 30.57
CA GLN C 53 20.84 27.79 30.54
C GLN C 53 21.06 26.31 30.74
N PRO C 54 21.80 25.70 29.81
CA PRO C 54 22.20 24.30 29.97
C PRO C 54 23.40 24.17 30.89
N SER C 55 23.53 23.01 31.52
CA SER C 55 24.70 22.72 32.34
C SER C 55 25.91 22.43 31.44
N ASP C 56 27.09 22.36 32.05
CA ASP C 56 28.31 22.13 31.30
C ASP C 56 28.29 20.81 30.53
N ASP C 57 27.64 19.79 31.08
CA ASP C 57 27.55 18.50 30.39
C ASP C 57 26.36 18.44 29.41
N GLY C 58 25.46 19.41 29.50
CA GLY C 58 24.32 19.47 28.61
C GLY C 58 23.26 18.44 28.94
N LYS C 59 23.35 17.86 30.12
CA LYS C 59 22.43 16.80 30.55
C LYS C 59 21.25 17.37 31.33
N THR C 60 21.38 18.60 31.80
CA THR C 60 20.30 19.25 32.51
C THR C 60 20.10 20.68 31.99
N TRP C 61 18.86 21.16 32.02
CA TRP C 61 18.56 22.54 31.67
C TRP C 61 17.94 23.27 32.85
N LEU C 62 18.33 24.51 33.05
CA LEU C 62 17.64 25.37 34.02
C LEU C 62 16.80 26.40 33.26
N LEU C 63 15.49 26.40 33.53
CA LEU C 63 14.57 27.30 32.85
C LEU C 63 13.92 28.25 33.83
N THR C 64 14.00 29.56 33.55
CA THR C 64 13.31 30.56 34.35
C THR C 64 12.25 31.30 33.53
N LEU C 65 11.00 31.26 34.01
CA LEU C 65 9.87 31.86 33.28
C LEU C 65 9.72 33.37 33.50
N LYS C 66 9.05 34.03 32.56
CA LYS C 66 8.62 35.41 32.73
C LYS C 66 7.46 35.49 33.74
N PRO C 67 7.41 36.60 34.50
CA PRO C 67 6.53 36.65 35.68
C PRO C 67 5.02 36.67 35.42
N ASP C 68 4.56 37.46 34.44
CA ASP C 68 3.15 37.78 34.35
C ASP C 68 2.40 36.99 33.28
N LEU C 69 2.97 35.86 32.88
CA LEU C 69 2.42 35.10 31.76
C LEU C 69 1.01 34.59 32.03
N LYS C 70 0.20 34.52 30.97
CA LYS C 70 -1.15 33.97 31.04
C LYS C 70 -1.47 33.18 29.79
N PHE C 71 -2.45 32.29 29.90
CA PHE C 71 -2.92 31.55 28.74
C PHE C 71 -3.94 32.38 27.98
N SER C 72 -4.52 31.80 26.94
CA SER C 72 -5.44 32.54 26.10
C SER C 72 -6.77 32.85 26.79
N ASP C 73 -7.09 32.10 27.85
CA ASP C 73 -8.34 32.33 28.58
C ASP C 73 -8.12 33.15 29.85
N GLY C 74 -6.89 33.66 30.00
CA GLY C 74 -6.56 34.52 31.13
C GLY C 74 -5.95 33.80 32.32
N SER C 75 -6.04 32.49 32.35
CA SER C 75 -5.46 31.71 33.45
C SER C 75 -3.93 31.84 33.44
N PRO C 76 -3.33 31.82 34.64
CA PRO C 76 -1.89 32.07 34.73
C PRO C 76 -1.06 30.90 34.22
N LEU C 77 0.08 31.21 33.62
CA LEU C 77 1.00 30.19 33.11
C LEU C 77 2.24 30.16 33.99
N THR C 78 2.48 29.06 34.67
CA THR C 78 3.60 28.97 35.59
C THR C 78 4.40 27.68 35.38
N ALA C 79 5.41 27.47 36.23
CA ALA C 79 6.27 26.30 36.15
C ALA C 79 5.50 24.97 36.12
N LYS C 80 4.42 24.90 36.89
CA LYS C 80 3.56 23.72 36.95
C LYS C 80 3.13 23.28 35.56
N ASP C 81 2.85 24.25 34.71
CA ASP C 81 2.32 23.99 33.38
C ASP C 81 3.42 23.50 32.45
N VAL C 82 4.62 24.07 32.60
CA VAL C 82 5.76 23.64 31.79
C VAL C 82 6.14 22.21 32.14
N ALA C 83 6.29 21.95 33.43
CA ALA C 83 6.64 20.61 33.90
C ALA C 83 5.58 19.60 33.51
N PHE C 84 4.31 19.98 33.63
CA PHE C 84 3.20 19.11 33.25
C PHE C 84 3.30 18.79 31.76
N THR C 85 3.60 19.83 30.98
CA THR C 85 3.69 19.71 29.53
C THR C 85 4.77 18.72 29.12
N TYR C 86 5.98 18.89 29.65
CA TYR C 86 7.10 18.04 29.26
C TYR C 86 6.96 16.61 29.81
N ASN C 87 6.53 16.49 31.06
CA ASN C 87 6.30 15.19 31.67
C ASN C 87 5.24 14.37 30.92
N ASN C 88 4.16 15.02 30.48
CA ASN C 88 3.11 14.31 29.74
C ASN C 88 3.40 14.10 28.25
N ALA C 89 4.21 14.99 27.67
CA ALA C 89 4.69 14.81 26.31
C ALA C 89 5.59 13.59 26.28
N ALA C 90 6.39 13.45 27.34
CA ALA C 90 7.30 12.33 27.50
C ALA C 90 6.55 11.01 27.47
N ALA C 91 5.36 10.99 28.07
CA ALA C 91 4.59 9.76 28.18
C ALA C 91 3.87 9.46 26.86
N SER C 92 4.34 10.07 25.77
CA SER C 92 3.82 9.85 24.42
C SER C 92 2.29 9.82 24.32
N GLY C 93 1.79 9.04 23.37
CA GLY C 93 0.36 8.94 23.12
C GLY C 93 0.10 9.95 22.04
N GLY C 94 1.11 10.07 21.17
CA GLY C 94 1.19 11.13 20.18
C GLY C 94 2.52 11.04 19.47
N LYS C 95 2.82 12.05 18.66
CA LYS C 95 4.00 12.03 17.83
C LYS C 95 5.24 12.65 18.46
N VAL C 96 5.14 13.08 19.72
CA VAL C 96 6.28 13.78 20.33
C VAL C 96 7.54 12.94 20.56
N ASP C 97 8.67 13.41 20.01
CA ASP C 97 9.97 12.78 20.22
C ASP C 97 10.77 13.62 21.21
N MET C 98 10.86 13.19 22.46
CA MET C 98 11.51 14.01 23.47
C MET C 98 13.01 13.75 23.56
N GLY C 99 13.47 12.73 22.84
CA GLY C 99 14.89 12.42 22.82
C GLY C 99 15.32 11.80 24.13
N ASN C 100 16.33 12.41 24.76
CA ASN C 100 16.91 11.86 25.98
C ASN C 100 16.27 12.39 27.27
N PHE C 101 15.08 12.97 27.15
CA PHE C 101 14.39 13.59 28.29
C PHE C 101 14.01 12.62 29.41
N LEU C 102 14.31 12.99 30.65
CA LEU C 102 13.86 12.23 31.82
C LEU C 102 12.64 12.82 32.49
N SER C 103 12.82 14.03 33.02
CA SER C 103 11.81 14.62 33.86
C SER C 103 12.00 16.12 34.01
N ALA C 104 10.94 16.77 34.45
CA ALA C 104 10.94 18.18 34.74
C ALA C 104 10.59 18.36 36.21
N GLU C 105 11.40 19.13 36.92
CA GLU C 105 11.20 19.36 38.34
C GLU C 105 10.85 20.82 38.58
N VAL C 106 9.78 21.07 39.33
CA VAL C 106 9.41 22.44 39.67
C VAL C 106 10.22 22.92 40.87
N ILE C 107 10.96 24.01 40.68
CA ILE C 107 11.70 24.62 41.79
C ILE C 107 10.82 25.63 42.54
N ASP C 108 10.26 26.58 41.80
CA ASP C 108 9.32 27.56 42.33
C ASP C 108 8.34 27.90 41.20
N PRO C 109 7.34 28.79 41.43
CA PRO C 109 6.39 29.00 40.33
C PRO C 109 6.99 29.47 38.99
N LEU C 110 8.22 29.97 38.98
CA LEU C 110 8.84 30.43 37.73
C LEU C 110 10.07 29.66 37.29
N ASN C 111 10.41 28.59 38.01
CA ASN C 111 11.63 27.85 37.67
C ASN C 111 11.41 26.34 37.52
N VAL C 112 12.01 25.78 36.46
CA VAL C 112 11.91 24.36 36.13
C VAL C 112 13.28 23.79 35.79
N ARG C 113 13.59 22.58 36.26
CA ARG C 113 14.82 21.91 35.86
C ARG C 113 14.51 20.68 35.00
N ILE C 114 15.16 20.59 33.85
CA ILE C 114 14.97 19.44 32.96
C ILE C 114 16.16 18.50 33.09
N HIS C 115 15.89 17.21 33.20
CA HIS C 115 16.93 16.18 33.28
C HIS C 115 16.93 15.32 32.02
N LEU C 116 18.10 15.06 31.47
CA LEU C 116 18.21 14.18 30.31
C LEU C 116 18.97 12.86 30.63
N LYS C 117 18.71 11.82 29.83
CA LYS C 117 19.38 10.51 29.98
C LYS C 117 20.86 10.58 29.65
N ALA C 118 21.17 11.35 28.61
CA ALA C 118 22.49 11.41 28.03
C ALA C 118 22.62 12.76 27.33
N PRO C 119 23.85 13.15 26.93
CA PRO C 119 23.94 14.42 26.22
C PRO C 119 23.08 14.44 24.95
N GLN C 120 22.41 15.56 24.72
CA GLN C 120 21.62 15.76 23.52
C GLN C 120 21.73 17.23 23.13
N SER C 121 22.54 17.51 22.12
CA SER C 121 22.79 18.87 21.68
C SER C 121 21.57 19.45 20.98
N THR C 122 20.70 18.57 20.49
CA THR C 122 19.52 18.98 19.74
C THR C 122 18.32 19.25 20.64
N PHE C 123 18.49 19.16 21.96
CA PHE C 123 17.35 19.32 22.86
C PHE C 123 16.78 20.72 22.83
N VAL C 124 17.58 21.69 22.43
CA VAL C 124 17.10 23.07 22.31
C VAL C 124 15.94 23.07 21.29
N ASN C 125 16.04 22.21 20.29
CA ASN C 125 15.00 22.11 19.26
C ASN C 125 13.69 21.58 19.85
N VAL C 126 13.77 20.83 20.95
CA VAL C 126 12.57 20.43 21.67
C VAL C 126 11.96 21.64 22.38
N LEU C 127 12.84 22.45 22.95
CA LEU C 127 12.41 23.63 23.69
C LEU C 127 11.72 24.64 22.77
N GLY C 128 12.14 24.68 21.52
CA GLY C 128 11.57 25.59 20.55
C GLY C 128 10.51 24.95 19.66
N SER C 129 9.96 23.83 20.12
CA SER C 129 8.97 23.09 19.34
C SER C 129 7.72 22.73 20.13
N LEU C 130 7.92 22.19 21.34
CA LEU C 130 6.81 21.73 22.16
C LEU C 130 6.01 22.89 22.76
N GLY C 131 4.76 23.02 22.35
CA GLY C 131 3.88 24.08 22.82
C GLY C 131 3.45 23.80 24.24
N ILE C 132 3.31 24.86 25.04
CA ILE C 132 2.96 24.73 26.45
C ILE C 132 1.46 24.56 26.64
N VAL C 133 1.09 23.65 27.53
CA VAL C 133 -0.29 23.32 27.81
C VAL C 133 -0.65 23.61 29.28
N SER C 134 -1.91 23.96 29.55
CA SER C 134 -2.34 24.25 30.92
C SER C 134 -2.60 22.97 31.70
N ALA C 135 -1.91 22.83 32.83
CA ALA C 135 -2.03 21.63 33.67
C ALA C 135 -3.44 21.47 34.24
N ASP C 136 -3.99 22.56 34.78
CA ASP C 136 -5.32 22.53 35.40
C ASP C 136 -6.43 22.24 34.39
N LYS C 137 -6.31 22.84 33.21
CA LYS C 137 -7.39 22.84 32.24
C LYS C 137 -7.19 21.85 31.11
N TYR C 138 -6.29 20.89 31.28
CA TYR C 138 -6.04 19.93 30.21
C TYR C 138 -6.95 18.71 30.30
N ASN C 139 -7.66 18.46 29.20
CA ASN C 139 -8.43 17.25 29.02
C ASN C 139 -8.10 16.71 27.64
N ALA C 140 -7.71 15.44 27.58
CA ALA C 140 -7.19 14.84 26.36
C ALA C 140 -8.14 14.95 25.17
N LYS C 141 -9.39 14.55 25.39
CA LYS C 141 -10.39 14.53 24.34
C LYS C 141 -10.88 15.91 23.90
N THR C 142 -11.09 16.80 24.86
CA THR C 142 -11.66 18.13 24.58
C THR C 142 -10.63 19.16 24.09
N TYR C 143 -9.37 19.00 24.47
CA TYR C 143 -8.36 20.04 24.25
C TYR C 143 -8.07 20.28 22.78
N ALA C 144 -8.06 19.22 21.97
CA ALA C 144 -7.86 19.37 20.54
C ALA C 144 -8.99 20.22 19.95
N GLN C 145 -10.20 20.01 20.46
CA GLN C 145 -11.40 20.71 19.98
C GLN C 145 -11.58 22.12 20.53
N LYS C 146 -11.20 22.33 21.80
CA LYS C 146 -11.31 23.65 22.43
C LYS C 146 -10.00 24.00 23.13
N PRO C 147 -8.96 24.34 22.34
CA PRO C 147 -7.62 24.53 22.89
C PRO C 147 -7.41 25.81 23.70
N ILE C 148 -6.48 25.73 24.64
CA ILE C 148 -6.01 26.86 25.42
C ILE C 148 -4.51 26.97 25.18
N GLY C 149 -4.02 28.15 24.82
CA GLY C 149 -2.64 28.25 24.40
C GLY C 149 -1.97 29.57 24.73
N ALA C 150 -0.67 29.64 24.42
CA ALA C 150 0.12 30.84 24.61
C ALA C 150 0.49 31.47 23.27
N GLY C 151 -0.21 31.07 22.21
CA GLY C 151 0.07 31.56 20.87
C GLY C 151 -0.43 32.98 20.65
N PRO C 152 -0.15 33.55 19.47
CA PRO C 152 -0.52 34.93 19.15
C PRO C 152 -2.02 35.09 18.92
N TYR C 153 -2.69 33.98 18.62
CA TYR C 153 -4.11 33.98 18.31
C TYR C 153 -4.86 32.93 19.13
N ARG C 154 -6.17 33.06 19.19
CA ARG C 154 -6.98 32.06 19.88
C ARG C 154 -8.17 31.70 19.04
N LEU C 155 -8.60 30.45 19.15
CA LEU C 155 -9.66 29.91 18.30
C LEU C 155 -11.02 30.56 18.55
N VAL C 156 -11.71 30.92 17.47
CA VAL C 156 -13.08 31.42 17.57
C VAL C 156 -14.06 30.36 17.07
N SER C 157 -13.84 29.84 15.87
CA SER C 157 -14.71 28.76 15.36
C SER C 157 -14.03 27.84 14.35
N PHE C 158 -14.52 26.61 14.22
CA PHE C 158 -13.99 25.69 13.23
C PHE C 158 -15.09 24.87 12.54
N GLN C 159 -15.24 25.07 11.23
CA GLN C 159 -16.18 24.28 10.45
C GLN C 159 -15.40 23.43 9.45
N PRO C 160 -15.38 22.11 9.69
CA PRO C 160 -14.61 21.15 8.90
C PRO C 160 -14.92 21.26 7.42
N GLY C 161 -13.87 21.27 6.60
CA GLY C 161 -14.03 21.37 5.15
C GLY C 161 -14.53 22.73 4.68
N GLN C 162 -14.64 23.67 5.61
CA GLN C 162 -15.10 25.02 5.29
C GLN C 162 -14.09 26.08 5.71
N GLN C 163 -14.07 26.38 7.01
CA GLN C 163 -13.29 27.53 7.50
C GLN C 163 -12.79 27.38 8.93
N MET C 164 -11.86 28.25 9.30
CA MET C 164 -11.35 28.33 10.66
C MET C 164 -11.21 29.80 11.02
N ILE C 165 -11.85 30.23 12.11
CA ILE C 165 -11.82 31.62 12.51
C ILE C 165 -11.05 31.80 13.82
N VAL C 166 -10.08 32.71 13.82
CA VAL C 166 -9.30 33.02 15.02
C VAL C 166 -9.18 34.53 15.26
N GLU C 167 -8.98 34.88 16.53
CA GLU C 167 -8.80 36.28 16.91
C GLU C 167 -7.51 36.42 17.72
N ALA C 168 -6.98 37.63 17.77
CA ALA C 168 -5.75 37.90 18.50
C ALA C 168 -5.87 37.55 19.98
N ASN C 169 -4.84 36.92 20.52
CA ASN C 169 -4.79 36.56 21.93
C ASN C 169 -4.38 37.77 22.76
N PRO C 170 -5.29 38.27 23.60
CA PRO C 170 -5.06 39.48 24.41
C PRO C 170 -3.95 39.31 25.44
N TYR C 171 -3.66 38.06 25.79
CA TYR C 171 -2.68 37.72 26.80
C TYR C 171 -1.34 37.31 26.19
N TYR C 172 -1.23 37.47 24.86
CA TYR C 172 -0.02 37.07 24.14
C TYR C 172 1.21 37.77 24.68
N ALA C 173 2.26 37.00 24.96
CA ALA C 173 3.43 37.55 25.61
C ALA C 173 4.41 38.16 24.62
N GLY C 174 4.13 37.97 23.33
CA GLY C 174 5.04 38.43 22.30
C GLY C 174 4.60 39.72 21.63
N ASN C 175 5.08 39.92 20.40
CA ASN C 175 4.79 41.12 19.63
C ASN C 175 3.42 41.07 18.96
N LYS C 176 2.64 42.13 19.13
CA LYS C 176 1.33 42.23 18.48
C LYS C 176 1.47 42.68 17.03
N ASN C 177 0.72 42.06 16.13
CA ASN C 177 0.73 42.49 14.74
C ASN C 177 -0.46 43.38 14.41
N ASP C 178 -0.63 43.73 13.15
CA ASP C 178 -1.64 44.71 12.77
C ASP C 178 -3.00 44.08 12.46
N PHE C 179 -3.13 42.77 12.72
CA PHE C 179 -4.35 42.06 12.34
C PHE C 179 -5.04 41.38 13.51
N ASP C 180 -6.16 41.96 13.93
CA ASP C 180 -6.94 41.45 15.06
C ASP C 180 -7.69 40.17 14.75
N LYS C 181 -8.05 39.95 13.49
CA LYS C 181 -8.84 38.77 13.15
C LYS C 181 -8.48 38.13 11.81
N LEU C 182 -8.42 36.79 11.86
CA LEU C 182 -8.01 36.01 10.71
C LEU C 182 -8.98 34.87 10.45
N ILE C 183 -9.26 34.66 9.18
CA ILE C 183 -10.11 33.56 8.75
C ILE C 183 -9.33 32.75 7.71
N PHE C 184 -9.22 31.45 7.95
CA PHE C 184 -8.53 30.53 7.04
C PHE C 184 -9.52 29.67 6.31
N VAL C 185 -9.44 29.69 4.99
CA VAL C 185 -10.32 28.91 4.15
C VAL C 185 -9.54 27.69 3.66
N PHE C 186 -10.22 26.56 3.56
CA PHE C 186 -9.58 25.32 3.15
C PHE C 186 -9.95 25.01 1.71
N LEU C 187 -9.02 25.26 0.80
CA LEU C 187 -9.31 25.08 -0.62
C LEU C 187 -8.17 24.35 -1.32
N ASP C 188 -8.53 23.63 -2.38
CA ASP C 188 -7.53 23.06 -3.27
C ASP C 188 -6.91 24.22 -4.06
N GLU C 189 -5.69 24.00 -4.53
CA GLU C 189 -4.88 25.06 -5.13
C GLU C 189 -5.56 25.87 -6.24
N ASP C 190 -6.33 25.19 -7.09
CA ASP C 190 -6.94 25.85 -8.24
C ASP C 190 -8.09 26.77 -7.82
N SER C 191 -8.95 26.28 -6.94
CA SER C 191 -10.04 27.10 -6.42
C SER C 191 -9.48 28.26 -5.61
N ALA C 192 -8.32 28.02 -5.00
CA ALA C 192 -7.60 29.06 -4.25
C ALA C 192 -7.16 30.20 -5.17
N PHE C 193 -6.47 29.84 -6.25
CA PHE C 193 -6.06 30.83 -7.25
C PHE C 193 -7.28 31.56 -7.82
N ALA C 194 -8.34 30.81 -8.09
CA ALA C 194 -9.57 31.37 -8.64
C ALA C 194 -10.18 32.41 -7.70
N ALA C 195 -10.18 32.09 -6.41
CA ALA C 195 -10.70 33.01 -5.39
C ALA C 195 -9.78 34.20 -5.23
N ALA C 196 -8.49 33.99 -5.49
CA ALA C 196 -7.51 35.08 -5.45
C ALA C 196 -7.85 36.10 -6.52
N GLN C 197 -8.04 35.60 -7.75
CA GLN C 197 -8.48 36.42 -8.88
C GLN C 197 -9.79 37.17 -8.61
N SER C 198 -10.73 36.50 -7.97
CA SER C 198 -12.03 37.11 -7.65
C SER C 198 -11.93 38.16 -6.55
N GLY C 199 -10.74 38.33 -5.99
CA GLY C 199 -10.52 39.32 -4.94
C GLY C 199 -11.14 38.89 -3.64
N GLN C 200 -11.25 37.58 -3.44
CA GLN C 200 -11.81 37.02 -2.23
C GLN C 200 -10.77 36.79 -1.12
N LEU C 201 -9.51 36.62 -1.51
CA LEU C 201 -8.48 36.30 -0.55
C LEU C 201 -7.44 37.40 -0.37
N GLY C 202 -6.91 37.51 0.84
CA GLY C 202 -5.87 38.48 1.15
C GLY C 202 -4.49 37.86 1.07
N VAL C 203 -4.37 36.58 1.44
CA VAL C 203 -3.11 35.85 1.29
C VAL C 203 -3.40 34.44 0.79
N VAL C 204 -2.67 34.01 -0.22
CA VAL C 204 -2.85 32.67 -0.77
C VAL C 204 -1.50 32.07 -1.19
N ARG C 205 -1.25 30.82 -0.80
CA ARG C 205 -0.04 30.12 -1.22
C ARG C 205 -0.18 29.58 -2.65
N ILE C 206 0.81 29.86 -3.48
CA ILE C 206 0.84 29.36 -4.86
C ILE C 206 2.13 28.57 -5.07
N PRO C 207 2.13 27.65 -6.05
CA PRO C 207 3.36 26.89 -6.31
C PRO C 207 4.45 27.77 -6.90
N PRO C 208 5.71 27.53 -6.48
CA PRO C 208 6.83 28.30 -7.02
C PRO C 208 7.01 27.99 -8.50
N SER C 209 6.43 26.88 -8.91
CA SER C 209 6.53 26.38 -10.27
C SER C 209 5.59 27.04 -11.26
N MET C 210 4.69 27.89 -10.78
CA MET C 210 3.73 28.51 -11.69
C MET C 210 3.11 29.78 -11.14
N ALA C 211 1.94 30.12 -11.68
CA ALA C 211 1.28 31.40 -11.44
C ALA C 211 2.29 32.51 -11.65
N VAL C 212 2.80 32.58 -12.88
CA VAL C 212 3.88 33.48 -13.24
C VAL C 212 3.36 34.88 -13.56
N GLY C 213 2.12 34.97 -14.00
CA GLY C 213 1.55 36.26 -14.35
C GLY C 213 0.91 37.07 -13.25
N SER C 214 0.50 38.29 -13.61
CA SER C 214 -0.10 39.27 -12.70
C SER C 214 -1.50 38.90 -12.20
N VAL C 215 -1.74 39.13 -10.92
CA VAL C 215 -3.08 39.05 -10.36
C VAL C 215 -3.46 40.42 -9.83
N ASN C 216 -4.66 40.88 -10.17
CA ASN C 216 -5.09 42.24 -9.85
C ASN C 216 -5.05 42.56 -8.37
N ASN C 217 -4.40 43.67 -8.05
CA ASN C 217 -4.33 44.19 -6.70
C ASN C 217 -3.68 43.22 -5.73
N MET C 218 -2.77 42.38 -6.22
CA MET C 218 -1.97 41.51 -5.36
C MET C 218 -0.50 41.50 -5.76
N LYS C 219 0.33 41.09 -4.81
CA LYS C 219 1.78 41.16 -4.93
C LYS C 219 2.40 39.80 -4.59
N LEU C 220 3.49 39.48 -5.29
CA LEU C 220 4.15 38.19 -5.13
C LEU C 220 5.27 38.24 -4.10
N TRP C 221 5.15 37.36 -3.10
CA TRP C 221 6.15 37.19 -2.07
C TRP C 221 6.93 35.89 -2.24
N VAL C 222 8.25 36.00 -2.20
CA VAL C 222 9.12 34.84 -2.26
C VAL C 222 9.84 34.69 -0.92
N ARG C 223 9.54 33.61 -0.23
CA ARG C 223 10.09 33.33 1.09
C ARG C 223 11.17 32.25 1.01
N PRO C 224 12.32 32.50 1.66
CA PRO C 224 13.36 31.45 1.74
C PRO C 224 12.84 30.23 2.49
N SER C 225 13.36 29.05 2.17
CA SER C 225 12.86 27.82 2.76
C SER C 225 13.93 26.74 2.89
N VAL C 226 13.75 25.84 3.85
CA VAL C 226 14.67 24.72 4.03
C VAL C 226 14.27 23.53 3.16
N GLU C 227 13.06 23.58 2.62
CA GLU C 227 12.54 22.56 1.71
C GLU C 227 13.49 22.37 0.54
N ASN C 228 13.84 21.13 0.25
CA ASN C 228 14.78 20.87 -0.84
C ASN C 228 14.37 19.72 -1.75
N ARG C 229 15.13 19.53 -2.82
CA ARG C 229 14.96 18.43 -3.73
C ARG C 229 16.33 17.80 -4.00
N GLY C 230 16.39 16.47 -3.98
CA GLY C 230 17.63 15.77 -4.23
C GLY C 230 17.43 14.34 -4.72
N ILE C 231 18.48 13.75 -5.27
CA ILE C 231 18.44 12.35 -5.69
C ILE C 231 19.28 11.47 -4.78
N VAL C 232 18.70 10.38 -4.29
CA VAL C 232 19.45 9.47 -3.43
C VAL C 232 19.91 8.20 -4.18
N PHE C 233 21.20 7.88 -4.04
CA PHE C 233 21.81 6.72 -4.69
C PHE C 233 22.04 5.55 -3.75
N PRO C 234 21.80 4.33 -4.24
CA PRO C 234 22.29 3.13 -3.55
C PRO C 234 23.81 3.11 -3.55
N THR C 235 24.42 2.96 -2.38
CA THR C 235 25.88 3.05 -2.25
C THR C 235 26.49 1.66 -2.26
N THR C 236 25.65 0.64 -2.28
CA THR C 236 26.12 -0.74 -2.26
C THR C 236 25.66 -1.52 -3.50
N PRO C 237 26.45 -2.52 -3.92
CA PRO C 237 26.09 -3.38 -5.05
C PRO C 237 24.82 -4.19 -4.77
N ALA C 238 24.23 -4.77 -5.83
CA ALA C 238 22.98 -5.52 -5.71
C ALA C 238 23.17 -6.86 -5.00
N GLY C 239 22.06 -7.55 -4.73
CA GLY C 239 22.14 -8.88 -4.15
C GLY C 239 21.37 -9.10 -2.86
N LYS C 240 21.03 -8.01 -2.17
CA LYS C 240 20.21 -8.13 -0.96
C LYS C 240 18.74 -7.94 -1.22
N LYS C 241 17.96 -8.33 -0.21
CA LYS C 241 16.56 -8.04 -0.11
C LYS C 241 16.36 -7.68 1.36
N ASP C 242 15.47 -6.74 1.65
CA ASP C 242 15.26 -6.34 3.04
C ASP C 242 14.25 -7.27 3.68
N ALA C 243 13.79 -6.93 4.87
CA ALA C 243 12.85 -7.81 5.58
C ALA C 243 11.54 -7.94 4.83
N HIS C 244 11.26 -7.00 3.95
CA HIS C 244 10.02 -6.97 3.19
C HIS C 244 10.15 -7.64 1.84
N GLY C 245 11.36 -8.10 1.54
CA GLY C 245 11.63 -8.74 0.26
C GLY C 245 11.89 -7.72 -0.84
N TYR C 246 12.12 -6.47 -0.47
CA TYR C 246 12.41 -5.43 -1.44
C TYR C 246 13.90 -5.47 -1.78
N PRO C 247 14.24 -5.34 -3.07
CA PRO C 247 15.64 -5.42 -3.51
C PRO C 247 16.48 -4.25 -3.02
N ILE C 248 17.70 -4.55 -2.56
CA ILE C 248 18.63 -3.54 -2.09
C ILE C 248 19.89 -3.54 -2.95
N GLY C 249 20.28 -2.36 -3.43
CA GLY C 249 21.53 -2.20 -4.15
C GLY C 249 21.36 -1.93 -5.63
N ASN C 250 22.37 -1.31 -6.23
CA ASN C 250 22.40 -1.00 -7.66
C ASN C 250 23.84 -1.10 -8.16
N ASP C 251 24.11 -1.99 -9.10
CA ASP C 251 25.50 -2.27 -9.51
C ASP C 251 26.18 -1.10 -10.23
N VAL C 252 25.39 -0.19 -10.78
CA VAL C 252 25.95 0.98 -11.45
C VAL C 252 26.24 2.11 -10.47
N THR C 253 25.25 2.47 -9.65
CA THR C 253 25.41 3.61 -8.75
C THR C 253 26.30 3.26 -7.55
N ALA C 254 26.63 1.99 -7.41
CA ALA C 254 27.58 1.56 -6.38
C ALA C 254 28.96 2.16 -6.62
N ASP C 255 29.26 2.49 -7.88
CA ASP C 255 30.54 3.09 -8.22
C ASP C 255 30.49 4.58 -7.91
N VAL C 256 31.42 5.04 -7.07
CA VAL C 256 31.40 6.43 -6.60
C VAL C 256 31.58 7.40 -7.77
N ALA C 257 32.26 6.94 -8.82
CA ALA C 257 32.52 7.76 -9.99
C ALA C 257 31.22 8.15 -10.69
N ILE C 258 30.24 7.24 -10.68
CA ILE C 258 28.94 7.54 -11.27
C ILE C 258 28.25 8.67 -10.51
N ARG C 259 28.27 8.56 -9.18
CA ARG C 259 27.60 9.54 -8.33
C ARG C 259 28.25 10.92 -8.44
N ARG C 260 29.58 10.95 -8.43
CA ARG C 260 30.31 12.21 -8.60
C ARG C 260 30.08 12.84 -9.98
N ALA C 261 30.12 12.00 -11.01
CA ALA C 261 29.94 12.48 -12.38
C ALA C 261 28.55 13.09 -12.54
N ILE C 262 27.53 12.37 -12.06
CA ILE C 262 26.17 12.90 -12.07
C ILE C 262 26.09 14.22 -11.30
N ASN C 263 26.78 14.25 -10.15
CA ASN C 263 26.86 15.48 -9.36
C ASN C 263 27.45 16.68 -10.11
N TYR C 264 28.44 16.44 -10.97
CA TYR C 264 29.09 17.53 -11.69
C TYR C 264 28.37 17.89 -13.00
N ALA C 265 27.70 16.93 -13.60
CA ALA C 265 27.07 17.11 -14.91
C ALA C 265 25.80 17.94 -14.79
N ILE C 266 25.10 17.79 -13.68
CA ILE C 266 23.88 18.55 -13.44
C ILE C 266 24.18 20.04 -13.31
N ASN C 267 23.38 20.86 -13.97
CA ASN C 267 23.45 22.31 -13.82
C ASN C 267 22.27 22.76 -12.96
N ARG C 268 22.54 23.05 -11.69
CA ARG C 268 21.47 23.28 -10.73
C ARG C 268 20.76 24.60 -10.95
N GLN C 269 21.50 25.62 -11.36
CA GLN C 269 20.89 26.91 -11.63
C GLN C 269 19.90 26.82 -12.77
N LEU C 270 20.25 26.02 -13.77
CA LEU C 270 19.43 25.83 -14.94
C LEU C 270 18.14 25.10 -14.55
N LEU C 271 18.25 24.18 -13.60
CA LEU C 271 17.09 23.51 -13.01
C LEU C 271 16.18 24.52 -12.33
N ALA C 272 16.80 25.40 -11.55
CA ALA C 272 16.08 26.43 -10.82
C ALA C 272 15.27 27.30 -11.76
N ASP C 273 15.91 27.71 -12.86
CA ASP C 273 15.29 28.61 -13.82
C ASP C 273 14.20 27.93 -14.64
N GLN C 274 14.43 26.68 -15.04
CA GLN C 274 13.49 25.97 -15.92
C GLN C 274 12.29 25.38 -15.18
N ILE C 275 12.54 24.68 -14.08
CA ILE C 275 11.48 23.98 -13.39
C ILE C 275 10.75 24.86 -12.38
N MET C 276 11.50 25.62 -11.58
CA MET C 276 10.92 26.36 -10.46
C MET C 276 10.72 27.83 -10.74
N GLU C 277 10.87 28.23 -12.00
CA GLU C 277 10.68 29.62 -12.43
C GLU C 277 11.64 30.57 -11.71
N GLY C 278 12.83 30.06 -11.39
CA GLY C 278 13.86 30.84 -10.72
C GLY C 278 13.61 31.00 -9.23
N HIS C 279 12.56 30.34 -8.74
CA HIS C 279 12.19 30.40 -7.32
C HIS C 279 12.82 29.28 -6.51
N ALA C 280 14.01 28.84 -6.95
CA ALA C 280 14.81 27.88 -6.22
C ALA C 280 16.27 28.36 -6.21
N ILE C 281 17.09 27.78 -5.35
CA ILE C 281 18.52 28.06 -5.37
C ILE C 281 19.29 26.74 -5.46
N PRO C 282 20.46 26.76 -6.12
CA PRO C 282 21.27 25.54 -6.16
C PRO C 282 21.61 25.03 -4.76
N ALA C 283 21.47 23.73 -4.55
CA ALA C 283 21.78 23.11 -3.28
C ALA C 283 22.74 21.97 -3.52
N TYR C 284 23.87 21.98 -2.81
CA TYR C 284 24.85 20.93 -2.99
C TYR C 284 24.82 19.95 -1.83
N THR C 285 24.12 20.34 -0.77
CA THR C 285 23.94 19.50 0.40
C THR C 285 22.48 19.52 0.81
N GLY C 286 22.11 18.66 1.75
CA GLY C 286 20.75 18.62 2.27
C GLY C 286 20.47 19.69 3.31
N VAL C 287 21.54 20.38 3.73
CA VAL C 287 21.45 21.42 4.74
C VAL C 287 21.92 22.77 4.18
N GLN C 288 21.76 22.97 2.87
CA GLN C 288 22.18 24.21 2.20
C GLN C 288 21.59 25.46 2.88
N GLY C 289 22.45 26.44 3.14
CA GLY C 289 22.03 27.70 3.73
C GLY C 289 21.96 27.66 5.24
N LEU C 290 22.43 26.57 5.84
CA LEU C 290 22.34 26.42 7.29
C LEU C 290 23.73 26.44 7.95
N PRO C 291 23.79 26.83 9.24
CA PRO C 291 25.08 26.95 9.92
C PRO C 291 25.87 25.64 9.95
N TRP C 292 25.17 24.51 9.92
CA TRP C 292 25.83 23.22 10.00
C TRP C 292 26.18 22.65 8.62
N ASN C 293 26.00 23.46 7.59
CA ASN C 293 26.50 23.12 6.26
C ASN C 293 27.99 23.39 6.16
N ASN C 294 28.72 22.46 5.56
CA ASN C 294 30.14 22.66 5.33
C ASN C 294 30.36 23.77 4.31
N PRO C 295 31.15 24.79 4.68
CA PRO C 295 31.36 25.97 3.82
C PRO C 295 32.10 25.66 2.52
N ASP C 296 32.76 24.52 2.45
CA ASP C 296 33.53 24.15 1.26
C ASP C 296 32.81 23.09 0.44
N SER C 297 31.51 22.94 0.66
CA SER C 297 30.75 21.85 0.07
C SER C 297 30.26 22.16 -1.33
N ALA C 298 30.29 23.42 -1.72
CA ALA C 298 29.78 23.82 -3.03
C ALA C 298 30.74 23.39 -4.14
N ILE C 299 30.21 23.20 -5.34
CA ILE C 299 31.03 22.87 -6.52
C ILE C 299 30.64 23.72 -7.72
N LYS C 300 31.49 23.71 -8.75
CA LYS C 300 31.13 24.33 -10.03
C LYS C 300 30.51 23.27 -10.92
N ASP C 301 29.18 23.30 -11.04
CA ASP C 301 28.46 22.22 -11.69
C ASP C 301 28.15 22.53 -13.15
N GLY C 302 27.40 21.65 -13.81
CA GLY C 302 27.13 21.75 -15.23
C GLY C 302 28.39 21.61 -16.08
N ASP C 303 29.37 20.88 -15.57
CA ASP C 303 30.66 20.71 -16.24
C ASP C 303 30.79 19.31 -16.84
N ILE C 304 30.37 19.18 -18.10
CA ILE C 304 30.39 17.91 -18.82
C ILE C 304 31.78 17.27 -18.94
N ASP C 305 32.80 18.07 -19.24
CA ASP C 305 34.17 17.57 -19.41
C ASP C 305 34.72 16.91 -18.14
N LYS C 306 34.51 17.56 -17.01
CA LYS C 306 34.94 17.05 -15.71
C LYS C 306 34.29 15.71 -15.41
N ALA C 307 32.97 15.65 -15.63
CA ALA C 307 32.21 14.40 -15.45
C ALA C 307 32.72 13.27 -16.34
N LYS C 308 32.89 13.58 -17.62
CA LYS C 308 33.33 12.58 -18.58
C LYS C 308 34.70 12.06 -18.16
N GLN C 309 35.56 12.96 -17.70
CA GLN C 309 36.89 12.57 -17.20
C GLN C 309 36.81 11.65 -15.99
N ILE C 310 35.96 12.00 -15.03
CA ILE C 310 35.78 11.17 -13.85
C ILE C 310 35.36 9.76 -14.27
N LEU C 311 34.44 9.69 -15.23
CA LEU C 311 33.94 8.41 -15.72
C LEU C 311 35.01 7.61 -16.47
N GLU C 312 35.84 8.33 -17.24
CA GLU C 312 36.90 7.70 -18.03
C GLU C 312 37.96 7.11 -17.12
N GLN C 313 38.38 7.91 -16.15
CA GLN C 313 39.43 7.55 -15.21
C GLN C 313 39.01 6.36 -14.34
N ALA C 314 37.70 6.11 -14.26
CA ALA C 314 37.18 5.03 -13.42
C ALA C 314 36.81 3.80 -14.24
N GLY C 315 37.08 3.84 -15.54
CA GLY C 315 36.92 2.68 -16.39
C GLY C 315 35.60 2.59 -17.12
N TRP C 316 34.85 3.69 -17.13
CA TRP C 316 33.59 3.75 -17.84
C TRP C 316 33.82 4.32 -19.25
N GLN C 317 33.69 3.46 -20.26
CA GLN C 317 34.01 3.81 -21.64
C GLN C 317 32.76 3.87 -22.49
N LEU C 318 32.75 4.75 -23.48
CA LEU C 318 31.60 4.87 -24.38
C LEU C 318 31.52 3.69 -25.33
N ASN C 319 30.39 2.98 -25.33
CA ASN C 319 30.20 1.89 -26.28
C ASN C 319 29.81 2.42 -27.64
N SER C 320 29.40 1.53 -28.53
CA SER C 320 29.01 1.92 -29.88
C SER C 320 27.68 2.69 -29.86
N GLN C 321 26.85 2.42 -28.86
CA GLN C 321 25.56 3.09 -28.71
C GLN C 321 25.70 4.48 -28.08
N GLY C 322 26.92 4.86 -27.75
CA GLY C 322 27.19 6.15 -27.14
C GLY C 322 26.89 6.17 -25.65
N THR C 323 26.76 4.98 -25.06
CA THR C 323 26.49 4.85 -23.63
C THR C 323 27.72 4.34 -22.90
N ARG C 324 27.96 4.87 -21.70
CA ARG C 324 29.09 4.44 -20.89
C ARG C 324 28.94 2.97 -20.54
N GLU C 325 30.08 2.29 -20.42
CA GLU C 325 30.08 0.85 -20.17
C GLU C 325 31.28 0.43 -19.33
N LYS C 326 31.07 -0.54 -18.44
CA LYS C 326 32.14 -1.06 -17.60
C LYS C 326 32.05 -2.57 -17.52
N ASN C 327 33.08 -3.25 -18.02
CA ASN C 327 33.09 -4.71 -18.05
C ASN C 327 31.79 -5.29 -18.62
N GLY C 328 31.31 -4.70 -19.71
CA GLY C 328 30.12 -5.21 -20.38
C GLY C 328 28.83 -4.72 -19.75
N LEU C 329 28.96 -3.93 -18.69
CA LEU C 329 27.78 -3.41 -17.98
C LEU C 329 27.59 -1.96 -18.35
N PRO C 330 26.43 -1.67 -18.96
CA PRO C 330 26.14 -0.30 -19.42
C PRO C 330 25.63 0.57 -18.30
N ALA C 331 25.99 1.85 -18.32
CA ALA C 331 25.52 2.77 -17.31
C ALA C 331 24.07 3.14 -17.61
N LYS C 332 23.16 2.24 -17.24
CA LYS C 332 21.73 2.45 -17.40
C LYS C 332 21.07 2.37 -16.05
N ILE C 333 20.47 3.47 -15.61
CA ILE C 333 19.86 3.51 -14.29
C ILE C 333 18.44 4.07 -14.36
N THR C 334 17.63 3.67 -13.40
CA THR C 334 16.24 4.09 -13.35
C THR C 334 16.02 5.09 -12.23
N LEU C 335 15.46 6.24 -12.58
CA LEU C 335 15.15 7.26 -11.60
C LEU C 335 13.68 7.17 -11.23
N TRP C 336 13.42 6.94 -9.95
CA TRP C 336 12.05 6.84 -9.46
C TRP C 336 11.56 8.14 -8.82
N TYR C 337 10.28 8.42 -9.00
CA TYR C 337 9.65 9.53 -8.28
C TYR C 337 8.16 9.24 -8.08
N THR C 338 7.55 10.03 -7.20
CA THR C 338 6.15 9.86 -6.89
C THR C 338 5.25 10.59 -7.88
N SER C 339 4.15 9.93 -8.22
CA SER C 339 3.20 10.49 -9.15
C SER C 339 2.36 11.57 -8.47
N GLY C 340 1.56 12.29 -9.26
CA GLY C 340 0.69 13.32 -8.73
C GLY C 340 1.28 14.71 -8.66
N ASP C 341 2.48 14.88 -9.20
CA ASP C 341 3.12 16.20 -9.21
C ASP C 341 3.87 16.43 -10.52
N THR C 342 3.45 17.45 -11.27
CA THR C 342 4.05 17.76 -12.56
C THR C 342 5.47 18.30 -12.46
N THR C 343 5.77 19.00 -11.37
CA THR C 343 7.07 19.63 -11.21
C THR C 343 8.14 18.56 -11.03
N ARG C 344 7.79 17.53 -10.29
CA ARG C 344 8.66 16.39 -10.07
C ARG C 344 8.92 15.69 -11.40
N ARG C 345 7.88 15.56 -12.23
CA ARG C 345 8.02 14.92 -13.52
C ARG C 345 9.01 15.68 -14.40
N ASP C 346 8.80 16.98 -14.46
CA ASP C 346 9.65 17.86 -15.26
C ASP C 346 11.08 17.79 -14.76
N LEU C 347 11.24 17.69 -13.45
CA LEU C 347 12.56 17.66 -12.83
C LEU C 347 13.30 16.38 -13.23
N ALA C 348 12.60 15.25 -13.20
CA ALA C 348 13.19 13.99 -13.64
C ALA C 348 13.61 14.03 -15.11
N GLN C 349 12.69 14.48 -15.97
CA GLN C 349 12.96 14.52 -17.40
C GLN C 349 14.17 15.41 -17.72
N ALA C 350 14.21 16.55 -17.03
CA ALA C 350 15.32 17.48 -17.18
C ALA C 350 16.62 16.80 -16.77
N LEU C 351 16.57 16.02 -15.70
CA LEU C 351 17.76 15.34 -15.22
C LEU C 351 18.28 14.33 -16.23
N ARG C 352 17.37 13.57 -16.83
CA ARG C 352 17.75 12.64 -17.89
C ARG C 352 18.47 13.37 -19.01
N SER C 353 17.88 14.48 -19.45
CA SER C 353 18.48 15.26 -20.54
C SER C 353 19.86 15.79 -20.19
N MET C 354 20.05 16.13 -18.91
CA MET C 354 21.32 16.71 -18.48
C MET C 354 22.38 15.63 -18.32
N LEU C 355 21.94 14.38 -18.12
CA LEU C 355 22.89 13.29 -17.96
C LEU C 355 23.22 12.57 -19.28
N LYS C 356 22.41 12.80 -20.32
CA LYS C 356 22.73 12.26 -21.64
C LYS C 356 24.14 12.55 -22.20
N PRO C 357 24.65 13.80 -22.05
CA PRO C 357 25.96 14.09 -22.64
C PRO C 357 27.13 13.28 -22.08
N ILE C 358 27.02 12.79 -20.85
CA ILE C 358 28.10 12.05 -20.25
C ILE C 358 27.90 10.54 -20.39
N GLY C 359 26.85 10.15 -21.11
CA GLY C 359 26.65 8.76 -21.45
C GLY C 359 25.90 7.92 -20.42
N ILE C 360 25.14 8.55 -19.54
CA ILE C 360 24.30 7.82 -18.60
C ILE C 360 22.86 7.76 -19.11
N ASP C 361 22.34 6.55 -19.28
CA ASP C 361 20.98 6.41 -19.80
C ASP C 361 20.04 6.29 -18.61
N VAL C 362 19.22 7.31 -18.42
CA VAL C 362 18.30 7.34 -17.30
C VAL C 362 16.89 7.07 -17.76
N ASP C 363 16.37 5.93 -17.37
CA ASP C 363 14.97 5.62 -17.59
C ASP C 363 14.19 6.24 -16.44
N LEU C 364 12.90 6.54 -16.65
CA LEU C 364 12.11 7.19 -15.61
C LEU C 364 10.94 6.32 -15.15
N LYS C 365 10.72 6.24 -13.84
CA LYS C 365 9.55 5.54 -13.32
C LYS C 365 8.85 6.36 -12.26
N SER C 366 7.53 6.38 -12.30
CA SER C 366 6.75 7.13 -11.32
C SER C 366 5.74 6.21 -10.67
N GLY C 367 5.33 6.52 -9.45
CA GLY C 367 4.30 5.74 -8.81
C GLY C 367 3.79 6.33 -7.51
N SER C 368 2.90 5.58 -6.86
CA SER C 368 2.44 5.94 -5.52
C SER C 368 3.54 5.66 -4.51
N TRP C 369 3.50 6.34 -3.37
CA TRP C 369 4.48 6.13 -2.31
C TRP C 369 4.67 4.66 -1.95
N GLU C 370 3.55 3.93 -1.89
CA GLU C 370 3.57 2.49 -1.65
C GLU C 370 4.40 1.78 -2.71
N THR C 371 4.33 2.26 -3.95
CA THR C 371 5.10 1.67 -5.06
C THR C 371 6.57 2.06 -4.99
N VAL C 372 6.82 3.33 -4.70
CA VAL C 372 8.16 3.85 -4.61
C VAL C 372 8.94 3.17 -3.49
N GLU C 373 8.25 2.86 -2.40
CA GLU C 373 8.84 2.14 -1.27
C GLU C 373 9.53 0.86 -1.70
N ARG C 374 8.92 0.17 -2.66
CA ARG C 374 9.42 -1.12 -3.10
C ARG C 374 10.70 -0.99 -3.91
N ASN C 375 10.82 0.08 -4.69
CA ASN C 375 11.98 0.23 -5.58
C ASN C 375 13.03 1.24 -5.12
N MET C 376 12.77 1.93 -4.01
CA MET C 376 13.63 3.06 -3.64
C MET C 376 15.01 2.62 -3.14
N HIS C 377 15.15 1.33 -2.84
CA HIS C 377 16.42 0.82 -2.33
C HIS C 377 17.32 0.24 -3.43
N ALA C 378 16.75 -0.03 -4.61
CA ALA C 378 17.52 -0.64 -5.69
C ALA C 378 17.77 0.34 -6.83
N ASN C 379 17.19 1.53 -6.74
CA ASN C 379 17.30 2.56 -7.76
C ASN C 379 17.50 3.95 -7.18
N PRO C 380 18.12 4.86 -7.96
CA PRO C 380 18.16 6.27 -7.54
C PRO C 380 16.75 6.84 -7.39
N THR C 381 16.52 7.69 -6.40
CA THR C 381 15.15 8.16 -6.19
C THR C 381 15.10 9.64 -5.87
N LEU C 382 14.11 10.32 -6.44
CA LEU C 382 13.95 11.75 -6.23
C LEU C 382 13.14 12.00 -4.97
N PHE C 383 13.75 12.72 -4.04
CA PHE C 383 13.17 13.02 -2.73
C PHE C 383 13.12 14.51 -2.40
N GLY C 384 12.10 14.87 -1.63
CA GLY C 384 12.06 16.19 -1.02
C GLY C 384 12.23 16.07 0.49
N TRP C 385 13.09 16.91 1.05
CA TRP C 385 13.35 16.92 2.49
C TRP C 385 13.50 18.35 2.97
N GLY C 386 14.32 18.56 4.00
CA GLY C 386 14.57 19.90 4.51
C GLY C 386 14.07 20.05 5.94
N SER C 387 14.89 20.63 6.79
CA SER C 387 14.56 20.77 8.21
C SER C 387 15.43 21.84 8.86
N LEU C 388 14.90 22.49 9.90
CA LEU C 388 15.68 23.46 10.67
C LEU C 388 16.46 22.77 11.78
N ASP C 389 16.30 21.45 11.86
CA ASP C 389 17.00 20.62 12.83
C ASP C 389 18.16 19.89 12.15
N PRO C 390 19.37 20.03 12.70
CA PRO C 390 20.54 19.32 12.15
C PRO C 390 20.39 17.80 12.23
N MET C 391 19.48 17.32 13.07
CA MET C 391 19.27 15.89 13.25
C MET C 391 19.00 15.17 11.93
N GLU C 392 18.50 15.92 10.94
CA GLU C 392 18.18 15.33 9.65
C GLU C 392 19.42 14.69 9.02
N LEU C 393 20.58 15.30 9.27
CA LEU C 393 21.85 14.76 8.80
C LEU C 393 22.02 13.32 9.27
N TYR C 394 21.76 13.08 10.55
CA TYR C 394 21.81 11.74 11.12
C TYR C 394 20.89 10.84 10.31
N HIS C 395 19.66 11.29 10.15
CA HIS C 395 18.66 10.51 9.43
C HIS C 395 19.08 10.22 8.00
N HIS C 396 19.87 11.12 7.41
CA HIS C 396 20.32 10.85 6.06
C HIS C 396 21.51 9.88 6.08
N TYR C 397 22.40 10.05 7.05
CA TYR C 397 23.74 9.48 6.91
C TYR C 397 24.19 8.50 7.98
N SER C 398 23.38 8.27 9.00
CA SER C 398 23.74 7.29 10.03
C SER C 398 23.57 5.88 9.48
N SER C 399 24.52 5.00 9.77
CA SER C 399 24.41 3.62 9.32
C SER C 399 23.25 2.94 10.03
N ASN C 400 22.92 3.45 11.22
CA ASN C 400 21.80 2.95 12.01
C ASN C 400 20.45 3.27 11.37
N ALA C 401 20.41 4.27 10.50
CA ALA C 401 19.14 4.72 9.91
C ALA C 401 18.81 4.02 8.58
N ALA C 402 19.72 3.18 8.10
CA ALA C 402 19.57 2.52 6.80
C ALA C 402 18.29 1.69 6.71
N GLY C 403 17.40 2.06 5.80
CA GLY C 403 16.19 1.29 5.58
C GLY C 403 15.11 1.55 6.61
N VAL C 404 15.33 2.55 7.46
CA VAL C 404 14.33 2.94 8.47
C VAL C 404 13.38 3.98 7.91
N GLU C 405 12.14 3.57 7.65
CA GLU C 405 11.15 4.42 6.98
C GLU C 405 11.67 4.88 5.63
N TYR C 406 11.71 6.19 5.43
CA TYR C 406 12.17 6.78 4.18
C TYR C 406 13.59 7.30 4.32
N TYR C 407 14.18 7.12 5.50
CA TYR C 407 15.52 7.63 5.77
C TYR C 407 16.61 6.68 5.26
N ASN C 408 17.71 7.26 4.78
CA ASN C 408 18.85 6.51 4.25
C ASN C 408 18.47 5.28 3.44
N PRO C 409 17.67 5.48 2.38
CA PRO C 409 17.20 4.31 1.63
C PRO C 409 18.31 3.64 0.85
N GLY C 410 19.42 4.34 0.64
CA GLY C 410 20.52 3.80 -0.14
C GLY C 410 21.49 3.01 0.70
N TYR C 411 21.11 2.75 1.96
CA TYR C 411 21.92 1.97 2.89
C TYR C 411 23.35 2.48 2.93
N TYR C 412 23.50 3.78 3.12
CA TYR C 412 24.82 4.38 3.25
C TYR C 412 25.44 4.09 4.62
N LYS C 413 26.66 3.56 4.65
CA LYS C 413 27.33 3.29 5.92
C LYS C 413 28.80 3.68 5.87
N ASN C 414 29.17 4.65 6.70
CA ASN C 414 30.54 5.14 6.83
C ASN C 414 30.86 5.43 8.27
N PRO C 415 31.72 4.60 8.88
CA PRO C 415 32.05 4.66 10.31
C PRO C 415 32.61 6.01 10.76
N MET C 416 33.33 6.71 9.88
CA MET C 416 33.85 8.02 10.25
C MET C 416 32.71 9.02 10.32
N VAL C 417 31.80 8.92 9.36
CA VAL C 417 30.60 9.76 9.36
C VAL C 417 29.77 9.50 10.61
N ASP C 418 29.61 8.21 10.97
CA ASP C 418 28.88 7.82 12.17
C ASP C 418 29.52 8.43 13.41
N LYS C 419 30.86 8.46 13.39
CA LYS C 419 31.63 9.05 14.48
C LYS C 419 31.34 10.54 14.62
N HIS C 420 31.33 11.24 13.49
CA HIS C 420 31.08 12.68 13.52
C HIS C 420 29.65 12.98 13.95
N LEU C 421 28.71 12.16 13.50
CA LEU C 421 27.33 12.30 13.91
C LEU C 421 27.19 12.13 15.41
N GLN C 422 27.80 11.09 15.98
CA GLN C 422 27.66 10.87 17.41
C GLN C 422 28.37 11.96 18.22
N GLN C 423 29.53 12.40 17.75
CA GLN C 423 30.20 13.54 18.37
C GLN C 423 29.32 14.78 18.38
N ALA C 424 28.61 14.99 17.28
CA ALA C 424 27.73 16.14 17.14
C ALA C 424 26.54 16.05 18.09
N LEU C 425 25.98 14.85 18.21
CA LEU C 425 24.84 14.64 19.09
C LEU C 425 25.21 14.77 20.56
N ASP C 426 26.41 14.30 20.91
CA ASP C 426 26.82 14.25 22.31
C ASP C 426 27.45 15.55 22.80
N ALA C 427 27.63 16.52 21.90
CA ALA C 427 28.20 17.80 22.29
C ALA C 427 27.30 18.48 23.33
N PRO C 428 27.90 19.14 24.32
CA PRO C 428 27.13 19.74 25.41
C PRO C 428 26.20 20.87 24.93
N THR C 429 26.59 21.60 23.90
CA THR C 429 25.75 22.65 23.34
C THR C 429 25.65 22.52 21.81
N TRP C 430 24.62 23.11 21.24
CA TRP C 430 24.42 23.05 19.79
C TRP C 430 25.51 23.82 19.05
N GLN C 431 26.03 24.88 19.67
CA GLN C 431 27.11 25.66 19.09
C GLN C 431 28.35 24.80 18.90
N GLN C 432 28.68 24.01 19.93
CA GLN C 432 29.81 23.11 19.89
C GLN C 432 29.53 21.94 18.95
N ALA C 433 28.25 21.62 18.78
CA ALA C 433 27.85 20.53 17.91
C ALA C 433 28.07 20.89 16.46
N VAL C 434 27.84 22.16 16.11
CA VAL C 434 27.90 22.61 14.72
C VAL C 434 29.15 22.18 13.92
N PRO C 435 30.37 22.32 14.50
CA PRO C 435 31.54 21.91 13.71
C PRO C 435 31.57 20.41 13.37
N PHE C 436 30.95 19.58 14.19
CA PHE C 436 30.92 18.14 13.96
C PHE C 436 29.92 17.79 12.85
N TRP C 437 28.80 18.51 12.78
CA TRP C 437 27.82 18.33 11.72
C TRP C 437 28.44 18.61 10.36
N GLN C 438 29.34 19.59 10.35
CA GLN C 438 30.02 20.00 9.13
C GLN C 438 31.01 18.93 8.65
N GLN C 439 31.54 18.14 9.59
CA GLN C 439 32.50 17.10 9.26
C GLN C 439 31.83 15.97 8.46
N VAL C 440 30.50 15.92 8.51
CA VAL C 440 29.74 14.86 7.86
C VAL C 440 29.88 14.95 6.33
N ASP C 441 29.93 16.17 5.80
CA ASP C 441 30.16 16.35 4.37
C ASP C 441 31.58 15.89 4.00
N TRP C 442 32.56 16.38 4.75
CA TRP C 442 33.98 16.12 4.47
C TRP C 442 34.84 16.51 5.66
N ASP C 443 35.65 15.57 6.14
CA ASP C 443 36.52 15.86 7.29
C ASP C 443 37.98 16.02 6.87
N GLY C 444 38.23 16.02 5.57
CA GLY C 444 39.58 16.12 5.03
C GLY C 444 40.10 14.81 4.46
N THR C 445 39.41 13.72 4.79
CA THR C 445 39.80 12.38 4.34
C THR C 445 38.61 11.62 3.74
N THR C 446 37.49 11.62 4.46
CA THR C 446 36.26 10.99 3.96
C THR C 446 35.03 11.79 4.38
N GLY C 447 33.89 11.44 3.81
CA GLY C 447 32.64 12.13 4.11
C GLY C 447 31.48 11.69 3.22
N ALA C 448 30.29 12.19 3.49
CA ALA C 448 29.11 11.80 2.71
C ALA C 448 28.89 12.72 1.51
N GLY C 449 29.69 13.79 1.41
CA GLY C 449 29.49 14.79 0.39
C GLY C 449 30.13 14.45 -0.95
N ILE C 450 30.17 15.43 -1.85
CA ILE C 450 30.63 15.19 -3.23
C ILE C 450 32.12 14.83 -3.27
N ARG C 451 32.90 15.50 -2.43
CA ARG C 451 34.31 15.20 -2.31
C ARG C 451 34.53 13.78 -1.78
N GLY C 452 33.52 13.25 -1.11
CA GLY C 452 33.62 11.93 -0.51
C GLY C 452 32.82 10.89 -1.26
N ASP C 453 31.99 10.15 -0.53
CA ASP C 453 31.24 9.04 -1.10
C ASP C 453 30.09 9.47 -2.00
N ALA C 454 29.68 10.73 -1.88
CA ALA C 454 28.60 11.30 -2.70
C ALA C 454 27.33 10.46 -2.65
N ALA C 455 26.76 10.30 -1.46
CA ALA C 455 25.58 9.48 -1.29
C ALA C 455 24.36 10.02 -2.04
N TRP C 456 24.33 11.33 -2.23
CA TRP C 456 23.22 12.03 -2.88
C TRP C 456 23.72 12.87 -4.07
N ALA C 457 22.80 13.23 -4.95
CA ALA C 457 23.00 14.38 -5.85
C ALA C 457 21.96 15.43 -5.49
N TRP C 458 22.30 16.29 -4.54
CA TRP C 458 21.35 17.30 -4.09
C TRP C 458 21.14 18.32 -5.20
N LEU C 459 19.89 18.69 -5.41
CA LEU C 459 19.53 19.52 -6.55
C LEU C 459 19.21 20.95 -6.14
N LEU C 460 18.15 21.13 -5.36
CA LEU C 460 17.65 22.48 -5.12
C LEU C 460 17.17 22.74 -3.71
N ASN C 461 17.18 24.01 -3.33
CA ASN C 461 16.37 24.50 -2.22
C ASN C 461 15.22 25.31 -2.79
N ILE C 462 14.01 24.88 -2.48
CA ILE C 462 12.81 25.53 -3.00
C ILE C 462 12.50 26.79 -2.19
N GLN C 463 12.03 27.83 -2.86
CA GLN C 463 11.52 29.00 -2.17
C GLN C 463 10.01 28.95 -2.25
N HIS C 464 9.33 29.46 -1.22
CA HIS C 464 7.87 29.40 -1.19
C HIS C 464 7.27 30.67 -1.76
N THR C 465 6.15 30.54 -2.46
CA THR C 465 5.58 31.69 -3.15
C THR C 465 4.15 31.99 -2.68
N TYR C 466 3.89 33.25 -2.37
CA TYR C 466 2.60 33.68 -1.88
C TYR C 466 2.08 34.88 -2.64
N LEU C 467 0.77 34.99 -2.80
CA LEU C 467 0.17 36.19 -3.31
C LEU C 467 -0.50 36.89 -2.15
N ALA C 468 -0.25 38.18 -1.99
CA ALA C 468 -0.82 38.92 -0.87
C ALA C 468 -1.25 40.32 -1.31
N ASN C 469 -2.37 40.78 -0.77
CA ASN C 469 -2.84 42.15 -1.02
C ASN C 469 -1.70 43.16 -0.86
N ASN C 470 -1.66 44.16 -1.73
CA ASN C 470 -0.55 45.12 -1.75
C ASN C 470 -0.37 45.85 -0.43
N CYS C 471 -1.44 45.98 0.34
CA CYS C 471 -1.38 46.66 1.62
C CYS C 471 -0.87 45.76 2.75
N VAL C 472 -0.66 44.48 2.45
CA VAL C 472 -0.20 43.53 3.45
C VAL C 472 1.31 43.33 3.39
N ASP C 473 1.99 43.58 4.50
CA ASP C 473 3.41 43.33 4.61
C ASP C 473 3.61 42.10 5.48
N LEU C 474 4.09 41.02 4.87
CA LEU C 474 4.25 39.75 5.56
C LEU C 474 5.53 39.70 6.41
N GLY C 475 6.28 40.80 6.41
CA GLY C 475 7.46 40.90 7.26
C GLY C 475 8.54 39.90 6.88
N LYS C 476 9.17 39.32 7.88
CA LYS C 476 10.21 38.31 7.67
C LYS C 476 10.30 37.36 8.86
N GLY C 477 10.96 36.22 8.65
CA GLY C 477 11.14 35.22 9.68
C GLY C 477 12.19 34.22 9.24
N THR C 478 12.32 33.14 10.01
CA THR C 478 13.26 32.07 9.67
C THR C 478 12.87 31.44 8.34
N PRO C 479 13.80 30.72 7.71
CA PRO C 479 13.44 29.94 6.53
C PRO C 479 12.24 29.05 6.82
N GLU C 480 11.32 28.96 5.87
CA GLU C 480 10.08 28.22 6.10
C GLU C 480 10.31 26.71 6.09
N ILE C 481 9.60 26.01 6.96
CA ILE C 481 9.73 24.56 7.07
C ILE C 481 9.14 23.85 5.86
N HIS C 482 9.49 22.58 5.69
CA HIS C 482 8.89 21.76 4.65
C HIS C 482 7.59 21.20 5.21
N GLY C 483 6.49 21.92 4.99
CA GLY C 483 5.23 21.53 5.55
C GLY C 483 4.17 22.61 5.42
N SER C 484 2.97 22.30 5.88
CA SER C 484 1.85 23.22 5.70
C SER C 484 1.85 24.35 6.72
N TRP C 485 1.21 25.45 6.32
CA TRP C 485 0.98 26.59 7.19
C TRP C 485 2.30 27.20 7.67
N SER C 486 3.36 27.02 6.88
CA SER C 486 4.71 27.45 7.24
C SER C 486 4.86 28.97 7.37
N LEU C 487 4.10 29.72 6.57
CA LEU C 487 4.16 31.17 6.59
C LEU C 487 3.96 31.74 7.99
N LEU C 488 3.23 31.00 8.81
CA LEU C 488 2.85 31.46 10.14
C LEU C 488 4.08 31.70 11.02
N ASN C 489 5.23 31.16 10.63
CA ASN C 489 6.45 31.40 11.42
C ASN C 489 6.82 32.89 11.49
N SER C 490 6.22 33.69 10.60
CA SER C 490 6.51 35.11 10.57
C SER C 490 5.33 35.96 11.03
N ILE C 491 4.28 35.31 11.52
CA ILE C 491 2.99 35.97 11.69
C ILE C 491 3.01 37.22 12.56
N ASP C 492 3.96 37.31 13.50
CA ASP C 492 4.04 38.46 14.41
C ASP C 492 4.56 39.72 13.74
N SER C 493 5.23 39.57 12.60
CA SER C 493 5.87 40.69 11.94
C SER C 493 4.99 41.26 10.82
N TRP C 494 3.76 40.76 10.74
CA TRP C 494 2.82 41.22 9.74
C TRP C 494 2.37 42.65 10.02
N LYS C 495 2.35 43.47 8.99
CA LYS C 495 1.95 44.87 9.13
C LYS C 495 0.96 45.28 8.05
N TRP C 496 0.38 46.47 8.20
CA TRP C 496 -0.53 47.00 7.20
C TRP C 496 0.11 48.20 6.53
N THR C 497 0.36 48.06 5.23
CA THR C 497 1.19 49.00 4.46
C THR C 497 0.40 50.27 4.11
N CYS C 498 -0.88 50.28 4.47
CA CYS C 498 -1.76 51.38 4.08
C CYS C 498 -2.59 51.88 5.26
N THR D 2 -9.22 -28.84 48.96
CA THR D 2 -8.88 -28.97 50.37
C THR D 2 -8.47 -27.63 50.95
N HIS D 3 -7.27 -27.58 51.50
CA HIS D 3 -6.70 -26.35 52.02
C HIS D 3 -5.36 -26.23 51.37
N THR D 4 -5.10 -25.08 50.78
CA THR D 4 -3.93 -24.89 49.94
C THR D 4 -2.82 -24.04 50.53
N LEU D 5 -1.73 -23.96 49.79
CA LEU D 5 -0.50 -23.32 50.23
C LEU D 5 -0.57 -21.79 50.25
N GLN D 6 -0.17 -21.20 51.37
CA GLN D 6 -0.09 -19.76 51.52
C GLN D 6 1.36 -19.32 51.45
N LEU D 7 1.64 -18.23 50.74
CA LEU D 7 3.01 -17.75 50.58
C LEU D 7 3.15 -16.26 50.93
N ALA D 8 4.27 -15.91 51.54
CA ALA D 8 4.62 -14.51 51.80
C ALA D 8 5.98 -14.18 51.22
N ILE D 9 5.99 -13.74 49.96
CA ILE D 9 7.24 -13.49 49.25
C ILE D 9 7.34 -12.04 48.78
N GLY D 10 6.48 -11.18 49.33
CA GLY D 10 6.48 -9.78 48.95
C GLY D 10 5.25 -9.00 49.36
N ASP D 11 5.27 -7.71 49.02
CA ASP D 11 4.23 -6.77 49.41
C ASP D 11 3.25 -6.47 48.27
N GLU D 12 2.21 -5.69 48.59
CA GLU D 12 1.13 -5.34 47.66
C GLU D 12 1.61 -4.93 46.27
N PRO D 13 1.11 -5.62 45.23
CA PRO D 13 1.37 -5.30 43.82
C PRO D 13 0.86 -3.91 43.45
N THR D 14 1.77 -2.96 43.29
CA THR D 14 1.37 -1.61 42.94
C THR D 14 0.62 -1.56 41.62
N GLU D 15 -0.26 -0.56 41.51
CA GLU D 15 -0.97 -0.27 40.27
C GLU D 15 -1.94 -1.37 39.81
N GLY D 16 -1.51 -2.63 39.90
CA GLY D 16 -2.34 -3.75 39.50
C GLY D 16 -1.52 -4.71 38.65
N PHE D 17 -2.19 -5.52 37.84
CA PHE D 17 -1.51 -6.46 36.97
C PHE D 17 -1.79 -6.15 35.50
N ASP D 18 -1.12 -5.12 35.01
CA ASP D 18 -1.23 -4.72 33.63
C ASP D 18 0.17 -4.74 33.03
N PRO D 19 0.40 -5.66 32.08
CA PRO D 19 1.70 -5.79 31.41
C PRO D 19 2.12 -4.51 30.72
N MET D 20 1.14 -3.67 30.38
CA MET D 20 1.40 -2.36 29.79
C MET D 20 2.03 -1.39 30.78
N LEU D 21 2.18 -1.83 32.02
CA LEU D 21 2.73 -0.98 33.08
C LEU D 21 4.16 -1.38 33.42
N GLY D 22 4.65 -2.43 32.75
CA GLY D 22 6.04 -2.83 32.87
C GLY D 22 6.32 -4.08 33.67
N TRP D 23 7.60 -4.42 33.72
CA TRP D 23 8.09 -5.60 34.42
C TRP D 23 8.90 -5.24 35.66
N SER D 24 8.71 -4.01 36.13
CA SER D 24 9.38 -3.51 37.31
C SER D 24 9.01 -4.34 38.55
N HIS D 25 7.75 -4.77 38.59
CA HIS D 25 7.27 -5.66 39.65
C HIS D 25 7.51 -7.12 39.25
N GLY D 26 7.41 -8.03 40.20
CA GLY D 26 7.67 -9.43 39.92
C GLY D 26 6.42 -10.29 39.93
N SER D 27 5.32 -9.73 40.42
CA SER D 27 4.07 -10.48 40.55
C SER D 27 3.42 -10.78 39.21
N TYR D 28 3.76 -9.99 38.19
CA TYR D 28 3.14 -10.15 36.89
C TYR D 28 3.43 -11.52 36.28
N LEU D 29 4.60 -12.07 36.61
CA LEU D 29 4.99 -13.40 36.14
C LEU D 29 4.00 -14.48 36.57
N LEU D 30 3.15 -14.15 37.55
CA LEU D 30 2.12 -15.07 38.00
C LEU D 30 0.97 -15.17 37.00
N LEU D 31 0.55 -14.02 36.46
CA LEU D 31 -0.66 -13.98 35.64
C LEU D 31 -0.35 -13.84 34.16
N HIS D 32 0.88 -13.44 33.88
CA HIS D 32 1.26 -13.13 32.51
C HIS D 32 2.53 -13.86 32.10
N SER D 33 2.73 -13.95 30.80
CA SER D 33 3.92 -14.58 30.25
C SER D 33 4.40 -13.77 29.06
N PRO D 34 5.70 -13.49 29.02
CA PRO D 34 6.31 -12.83 27.87
C PRO D 34 6.50 -13.82 26.74
N LEU D 35 6.98 -13.36 25.59
CA LEU D 35 7.21 -14.24 24.46
C LEU D 35 8.34 -15.22 24.78
N LEU D 36 9.33 -14.76 25.55
CA LEU D 36 10.48 -15.58 25.85
C LEU D 36 10.63 -15.81 27.36
N LYS D 37 11.29 -16.91 27.71
CA LYS D 37 11.54 -17.29 29.10
C LYS D 37 13.00 -17.73 29.24
N GLN D 38 13.72 -17.09 30.14
CA GLN D 38 15.16 -17.33 30.30
C GLN D 38 15.47 -18.66 30.97
N ASN D 39 16.50 -19.35 30.46
CA ASN D 39 16.98 -20.59 31.05
C ASN D 39 17.99 -20.32 32.16
N GLU D 40 18.36 -21.38 32.87
CA GLU D 40 19.34 -21.26 33.95
C GLU D 40 20.71 -20.98 33.35
N ASP D 41 20.87 -21.35 32.08
CA ASP D 41 22.11 -21.12 31.35
C ASP D 41 22.08 -19.80 30.55
N PHE D 42 21.04 -19.01 30.79
CA PHE D 42 20.92 -17.62 30.31
C PHE D 42 20.59 -17.53 28.83
N SER D 43 20.48 -18.69 28.16
CA SER D 43 19.89 -18.72 26.82
C SER D 43 18.39 -18.55 26.93
N TRP D 44 17.70 -18.53 25.80
CA TRP D 44 16.27 -18.26 25.83
C TRP D 44 15.42 -19.39 25.28
N ASP D 45 14.41 -19.77 26.07
CA ASP D 45 13.43 -20.76 25.67
C ASP D 45 12.15 -20.04 25.26
N SER D 46 11.43 -20.62 24.32
CA SER D 46 10.19 -20.04 23.81
C SER D 46 8.98 -20.75 24.37
N LEU D 47 8.13 -20.01 25.07
CA LEU D 47 6.89 -20.57 25.60
C LEU D 47 5.79 -20.48 24.55
N LEU D 48 5.70 -19.33 23.89
CA LEU D 48 4.63 -19.06 22.94
C LEU D 48 5.08 -19.16 21.47
N LEU D 49 6.39 -19.22 21.24
CA LEU D 49 6.94 -19.18 19.89
C LEU D 49 7.54 -20.50 19.42
N SER D 50 7.31 -20.83 18.14
CA SER D 50 7.98 -21.96 17.51
C SER D 50 9.29 -21.47 16.92
N GLN D 51 9.32 -20.20 16.54
CA GLN D 51 10.49 -19.59 15.93
C GLN D 51 10.58 -18.11 16.28
N TYR D 52 11.80 -17.66 16.55
CA TYR D 52 12.09 -16.25 16.74
C TYR D 52 13.50 -15.99 16.25
N GLN D 53 13.66 -15.02 15.34
CA GLN D 53 14.93 -14.83 14.67
C GLN D 53 15.13 -13.37 14.25
N PRO D 54 16.28 -12.79 14.68
CA PRO D 54 16.70 -11.45 14.28
C PRO D 54 17.33 -11.44 12.89
N SER D 55 17.30 -10.28 12.22
CA SER D 55 17.98 -10.12 10.94
C SER D 55 19.47 -9.98 11.15
N ASP D 56 20.24 -10.02 10.06
CA ASP D 56 21.69 -9.95 10.12
C ASP D 56 22.20 -8.67 10.80
N ASP D 57 21.47 -7.57 10.61
CA ASP D 57 21.82 -6.29 11.23
C ASP D 57 21.23 -6.12 12.63
N GLY D 58 20.31 -7.00 12.98
CA GLY D 58 19.65 -6.94 14.28
C GLY D 58 18.57 -5.86 14.40
N LYS D 59 18.12 -5.32 13.27
CA LYS D 59 17.12 -4.25 13.28
C LYS D 59 15.70 -4.79 13.14
N THR D 60 15.57 -6.03 12.70
CA THR D 60 14.25 -6.64 12.58
C THR D 60 14.22 -8.03 13.20
N TRP D 61 13.07 -8.40 13.77
CA TRP D 61 12.89 -9.74 14.32
C TRP D 61 11.76 -10.47 13.59
N LEU D 62 11.95 -11.74 13.30
CA LEU D 62 10.85 -12.55 12.78
C LEU D 62 10.37 -13.52 13.86
N LEU D 63 9.10 -13.42 14.20
CA LEU D 63 8.52 -14.24 15.26
C LEU D 63 7.43 -15.13 14.68
N THR D 64 7.53 -16.42 14.95
CA THR D 64 6.49 -17.37 14.54
C THR D 64 5.82 -17.96 15.76
N LEU D 65 4.51 -17.84 15.83
CA LEU D 65 3.76 -18.35 16.97
C LEU D 65 3.49 -19.84 16.83
N LYS D 66 3.30 -20.51 17.96
CA LYS D 66 2.80 -21.86 17.98
C LYS D 66 1.31 -21.83 17.64
N PRO D 67 0.82 -22.86 16.95
CA PRO D 67 -0.49 -22.79 16.30
C PRO D 67 -1.71 -22.72 17.23
N ASP D 68 -1.70 -23.47 18.33
CA ASP D 68 -2.94 -23.72 19.08
C ASP D 68 -3.13 -22.88 20.34
N LEU D 69 -2.42 -21.76 20.44
CA LEU D 69 -2.41 -20.97 21.68
C LEU D 69 -3.76 -20.36 22.05
N LYS D 70 -4.00 -20.24 23.35
CA LYS D 70 -5.20 -19.58 23.89
C LYS D 70 -4.87 -18.75 25.13
N PHE D 71 -5.73 -17.79 25.46
CA PHE D 71 -5.56 -17.01 26.68
C PHE D 71 -6.16 -17.72 27.88
N SER D 72 -6.15 -17.04 29.03
CA SER D 72 -6.62 -17.63 30.28
C SER D 72 -8.13 -17.78 30.30
N ASP D 73 -8.81 -17.05 29.42
CA ASP D 73 -10.26 -17.13 29.32
C ASP D 73 -10.68 -18.05 28.17
N GLY D 74 -9.69 -18.69 27.55
CA GLY D 74 -9.94 -19.66 26.49
C GLY D 74 -9.91 -19.03 25.11
N SER D 75 -9.95 -17.70 25.06
CA SER D 75 -9.90 -16.98 23.80
C SER D 75 -8.54 -17.20 23.13
N PRO D 76 -8.53 -17.18 21.79
CA PRO D 76 -7.29 -17.52 21.08
C PRO D 76 -6.25 -16.41 21.18
N LEU D 77 -4.98 -16.81 21.22
CA LEU D 77 -3.85 -15.90 21.27
C LEU D 77 -3.13 -15.95 19.93
N THR D 78 -3.16 -14.84 19.19
CA THR D 78 -2.58 -14.82 17.85
C THR D 78 -1.67 -13.61 17.60
N ALA D 79 -1.15 -13.52 16.38
CA ALA D 79 -0.25 -12.44 15.97
C ALA D 79 -0.81 -11.06 16.24
N LYS D 80 -2.12 -10.92 16.02
CA LYS D 80 -2.83 -9.68 16.28
C LYS D 80 -2.59 -9.19 17.70
N ASP D 81 -2.59 -10.13 18.65
CA ASP D 81 -2.50 -9.78 20.06
C ASP D 81 -1.07 -9.37 20.47
N VAL D 82 -0.06 -10.07 19.97
CA VAL D 82 1.32 -9.68 20.26
C VAL D 82 1.65 -8.35 19.61
N ALA D 83 1.30 -8.21 18.33
CA ALA D 83 1.58 -6.96 17.62
C ALA D 83 0.88 -5.78 18.30
N PHE D 84 -0.37 -6.00 18.71
CA PHE D 84 -1.14 -4.98 19.41
C PHE D 84 -0.42 -4.65 20.72
N THR D 85 0.08 -5.68 21.37
CA THR D 85 0.77 -5.54 22.66
C THR D 85 1.98 -4.64 22.57
N TYR D 86 2.84 -4.90 21.59
CA TYR D 86 4.07 -4.13 21.45
C TYR D 86 3.80 -2.71 20.97
N ASN D 87 2.93 -2.59 19.97
CA ASN D 87 2.60 -1.27 19.43
C ASN D 87 1.98 -0.36 20.49
N ASN D 88 1.08 -0.92 21.28
CA ASN D 88 0.38 -0.15 22.30
C ASN D 88 1.17 0.05 23.58
N ALA D 89 2.08 -0.88 23.88
CA ALA D 89 2.95 -0.67 25.03
C ALA D 89 3.86 0.51 24.75
N ALA D 90 4.46 0.52 23.56
CA ALA D 90 5.32 1.64 23.20
C ALA D 90 4.57 2.96 23.04
N ALA D 91 3.51 2.92 22.25
CA ALA D 91 2.76 4.13 21.86
C ALA D 91 1.65 4.65 22.79
N SER D 92 1.64 4.28 24.06
CA SER D 92 0.58 4.78 24.94
C SER D 92 0.98 4.93 26.40
N GLY D 93 1.14 3.80 27.10
CA GLY D 93 1.52 3.81 28.49
C GLY D 93 2.78 4.61 28.73
N GLY D 94 3.74 4.45 27.81
CA GLY D 94 4.94 5.27 27.81
C GLY D 94 5.89 4.98 28.98
N LYS D 95 5.48 4.04 29.83
CA LYS D 95 6.23 3.70 31.03
C LYS D 95 7.27 2.64 30.69
N VAL D 96 6.83 1.66 29.91
CA VAL D 96 7.70 0.57 29.46
C VAL D 96 8.82 1.11 28.56
N ASP D 97 10.04 0.66 28.81
CA ASP D 97 11.17 1.14 28.01
C ASP D 97 11.42 0.16 26.89
N MET D 98 10.97 0.54 25.69
CA MET D 98 11.01 -0.34 24.53
C MET D 98 12.31 -0.21 23.74
N GLY D 99 13.12 0.77 24.09
CA GLY D 99 14.43 0.93 23.47
C GLY D 99 14.33 1.46 22.06
N ASN D 100 14.94 0.73 21.13
CA ASN D 100 14.97 1.16 19.75
C ASN D 100 13.80 0.62 18.92
N PHE D 101 12.74 0.19 19.59
CA PHE D 101 11.56 -0.39 18.93
C PHE D 101 10.85 0.63 18.04
N LEU D 102 10.54 0.23 16.81
CA LEU D 102 9.75 1.06 15.89
C LEU D 102 8.30 0.60 15.82
N SER D 103 8.10 -0.63 15.33
CA SER D 103 6.73 -1.09 15.09
C SER D 103 6.58 -2.60 14.93
N ALA D 104 5.37 -3.11 15.12
CA ALA D 104 5.11 -4.53 14.93
C ALA D 104 4.07 -4.77 13.85
N GLU D 105 4.40 -5.63 12.89
CA GLU D 105 3.52 -5.92 11.76
C GLU D 105 3.07 -7.36 11.71
N VAL D 106 1.77 -7.57 11.50
CA VAL D 106 1.24 -8.92 11.34
C VAL D 106 1.40 -9.42 9.91
N ILE D 107 2.09 -10.54 9.74
CA ILE D 107 2.21 -11.17 8.42
C ILE D 107 1.01 -12.09 8.19
N ASP D 108 0.80 -13.01 9.13
CA ASP D 108 -0.35 -13.92 9.12
C ASP D 108 -0.73 -14.21 10.59
N PRO D 109 -1.79 -15.00 10.85
CA PRO D 109 -2.17 -15.24 12.25
C PRO D 109 -1.09 -15.86 13.14
N LEU D 110 -0.04 -16.44 12.54
CA LEU D 110 1.03 -17.04 13.34
C LEU D 110 2.38 -16.35 13.19
N ASN D 111 2.42 -15.26 12.43
CA ASN D 111 3.70 -14.57 12.18
C ASN D 111 3.67 -13.07 12.43
N VAL D 112 4.74 -12.58 13.06
CA VAL D 112 4.90 -11.17 13.37
C VAL D 112 6.30 -10.70 13.00
N ARG D 113 6.40 -9.52 12.39
CA ARG D 113 7.69 -8.91 12.11
C ARG D 113 7.89 -7.67 12.96
N ILE D 114 9.01 -7.59 13.67
CA ILE D 114 9.33 -6.43 14.50
C ILE D 114 10.38 -5.54 13.84
N HIS D 115 10.13 -4.24 13.84
CA HIS D 115 11.05 -3.23 13.30
C HIS D 115 11.62 -2.39 14.42
N LEU D 116 12.94 -2.20 14.40
CA LEU D 116 13.63 -1.35 15.35
C LEU D 116 14.23 -0.12 14.67
N LYS D 117 14.46 0.96 15.42
CA LYS D 117 15.09 2.17 14.92
C LYS D 117 16.56 1.95 14.61
N ALA D 118 17.22 1.20 15.48
CA ALA D 118 18.67 1.02 15.44
C ALA D 118 19.03 -0.31 16.11
N PRO D 119 20.26 -0.80 15.91
CA PRO D 119 20.63 -2.06 16.57
C PRO D 119 20.52 -2.02 18.09
N GLN D 120 19.97 -3.09 18.67
CA GLN D 120 19.87 -3.24 20.11
C GLN D 120 20.05 -4.71 20.49
N SER D 121 21.23 -5.06 21.01
CA SER D 121 21.51 -6.44 21.38
C SER D 121 20.69 -6.83 22.60
N THR D 122 20.27 -5.83 23.36
CA THR D 122 19.52 -6.06 24.58
C THR D 122 18.03 -6.15 24.34
N PHE D 123 17.60 -6.10 23.08
CA PHE D 123 16.16 -6.14 22.80
C PHE D 123 15.54 -7.47 23.19
N VAL D 124 16.36 -8.51 23.24
CA VAL D 124 15.87 -9.81 23.68
C VAL D 124 15.30 -9.68 25.10
N ASN D 125 15.90 -8.78 25.89
CA ASN D 125 15.45 -8.57 27.25
C ASN D 125 14.05 -7.97 27.30
N VAL D 126 13.66 -7.28 26.24
CA VAL D 126 12.29 -6.82 26.10
C VAL D 126 11.37 -7.98 25.76
N LEU D 127 11.84 -8.87 24.88
CA LEU D 127 11.06 -10.02 24.45
C LEU D 127 10.72 -10.96 25.61
N GLY D 128 11.62 -11.05 26.57
CA GLY D 128 11.43 -11.91 27.73
C GLY D 128 10.90 -11.15 28.93
N SER D 129 10.28 -10.01 28.68
CA SER D 129 9.78 -9.18 29.77
C SER D 129 8.34 -8.72 29.53
N LEU D 130 8.07 -8.22 28.33
CA LEU D 130 6.75 -7.68 28.03
C LEU D 130 5.72 -8.79 27.88
N GLY D 131 4.75 -8.82 28.78
CA GLY D 131 3.69 -9.82 28.76
C GLY D 131 2.68 -9.56 27.65
N ILE D 132 2.16 -10.64 27.07
CA ILE D 132 1.22 -10.52 25.97
C ILE D 132 -0.20 -10.28 26.49
N VAL D 133 -0.90 -9.34 25.86
CA VAL D 133 -2.28 -9.00 26.26
C VAL D 133 -3.25 -9.24 25.10
N SER D 134 -4.52 -9.46 25.42
CA SER D 134 -5.53 -9.69 24.39
C SER D 134 -5.95 -8.37 23.74
N ALA D 135 -5.78 -8.29 22.43
CA ALA D 135 -6.11 -7.08 21.67
C ALA D 135 -7.59 -6.76 21.74
N ASP D 136 -8.40 -7.78 21.52
CA ASP D 136 -9.85 -7.63 21.48
C ASP D 136 -10.43 -7.25 22.84
N LYS D 137 -9.90 -7.84 23.89
CA LYS D 137 -10.49 -7.71 25.21
C LYS D 137 -9.73 -6.75 26.14
N TYR D 138 -8.86 -5.91 25.58
CA TYR D 138 -8.09 -5.01 26.42
C TYR D 138 -8.79 -3.67 26.65
N ASN D 139 -8.98 -3.34 27.93
CA ASN D 139 -9.43 -2.01 28.30
C ASN D 139 -8.57 -1.55 29.47
N ALA D 140 -8.01 -0.34 29.35
CA ALA D 140 -7.02 0.17 30.30
C ALA D 140 -7.49 0.13 31.75
N LYS D 141 -8.68 0.67 32.01
CA LYS D 141 -9.23 0.71 33.35
C LYS D 141 -9.65 -0.68 33.83
N THR D 142 -10.17 -1.48 32.90
CA THR D 142 -10.76 -2.77 33.23
C THR D 142 -9.73 -3.86 33.48
N TYR D 143 -8.58 -3.77 32.81
CA TYR D 143 -7.62 -4.86 32.79
C TYR D 143 -6.94 -5.07 34.14
N ALA D 144 -6.69 -3.98 34.87
CA ALA D 144 -6.04 -4.09 36.18
C ALA D 144 -6.82 -4.95 37.19
N GLN D 145 -8.14 -4.81 37.21
CA GLN D 145 -8.95 -5.61 38.13
C GLN D 145 -9.27 -7.01 37.62
N LYS D 146 -9.46 -7.16 36.32
CA LYS D 146 -9.78 -8.46 35.76
C LYS D 146 -8.91 -8.77 34.55
N PRO D 147 -7.61 -9.04 34.80
CA PRO D 147 -6.62 -9.24 33.74
C PRO D 147 -6.77 -10.58 33.02
N ILE D 148 -6.36 -10.62 31.76
CA ILE D 148 -6.31 -11.86 31.00
C ILE D 148 -4.88 -12.06 30.51
N GLY D 149 -4.34 -13.26 30.72
CA GLY D 149 -2.93 -13.49 30.45
C GLY D 149 -2.59 -14.88 29.97
N ALA D 150 -1.33 -15.09 29.64
CA ALA D 150 -0.84 -16.39 29.22
C ALA D 150 0.04 -17.02 30.29
N GLY D 151 -0.04 -16.49 31.50
CA GLY D 151 0.78 -16.95 32.60
C GLY D 151 0.29 -18.26 33.18
N PRO D 152 1.05 -18.83 34.13
CA PRO D 152 0.75 -20.15 34.71
C PRO D 152 -0.48 -20.16 35.61
N TYR D 153 -0.86 -18.99 36.12
CA TYR D 153 -2.01 -18.89 37.00
C TYR D 153 -2.95 -17.78 36.54
N ARG D 154 -4.18 -17.81 37.03
CA ARG D 154 -5.14 -16.76 36.70
C ARG D 154 -5.86 -16.30 37.96
N LEU D 155 -6.20 -15.02 38.00
CA LEU D 155 -6.74 -14.41 39.20
C LEU D 155 -8.10 -15.00 39.56
N VAL D 156 -8.26 -15.33 40.84
CA VAL D 156 -9.54 -15.79 41.36
C VAL D 156 -10.14 -14.70 42.23
N SER D 157 -9.36 -14.20 43.17
CA SER D 157 -9.81 -13.09 44.00
C SER D 157 -8.62 -12.23 44.44
N PHE D 158 -8.88 -10.96 44.71
CA PHE D 158 -7.85 -10.06 45.19
C PHE D 158 -8.42 -9.19 46.30
N GLN D 159 -7.84 -9.31 47.48
CA GLN D 159 -8.25 -8.53 48.63
C GLN D 159 -7.12 -7.59 49.05
N PRO D 160 -7.31 -6.28 48.78
CA PRO D 160 -6.31 -5.22 49.02
C PRO D 160 -5.85 -5.16 50.47
N GLY D 161 -4.54 -5.07 50.67
CA GLY D 161 -3.99 -5.02 52.02
C GLY D 161 -4.18 -6.34 52.76
N GLN D 162 -4.64 -7.37 52.05
CA GLN D 162 -4.90 -8.66 52.67
C GLN D 162 -4.14 -9.79 51.99
N GLN D 163 -4.72 -10.29 50.91
CA GLN D 163 -4.18 -11.47 50.23
C GLN D 163 -4.66 -11.54 48.78
N MET D 164 -4.09 -12.48 48.02
CA MET D 164 -4.50 -12.72 46.65
C MET D 164 -4.58 -14.21 46.37
N ILE D 165 -5.72 -14.65 45.86
CA ILE D 165 -5.92 -16.06 45.57
C ILE D 165 -5.99 -16.27 44.07
N VAL D 166 -5.16 -17.20 43.58
CA VAL D 166 -5.12 -17.51 42.15
C VAL D 166 -5.22 -19.01 41.92
N GLU D 167 -5.67 -19.39 40.72
CA GLU D 167 -5.77 -20.79 40.35
C GLU D 167 -5.03 -21.07 39.05
N ALA D 168 -4.69 -22.33 38.84
CA ALA D 168 -3.95 -22.74 37.65
C ALA D 168 -4.71 -22.42 36.38
N ASN D 169 -3.97 -21.93 35.38
CA ASN D 169 -4.53 -21.65 34.06
C ASN D 169 -4.58 -22.93 33.23
N PRO D 170 -5.80 -23.37 32.89
CA PRO D 170 -5.99 -24.61 32.14
C PRO D 170 -5.42 -24.55 30.74
N TYR D 171 -5.25 -23.33 30.24
CA TYR D 171 -4.77 -23.10 28.88
C TYR D 171 -3.28 -22.78 28.86
N TYR D 172 -2.63 -22.88 30.02
CA TYR D 172 -1.20 -22.59 30.12
C TYR D 172 -0.41 -23.49 29.18
N ALA D 173 0.50 -22.87 28.43
CA ALA D 173 1.25 -23.57 27.40
C ALA D 173 2.52 -24.23 27.94
N GLY D 174 2.84 -23.96 29.20
CA GLY D 174 4.05 -24.51 29.81
C GLY D 174 3.76 -25.67 30.73
N ASN D 175 4.69 -25.94 31.64
CA ASN D 175 4.54 -27.06 32.57
C ASN D 175 3.70 -26.73 33.80
N LYS D 176 2.77 -27.64 34.10
CA LYS D 176 1.94 -27.54 35.29
C LYS D 176 2.70 -28.03 36.52
N ASN D 177 2.55 -27.31 37.64
CA ASN D 177 3.16 -27.74 38.89
C ASN D 177 2.16 -28.49 39.75
N ASP D 178 2.54 -28.80 40.98
CA ASP D 178 1.74 -29.65 41.85
C ASP D 178 0.69 -28.87 42.64
N PHE D 179 0.51 -27.59 42.29
CA PHE D 179 -0.39 -26.72 43.04
C PHE D 179 -1.49 -26.10 42.18
N ASP D 180 -2.72 -26.61 42.35
CA ASP D 180 -3.87 -26.16 41.58
C ASP D 180 -4.25 -24.74 41.98
N LYS D 181 -3.94 -24.37 43.21
CA LYS D 181 -4.35 -23.09 43.75
C LYS D 181 -3.30 -22.53 44.69
N LEU D 182 -3.09 -21.21 44.63
CA LEU D 182 -2.09 -20.55 45.46
C LEU D 182 -2.64 -19.29 46.14
N ILE D 183 -2.20 -19.06 47.37
CA ILE D 183 -2.56 -17.86 48.11
C ILE D 183 -1.33 -17.06 48.53
N PHE D 184 -1.30 -15.78 48.16
CA PHE D 184 -0.21 -14.89 48.52
C PHE D 184 -0.65 -13.84 49.55
N VAL D 185 0.07 -13.73 50.67
CA VAL D 185 -0.34 -12.77 51.69
C VAL D 185 0.48 -11.48 51.66
N PHE D 186 -0.17 -10.35 51.89
CA PHE D 186 0.50 -9.06 51.88
C PHE D 186 0.65 -8.52 53.30
N LEU D 187 1.82 -8.74 53.89
CA LEU D 187 2.07 -8.32 55.27
C LEU D 187 3.49 -7.79 55.41
N ASP D 188 3.73 -6.95 56.41
CA ASP D 188 5.11 -6.55 56.69
C ASP D 188 5.84 -7.77 57.24
N GLU D 189 7.16 -7.80 57.07
CA GLU D 189 7.95 -8.98 57.38
C GLU D 189 7.77 -9.54 58.79
N ASP D 190 7.57 -8.68 59.78
CA ASP D 190 7.51 -9.16 61.16
C ASP D 190 6.22 -9.96 61.40
N SER D 191 5.09 -9.45 60.92
CA SER D 191 3.84 -10.16 61.04
C SER D 191 3.87 -11.44 60.21
N ALA D 192 4.60 -11.39 59.10
CA ALA D 192 4.79 -12.55 58.23
C ALA D 192 5.55 -13.67 58.94
N PHE D 193 6.71 -13.33 59.50
CA PHE D 193 7.52 -14.26 60.27
C PHE D 193 6.74 -14.82 61.46
N ALA D 194 5.99 -13.94 62.12
CA ALA D 194 5.18 -14.34 63.26
C ALA D 194 4.13 -15.38 62.84
N ALA D 195 3.52 -15.14 61.67
CA ALA D 195 2.52 -16.07 61.14
C ALA D 195 3.19 -17.38 60.70
N ALA D 196 4.45 -17.27 60.31
CA ALA D 196 5.25 -18.43 59.93
C ALA D 196 5.45 -19.34 61.13
N GLN D 197 5.88 -18.74 62.24
CA GLN D 197 6.05 -19.47 63.49
C GLN D 197 4.77 -20.22 63.87
N SER D 198 3.63 -19.58 63.69
CA SER D 198 2.33 -20.19 64.00
C SER D 198 1.96 -21.26 62.98
N GLY D 199 2.77 -21.41 61.95
CA GLY D 199 2.53 -22.43 60.93
C GLY D 199 1.38 -22.11 60.02
N GLN D 200 1.12 -20.82 59.80
CA GLN D 200 0.04 -20.40 58.91
C GLN D 200 0.52 -20.30 57.47
N LEU D 201 1.82 -20.11 57.29
CA LEU D 201 2.37 -19.90 55.96
C LEU D 201 3.24 -21.10 55.53
N GLY D 202 3.22 -21.38 54.23
CA GLY D 202 4.01 -22.48 53.69
C GLY D 202 5.35 -22.02 53.15
N VAL D 203 5.39 -20.81 52.63
CA VAL D 203 6.64 -20.19 52.17
C VAL D 203 6.65 -18.73 52.61
N VAL D 204 7.77 -18.28 53.16
CA VAL D 204 7.90 -16.91 53.61
C VAL D 204 9.31 -16.38 53.31
N ARG D 205 9.39 -15.18 52.75
CA ARG D 205 10.70 -14.57 52.52
C ARG D 205 11.23 -13.93 53.79
N ILE D 206 12.46 -14.28 54.16
CA ILE D 206 13.12 -13.76 55.35
C ILE D 206 14.46 -13.14 54.94
N PRO D 207 14.98 -12.22 55.76
CA PRO D 207 16.26 -11.61 55.39
C PRO D 207 17.44 -12.57 55.47
N PRO D 208 18.36 -12.50 54.49
CA PRO D 208 19.58 -13.31 54.52
C PRO D 208 20.47 -12.87 55.67
N SER D 209 20.16 -11.67 56.15
CA SER D 209 20.92 -10.98 57.18
C SER D 209 20.59 -11.45 58.61
N MET D 210 19.72 -12.45 58.74
CA MET D 210 19.28 -12.83 60.08
C MET D 210 19.88 -14.14 60.56
N ALA D 211 20.00 -14.23 61.88
CA ALA D 211 20.59 -15.36 62.58
C ALA D 211 19.60 -16.53 62.59
N VAL D 212 19.51 -17.22 61.46
CA VAL D 212 18.44 -18.20 61.20
C VAL D 212 18.51 -19.47 62.05
N GLY D 213 17.79 -19.46 63.17
CA GLY D 213 17.69 -20.65 64.00
C GLY D 213 16.58 -21.52 63.44
N SER D 214 16.35 -22.66 64.05
CA SER D 214 15.31 -23.57 63.56
C SER D 214 13.92 -22.96 63.72
N VAL D 215 13.10 -23.12 62.68
CA VAL D 215 11.70 -22.69 62.72
C VAL D 215 10.79 -23.90 62.53
N ASN D 216 9.72 -23.96 63.32
CA ASN D 216 8.83 -25.12 63.35
C ASN D 216 8.26 -25.48 61.99
N ASN D 217 8.44 -26.74 61.61
CA ASN D 217 7.87 -27.29 60.38
C ASN D 217 8.36 -26.55 59.14
N MET D 218 9.55 -25.96 59.21
CA MET D 218 10.10 -25.27 58.06
C MET D 218 11.57 -25.56 57.75
N LYS D 219 11.94 -25.28 56.51
CA LYS D 219 13.27 -25.56 55.97
C LYS D 219 13.75 -24.28 55.30
N LEU D 220 15.04 -23.98 55.42
CA LEU D 220 15.55 -22.76 54.83
C LEU D 220 16.14 -23.01 53.45
N TRP D 221 15.61 -22.30 52.46
CA TRP D 221 16.09 -22.36 51.09
C TRP D 221 16.90 -21.12 50.80
N VAL D 222 18.09 -21.33 50.25
CA VAL D 222 18.96 -20.24 49.84
C VAL D 222 19.06 -20.20 48.32
N ARG D 223 18.52 -19.13 47.75
CA ARG D 223 18.47 -18.99 46.30
C ARG D 223 19.52 -18.01 45.82
N PRO D 224 20.24 -18.38 44.76
CA PRO D 224 21.21 -17.44 44.16
C PRO D 224 20.51 -16.19 43.66
N SER D 225 21.22 -15.07 43.64
CA SER D 225 20.63 -13.82 43.23
C SER D 225 21.67 -12.89 42.58
N VAL D 226 21.20 -12.00 41.72
CA VAL D 226 22.09 -11.05 41.07
C VAL D 226 22.26 -9.84 41.96
N GLU D 227 21.42 -9.73 42.98
CA GLU D 227 21.50 -8.63 43.94
C GLU D 227 22.90 -8.57 44.55
N ASN D 228 23.49 -7.39 44.51
CA ASN D 228 24.85 -7.25 45.01
C ASN D 228 25.05 -6.02 45.91
N ARG D 229 26.23 -5.95 46.51
CA ARG D 229 26.59 -4.81 47.35
C ARG D 229 27.99 -4.37 46.97
N GLY D 230 28.18 -3.06 46.83
CA GLY D 230 29.49 -2.52 46.49
C GLY D 230 29.64 -1.06 46.87
N ILE D 231 30.87 -0.57 46.89
CA ILE D 231 31.13 0.84 47.15
C ILE D 231 31.66 1.56 45.90
N VAL D 232 31.03 2.68 45.57
CA VAL D 232 31.41 3.44 44.39
C VAL D 232 32.29 4.64 44.76
N PHE D 233 33.38 4.79 44.00
CA PHE D 233 34.35 5.85 44.21
C PHE D 233 34.19 7.01 43.23
N PRO D 234 34.38 8.25 43.73
CA PRO D 234 34.58 9.40 42.86
C PRO D 234 35.88 9.24 42.08
N THR D 235 35.84 9.39 40.77
CA THR D 235 37.01 9.11 39.95
C THR D 235 37.79 10.38 39.60
N THR D 236 37.22 11.53 39.95
CA THR D 236 37.83 12.82 39.62
C THR D 236 38.13 13.66 40.86
N PRO D 237 39.13 14.56 40.77
CA PRO D 237 39.45 15.47 41.87
C PRO D 237 38.31 16.44 42.18
N ALA D 238 38.35 17.06 43.36
CA ALA D 238 37.28 17.96 43.77
C ALA D 238 37.33 19.27 43.00
N GLY D 239 36.31 20.10 43.19
CA GLY D 239 36.29 21.42 42.59
C GLY D 239 35.07 21.68 41.74
N LYS D 240 34.42 20.63 41.26
CA LYS D 240 33.18 20.79 40.49
C LYS D 240 31.93 20.55 41.32
N LYS D 241 30.79 20.98 40.78
CA LYS D 241 29.48 20.72 41.37
C LYS D 241 28.47 20.38 40.28
N ASP D 242 27.47 19.55 40.59
CA ASP D 242 26.49 19.16 39.58
C ASP D 242 25.34 20.16 39.42
N ALA D 243 24.33 19.78 38.65
CA ALA D 243 23.20 20.67 38.33
C ALA D 243 22.38 21.04 39.55
N HIS D 244 22.49 20.25 40.61
CA HIS D 244 21.74 20.51 41.83
C HIS D 244 22.55 21.32 42.82
N GLY D 245 23.79 21.63 42.43
CA GLY D 245 24.70 22.35 43.29
C GLY D 245 25.38 21.44 44.30
N TYR D 246 25.30 20.14 44.07
CA TYR D 246 25.95 19.16 44.95
C TYR D 246 27.41 19.00 44.52
N PRO D 247 28.33 18.92 45.51
CA PRO D 247 29.77 18.83 45.23
C PRO D 247 30.20 17.54 44.54
N ILE D 248 31.11 17.69 43.56
CA ILE D 248 31.66 16.55 42.82
C ILE D 248 33.18 16.41 43.01
N GLY D 249 33.62 15.20 43.34
CA GLY D 249 35.04 14.88 43.38
C GLY D 249 35.63 14.64 44.74
N ASN D 250 36.72 13.87 44.77
CA ASN D 250 37.42 13.52 45.99
C ASN D 250 38.91 13.39 45.69
N ASP D 251 39.73 14.18 46.37
CA ASP D 251 41.16 14.25 46.06
C ASP D 251 41.92 12.97 46.42
N VAL D 252 41.37 12.17 47.33
CA VAL D 252 42.01 10.92 47.74
C VAL D 252 41.65 9.77 46.79
N THR D 253 40.36 9.57 46.57
CA THR D 253 39.89 8.47 45.75
C THR D 253 40.11 8.72 44.26
N ALA D 254 40.53 9.93 43.91
CA ALA D 254 40.88 10.24 42.54
C ALA D 254 42.10 9.43 42.09
N ASP D 255 42.95 9.07 43.04
CA ASP D 255 44.15 8.27 42.76
C ASP D 255 43.77 6.79 42.68
N VAL D 256 44.10 6.17 41.56
CA VAL D 256 43.73 4.79 41.29
C VAL D 256 44.39 3.82 42.28
N ALA D 257 45.53 4.24 42.82
CA ALA D 257 46.26 3.42 43.78
C ALA D 257 45.44 3.18 45.04
N ILE D 258 44.68 4.19 45.44
CA ILE D 258 43.80 4.07 46.61
C ILE D 258 42.67 3.06 46.38
N ARG D 259 42.03 3.15 45.22
CA ARG D 259 40.91 2.28 44.88
C ARG D 259 41.36 0.84 44.75
N ARG D 260 42.50 0.62 44.09
CA ARG D 260 43.09 -0.72 44.02
C ARG D 260 43.46 -1.24 45.40
N ALA D 261 44.02 -0.37 46.23
CA ALA D 261 44.43 -0.78 47.57
C ALA D 261 43.23 -1.25 48.37
N ILE D 262 42.15 -0.49 48.32
CA ILE D 262 40.90 -0.88 48.96
C ILE D 262 40.38 -2.20 48.38
N ASN D 263 40.50 -2.37 47.06
CA ASN D 263 40.12 -3.62 46.41
C ASN D 263 40.87 -4.86 46.93
N TYR D 264 42.16 -4.69 47.21
CA TYR D 264 42.99 -5.81 47.66
C TYR D 264 42.97 -6.05 49.17
N ALA D 265 42.75 -4.99 49.95
CA ALA D 265 42.84 -5.09 51.40
C ALA D 265 41.63 -5.81 52.00
N ILE D 266 40.47 -5.59 51.40
CA ILE D 266 39.23 -6.21 51.85
C ILE D 266 39.21 -7.72 51.64
N ASN D 267 38.80 -8.47 52.67
CA ASN D 267 38.60 -9.92 52.55
C ASN D 267 37.10 -10.22 52.46
N ARG D 268 36.63 -10.47 51.25
CA ARG D 268 35.20 -10.52 50.94
C ARG D 268 34.51 -11.73 51.54
N GLN D 269 35.24 -12.84 51.59
CA GLN D 269 34.72 -14.08 52.15
C GLN D 269 34.34 -13.85 53.61
N LEU D 270 35.17 -13.06 54.29
CA LEU D 270 34.94 -12.75 55.70
C LEU D 270 33.72 -11.85 55.90
N LEU D 271 33.50 -10.92 54.97
CA LEU D 271 32.26 -10.14 55.00
C LEU D 271 31.06 -11.04 54.82
N ALA D 272 31.12 -11.92 53.82
CA ALA D 272 30.01 -12.83 53.54
C ALA D 272 29.68 -13.69 54.76
N ASP D 273 30.71 -14.23 55.40
CA ASP D 273 30.56 -15.11 56.54
C ASP D 273 30.14 -14.43 57.84
N GLN D 274 30.69 -13.24 58.12
CA GLN D 274 30.41 -12.59 59.39
C GLN D 274 29.09 -11.83 59.46
N ILE D 275 28.84 -10.97 58.48
CA ILE D 275 27.63 -10.14 58.54
C ILE D 275 26.43 -10.85 57.89
N MET D 276 26.63 -11.55 56.78
CA MET D 276 25.51 -12.11 56.02
C MET D 276 25.25 -13.59 56.32
N GLU D 277 25.91 -14.12 57.35
CA GLU D 277 25.72 -15.51 57.77
C GLU D 277 26.04 -16.52 56.67
N GLY D 278 26.98 -16.18 55.81
CA GLY D 278 27.36 -17.07 54.73
C GLY D 278 26.36 -17.07 53.58
N HIS D 279 25.38 -16.18 53.67
CA HIS D 279 24.35 -16.08 52.64
C HIS D 279 24.76 -15.08 51.57
N ALA D 280 26.06 -14.91 51.39
CA ALA D 280 26.60 -14.09 50.31
C ALA D 280 27.76 -14.82 49.63
N ILE D 281 28.12 -14.37 48.43
CA ILE D 281 29.27 -14.90 47.72
C ILE D 281 30.19 -13.74 47.38
N PRO D 282 31.53 -13.95 47.43
CA PRO D 282 32.40 -12.85 47.02
C PRO D 282 32.15 -12.42 45.58
N ALA D 283 32.05 -11.11 45.37
CA ALA D 283 31.83 -10.54 44.05
C ALA D 283 32.85 -9.46 43.76
N TYR D 284 33.55 -9.58 42.64
CA TYR D 284 34.56 -8.60 42.26
C TYR D 284 34.04 -7.65 41.19
N THR D 285 32.89 -7.98 40.62
CA THR D 285 32.23 -7.11 39.66
C THR D 285 30.75 -6.97 39.99
N GLY D 286 30.07 -6.05 39.32
CA GLY D 286 28.65 -5.86 39.53
C GLY D 286 27.85 -6.91 38.78
N VAL D 287 28.54 -7.70 37.98
CA VAL D 287 27.92 -8.74 37.18
C VAL D 287 28.44 -10.14 37.51
N GLN D 288 28.91 -10.33 38.73
CA GLN D 288 29.47 -11.63 39.13
C GLN D 288 28.50 -12.80 38.89
N GLY D 289 29.01 -13.85 38.27
CA GLY D 289 28.22 -15.05 38.05
C GLY D 289 27.39 -15.02 36.78
N LEU D 290 27.63 -14.01 35.96
CA LEU D 290 26.86 -13.81 34.73
C LEU D 290 27.76 -14.03 33.51
N PRO D 291 27.16 -14.39 32.35
CA PRO D 291 27.96 -14.69 31.16
C PRO D 291 28.83 -13.54 30.67
N TRP D 292 28.40 -12.30 30.93
CA TRP D 292 29.11 -11.14 30.43
C TRP D 292 30.15 -10.65 31.43
N ASN D 293 30.41 -11.43 32.46
CA ASN D 293 31.50 -11.16 33.38
C ASN D 293 32.84 -11.56 32.78
N ASN D 294 33.84 -10.71 32.93
CA ASN D 294 35.21 -11.05 32.52
C ASN D 294 35.74 -12.19 33.39
N PRO D 295 36.17 -13.29 32.76
CA PRO D 295 36.58 -14.49 33.50
C PRO D 295 37.84 -14.26 34.34
N ASP D 296 38.56 -13.18 34.02
CA ASP D 296 39.81 -12.87 34.69
C ASP D 296 39.66 -11.73 35.69
N SER D 297 38.44 -11.45 36.11
CA SER D 297 38.15 -10.27 36.92
C SER D 297 38.41 -10.51 38.40
N ALA D 298 38.51 -11.77 38.79
CA ALA D 298 38.68 -12.14 40.19
C ALA D 298 40.10 -11.84 40.68
N ILE D 299 40.23 -11.62 41.99
CA ILE D 299 41.53 -11.40 42.61
C ILE D 299 41.71 -12.21 43.88
N LYS D 300 42.94 -12.25 44.38
CA LYS D 300 43.22 -12.83 45.68
C LYS D 300 43.12 -11.68 46.68
N ASP D 301 42.01 -11.64 47.42
CA ASP D 301 41.74 -10.48 48.25
C ASP D 301 42.21 -10.70 49.69
N GLY D 302 41.94 -9.73 50.55
CA GLY D 302 42.42 -9.77 51.92
C GLY D 302 43.94 -9.76 51.96
N ASP D 303 44.54 -9.13 50.96
CA ASP D 303 46.00 -9.08 50.87
C ASP D 303 46.50 -7.68 51.23
N ILE D 304 46.70 -7.46 52.51
CA ILE D 304 47.21 -6.20 53.04
C ILE D 304 48.59 -5.89 52.47
N ASP D 305 49.43 -6.91 52.37
CA ASP D 305 50.80 -6.74 51.86
C ASP D 305 50.84 -6.19 50.44
N LYS D 306 50.01 -6.74 49.57
CA LYS D 306 49.91 -6.27 48.19
C LYS D 306 49.42 -4.82 48.14
N ALA D 307 48.41 -4.53 48.95
CA ALA D 307 47.86 -3.18 49.06
C ALA D 307 48.94 -2.17 49.45
N LYS D 308 49.71 -2.52 50.47
CA LYS D 308 50.80 -1.69 50.95
C LYS D 308 51.86 -1.52 49.87
N GLN D 309 52.10 -2.59 49.11
CA GLN D 309 53.03 -2.53 47.97
C GLN D 309 52.59 -1.52 46.91
N ILE D 310 51.32 -1.60 46.51
CA ILE D 310 50.76 -0.66 45.54
C ILE D 310 50.81 0.79 46.05
N LEU D 311 50.47 0.98 47.32
CA LEU D 311 50.47 2.32 47.91
C LEU D 311 51.87 2.90 47.99
N GLU D 312 52.84 2.07 48.38
CA GLU D 312 54.22 2.52 48.51
C GLU D 312 54.81 2.84 47.13
N GLN D 313 54.59 1.93 46.18
CA GLN D 313 55.11 2.08 44.83
C GLN D 313 54.53 3.29 44.10
N ALA D 314 53.35 3.74 44.56
CA ALA D 314 52.67 4.87 43.92
C ALA D 314 52.85 6.17 44.69
N GLY D 315 53.62 6.13 45.77
CA GLY D 315 53.96 7.33 46.51
C GLY D 315 53.12 7.63 47.73
N TRP D 316 52.33 6.66 48.18
CA TRP D 316 51.54 6.82 49.40
C TRP D 316 52.32 6.31 50.60
N GLN D 317 52.78 7.23 51.44
CA GLN D 317 53.69 6.93 52.53
C GLN D 317 53.06 7.13 53.91
N LEU D 318 53.49 6.32 54.89
CA LEU D 318 52.98 6.43 56.24
C LEU D 318 53.48 7.70 56.93
N ASN D 319 52.56 8.53 57.40
CA ASN D 319 52.94 9.72 58.14
C ASN D 319 53.31 9.38 59.58
N SER D 320 53.45 10.40 60.42
CA SER D 320 53.81 10.19 61.81
C SER D 320 52.64 9.56 62.58
N GLN D 321 51.43 9.87 62.13
CA GLN D 321 50.21 9.34 62.72
C GLN D 321 49.89 7.93 62.24
N GLY D 322 50.73 7.39 61.35
CA GLY D 322 50.50 6.06 60.82
C GLY D 322 49.47 6.02 59.71
N THR D 323 49.19 7.17 59.13
CA THR D 323 48.22 7.28 58.05
C THR D 323 48.94 7.52 56.72
N ARG D 324 48.46 6.90 55.65
CA ARG D 324 49.07 7.09 54.34
C ARG D 324 48.94 8.55 53.89
N GLU D 325 49.96 9.03 53.18
CA GLU D 325 49.99 10.40 52.72
C GLU D 325 50.75 10.52 51.40
N LYS D 326 50.27 11.38 50.51
CA LYS D 326 50.94 11.60 49.23
C LYS D 326 50.94 13.08 48.89
N ASN D 327 52.15 13.65 48.78
CA ASN D 327 52.35 15.07 48.50
C ASN D 327 51.57 16.00 49.42
N GLY D 328 51.58 15.70 50.72
CA GLY D 328 50.95 16.53 51.72
C GLY D 328 49.47 16.29 51.96
N LEU D 329 48.90 15.33 51.22
CA LEU D 329 47.49 15.03 51.35
C LEU D 329 47.28 13.70 52.09
N PRO D 330 46.60 13.76 53.25
CA PRO D 330 46.36 12.55 54.03
C PRO D 330 45.16 11.76 53.51
N ALA D 331 45.25 10.44 53.59
CA ALA D 331 44.17 9.58 53.12
C ALA D 331 43.05 9.52 54.16
N LYS D 332 42.21 10.54 54.18
CA LYS D 332 41.07 10.60 55.09
C LYS D 332 39.79 10.74 54.27
N ILE D 333 38.93 9.72 54.33
CA ILE D 333 37.73 9.74 53.50
C ILE D 333 36.48 9.39 54.30
N THR D 334 35.33 9.88 53.84
CA THR D 334 34.06 9.61 54.50
C THR D 334 33.21 8.65 53.66
N LEU D 335 32.77 7.57 54.29
CA LEU D 335 31.91 6.58 53.66
C LEU D 335 30.45 6.81 54.02
N TRP D 336 29.64 7.04 52.99
CA TRP D 336 28.22 7.32 53.18
C TRP D 336 27.32 6.11 52.98
N TYR D 337 26.24 6.03 53.76
CA TYR D 337 25.23 5.00 53.54
C TYR D 337 23.85 5.45 54.01
N THR D 338 22.83 4.70 53.61
CA THR D 338 21.45 5.01 53.95
C THR D 338 21.08 4.47 55.33
N SER D 339 20.35 5.28 56.09
CA SER D 339 19.93 4.89 57.44
C SER D 339 18.78 3.90 57.36
N GLY D 340 18.41 3.33 58.51
CA GLY D 340 17.30 2.41 58.57
C GLY D 340 17.69 0.96 58.37
N ASP D 341 18.99 0.68 58.33
CA ASP D 341 19.46 -0.70 58.16
C ASP D 341 20.70 -0.97 59.02
N THR D 342 20.57 -1.93 59.92
CA THR D 342 21.65 -2.31 60.82
C THR D 342 22.77 -3.03 60.06
N THR D 343 22.39 -3.78 59.03
CA THR D 343 23.33 -4.58 58.26
C THR D 343 24.27 -3.68 57.46
N ARG D 344 23.72 -2.61 56.90
CA ARG D 344 24.52 -1.65 56.13
C ARG D 344 25.57 -1.00 57.04
N ARG D 345 25.14 -0.63 58.23
CA ARG D 345 26.05 -0.01 59.20
C ARG D 345 27.13 -0.99 59.62
N ASP D 346 26.75 -2.23 59.89
CA ASP D 346 27.72 -3.25 60.27
C ASP D 346 28.73 -3.45 59.14
N LEU D 347 28.27 -3.38 57.90
CA LEU D 347 29.13 -3.56 56.74
C LEU D 347 30.12 -2.41 56.65
N ALA D 348 29.63 -1.20 56.88
CA ALA D 348 30.49 0.00 56.89
C ALA D 348 31.57 -0.11 57.98
N GLN D 349 31.16 -0.48 59.19
CA GLN D 349 32.08 -0.62 60.31
C GLN D 349 33.14 -1.64 59.97
N ALA D 350 32.70 -2.73 59.36
CA ALA D 350 33.61 -3.78 58.94
C ALA D 350 34.62 -3.23 57.95
N LEU D 351 34.16 -2.38 57.04
CA LEU D 351 35.06 -1.83 56.03
C LEU D 351 36.10 -0.88 56.62
N ARG D 352 35.70 0.02 57.52
CA ARG D 352 36.66 0.87 58.20
C ARG D 352 37.70 -0.01 58.91
N SER D 353 37.21 -1.01 59.63
CA SER D 353 38.09 -1.91 60.38
C SER D 353 39.09 -2.64 59.49
N MET D 354 38.66 -3.00 58.28
CA MET D 354 39.51 -3.73 57.35
C MET D 354 40.50 -2.82 56.64
N LEU D 355 40.17 -1.52 56.56
CA LEU D 355 41.05 -0.57 55.88
C LEU D 355 42.04 0.09 56.82
N LYS D 356 41.79 -0.01 58.12
CA LYS D 356 42.73 0.47 59.13
C LYS D 356 44.18 -0.07 59.00
N PRO D 357 44.36 -1.38 58.71
CA PRO D 357 45.74 -1.89 58.65
C PRO D 357 46.66 -1.28 57.58
N ILE D 358 46.11 -0.74 56.50
CA ILE D 358 46.96 -0.15 55.45
C ILE D 358 47.08 1.37 55.57
N GLY D 359 46.53 1.94 56.63
CA GLY D 359 46.70 3.35 56.92
C GLY D 359 45.70 4.29 56.28
N ILE D 360 44.56 3.75 55.89
CA ILE D 360 43.48 4.57 55.35
C ILE D 360 42.43 4.84 56.44
N ASP D 361 42.17 6.13 56.69
CA ASP D 361 41.21 6.51 57.73
C ASP D 361 39.83 6.76 57.14
N VAL D 362 38.91 5.88 57.51
CA VAL D 362 37.54 5.93 57.02
C VAL D 362 36.58 6.41 58.11
N ASP D 363 36.00 7.58 57.91
CA ASP D 363 34.90 8.04 58.75
C ASP D 363 33.61 7.44 58.21
N LEU D 364 32.60 7.27 59.05
CA LEU D 364 31.34 6.69 58.59
C LEU D 364 30.19 7.66 58.81
N LYS D 365 29.38 7.88 57.78
CA LYS D 365 28.19 8.73 57.93
C LYS D 365 26.97 8.12 57.25
N SER D 366 25.82 8.29 57.90
CA SER D 366 24.57 7.75 57.40
C SER D 366 23.50 8.83 57.24
N GLY D 367 22.52 8.57 56.39
CA GLY D 367 21.42 9.50 56.23
C GLY D 367 20.26 9.01 55.39
N SER D 368 19.29 9.91 55.17
CA SER D 368 18.18 9.65 54.26
C SER D 368 18.64 9.73 52.81
N TRP D 369 17.90 9.12 51.89
CA TRP D 369 18.25 9.14 50.47
C TRP D 369 18.52 10.52 49.89
N GLU D 370 17.70 11.50 50.26
CA GLU D 370 17.90 12.87 49.80
C GLU D 370 19.28 13.39 50.20
N THR D 371 19.75 12.99 51.37
CA THR D 371 21.06 13.40 51.88
C THR D 371 22.19 12.69 51.11
N VAL D 372 21.98 11.41 50.86
CA VAL D 372 22.97 10.62 50.12
C VAL D 372 23.12 11.22 48.73
N GLU D 373 22.00 11.66 48.16
CA GLU D 373 21.99 12.33 46.85
C GLU D 373 22.96 13.51 46.88
N ARG D 374 22.96 14.21 48.01
CA ARG D 374 23.77 15.41 48.19
C ARG D 374 25.26 15.07 48.34
N ASN D 375 25.56 13.94 48.98
CA ASN D 375 26.95 13.62 49.27
C ASN D 375 27.60 12.51 48.43
N MET D 376 26.82 11.86 47.57
CA MET D 376 27.29 10.67 46.86
C MET D 376 28.31 10.94 45.75
N HIS D 377 28.45 12.19 45.34
CA HIS D 377 29.36 12.54 44.26
C HIS D 377 30.74 12.96 44.76
N ALA D 378 30.83 13.29 46.05
CA ALA D 378 32.07 13.78 46.63
C ALA D 378 32.69 12.78 47.60
N ASN D 379 31.99 11.68 47.85
CA ASN D 379 32.45 10.68 48.80
C ASN D 379 32.23 9.27 48.28
N PRO D 380 33.04 8.31 48.73
CA PRO D 380 32.74 6.90 48.45
C PRO D 380 31.38 6.52 49.03
N THR D 381 30.57 5.74 48.32
CA THR D 381 29.22 5.46 48.82
C THR D 381 28.80 4.00 48.63
N LEU D 382 28.09 3.46 49.61
CA LEU D 382 27.63 2.07 49.57
C LEU D 382 26.29 1.92 48.84
N PHE D 383 26.31 1.14 47.77
CA PHE D 383 25.12 0.91 46.95
C PHE D 383 24.82 -0.58 46.79
N GLY D 384 23.53 -0.90 46.66
CA GLY D 384 23.10 -2.22 46.24
C GLY D 384 22.45 -2.18 44.87
N TRP D 385 22.86 -3.11 44.01
CA TRP D 385 22.35 -3.18 42.63
C TRP D 385 22.18 -4.64 42.21
N GLY D 386 22.38 -4.92 40.92
CA GLY D 386 22.30 -6.26 40.40
C GLY D 386 21.19 -6.44 39.37
N SER D 387 21.52 -7.07 38.26
CA SER D 387 20.56 -7.19 37.17
C SER D 387 20.92 -8.31 36.20
N LEU D 388 19.90 -8.89 35.57
CA LEU D 388 20.08 -9.92 34.56
C LEU D 388 20.24 -9.30 33.17
N ASP D 389 20.15 -7.98 33.11
CA ASP D 389 20.36 -7.24 31.87
C ASP D 389 21.75 -6.61 31.92
N PRO D 390 22.58 -6.89 30.89
CA PRO D 390 23.92 -6.31 30.83
C PRO D 390 23.92 -4.78 30.74
N MET D 391 22.78 -4.19 30.39
CA MET D 391 22.66 -2.75 30.24
C MET D 391 23.07 -2.00 31.52
N GLU D 392 22.99 -2.69 32.66
CA GLU D 392 23.36 -2.08 33.92
C GLU D 392 24.83 -1.65 33.88
N LEU D 393 25.65 -2.44 33.20
CA LEU D 393 27.07 -2.09 33.00
C LEU D 393 27.16 -0.70 32.40
N TYR D 394 26.38 -0.47 31.36
CA TYR D 394 26.32 0.84 30.72
C TYR D 394 26.00 1.88 31.78
N HIS D 395 24.93 1.64 32.52
CA HIS D 395 24.46 2.59 33.54
C HIS D 395 25.54 2.86 34.58
N HIS D 396 26.40 1.86 34.81
CA HIS D 396 27.47 2.02 35.77
C HIS D 396 28.68 2.76 35.20
N TYR D 397 29.02 2.48 33.93
CA TYR D 397 30.35 2.86 33.48
C TYR D 397 30.36 3.79 32.27
N SER D 398 29.18 4.06 31.71
CA SER D 398 29.08 4.97 30.59
C SER D 398 29.24 6.40 31.06
N SER D 399 30.01 7.17 30.32
CA SER D 399 30.19 8.58 30.61
C SER D 399 28.87 9.33 30.41
N ASN D 400 28.02 8.80 29.54
CA ASN D 400 26.72 9.40 29.29
C ASN D 400 25.78 9.28 30.48
N ALA D 401 26.04 8.30 31.34
CA ALA D 401 25.19 8.05 32.50
C ALA D 401 25.69 8.78 33.73
N ALA D 402 26.82 9.45 33.59
CA ALA D 402 27.46 10.12 34.72
C ALA D 402 26.56 11.19 35.36
N GLY D 403 26.23 10.98 36.62
CA GLY D 403 25.43 11.92 37.38
C GLY D 403 23.95 11.84 37.05
N VAL D 404 23.59 10.83 36.26
CA VAL D 404 22.19 10.64 35.87
C VAL D 404 21.49 9.78 36.92
N GLU D 405 20.64 10.43 37.73
CA GLU D 405 19.99 9.80 38.87
C GLU D 405 20.99 9.18 39.84
N TYR D 406 20.88 7.88 40.06
CA TYR D 406 21.75 7.17 40.98
C TYR D 406 22.85 6.42 40.26
N TYR D 407 22.84 6.52 38.93
CA TYR D 407 23.82 5.85 38.10
C TYR D 407 25.09 6.67 37.97
N ASN D 408 26.22 5.96 37.90
CA ASN D 408 27.54 6.55 37.76
C ASN D 408 27.75 7.85 38.56
N PRO D 409 27.60 7.79 39.89
CA PRO D 409 27.72 8.99 40.71
C PRO D 409 29.16 9.46 40.84
N GLY D 410 30.12 8.60 40.54
CA GLY D 410 31.52 8.95 40.65
C GLY D 410 32.08 9.58 39.40
N TYR D 411 31.20 9.86 38.44
CA TYR D 411 31.54 10.51 37.18
C TYR D 411 32.72 9.86 36.46
N TYR D 412 32.64 8.54 36.33
CA TYR D 412 33.64 7.76 35.62
C TYR D 412 33.52 7.94 34.12
N LYS D 413 34.64 8.26 33.48
CA LYS D 413 34.67 8.46 32.04
C LYS D 413 35.91 7.82 31.44
N ASN D 414 35.70 6.85 30.56
CA ASN D 414 36.79 6.20 29.84
C ASN D 414 36.35 5.90 28.42
N PRO D 415 36.91 6.62 27.44
CA PRO D 415 36.48 6.52 26.04
C PRO D 415 36.57 5.11 25.47
N MET D 416 37.56 4.32 25.90
CA MET D 416 37.67 2.96 25.41
C MET D 416 36.54 2.11 25.98
N VAL D 417 36.23 2.33 27.25
CA VAL D 417 35.12 1.64 27.90
C VAL D 417 33.81 1.98 27.21
N ASP D 418 33.61 3.26 26.89
CA ASP D 418 32.41 3.69 26.18
C ASP D 418 32.33 3.06 24.80
N LYS D 419 33.48 2.91 24.14
CA LYS D 419 33.53 2.29 22.81
C LYS D 419 33.11 0.82 22.90
N HIS D 420 33.61 0.13 23.92
CA HIS D 420 33.27 -1.28 24.09
C HIS D 420 31.79 -1.43 24.43
N LEU D 421 31.28 -0.50 25.24
CA LEU D 421 29.86 -0.46 25.60
C LEU D 421 28.98 -0.30 24.36
N GLN D 422 29.34 0.65 23.50
CA GLN D 422 28.55 0.90 22.31
C GLN D 422 28.65 -0.28 21.34
N GLN D 423 29.83 -0.87 21.24
CA GLN D 423 30.01 -2.08 20.45
C GLN D 423 29.10 -3.21 20.95
N ALA D 424 28.98 -3.32 22.27
CA ALA D 424 28.15 -4.35 22.88
C ALA D 424 26.68 -4.08 22.58
N LEU D 425 26.28 -2.82 22.65
CA LEU D 425 24.89 -2.46 22.41
C LEU D 425 24.52 -2.69 20.96
N ASP D 426 25.46 -2.42 20.05
CA ASP D 426 25.18 -2.46 18.62
C ASP D 426 25.32 -3.85 18.00
N ALA D 427 25.77 -4.82 18.78
CA ALA D 427 25.92 -6.20 18.29
C ALA D 427 24.57 -6.77 17.84
N PRO D 428 24.59 -7.60 16.78
CA PRO D 428 23.38 -8.17 16.18
C PRO D 428 22.62 -9.16 17.07
N THR D 429 23.35 -9.88 17.92
CA THR D 429 22.75 -10.81 18.88
C THR D 429 23.39 -10.59 20.23
N TRP D 430 22.75 -11.04 21.30
CA TRP D 430 23.31 -10.86 22.63
C TRP D 430 24.61 -11.65 22.79
N GLN D 431 24.68 -12.80 22.12
CA GLN D 431 25.88 -13.64 22.18
C GLN D 431 27.11 -12.93 21.66
N GLN D 432 26.97 -12.22 20.54
CA GLN D 432 28.07 -11.48 19.96
C GLN D 432 28.41 -10.27 20.82
N ALA D 433 27.41 -9.78 21.55
CA ALA D 433 27.60 -8.65 22.46
C ALA D 433 28.43 -9.04 23.68
N VAL D 434 28.23 -10.27 24.15
CA VAL D 434 28.86 -10.77 25.37
C VAL D 434 30.37 -10.52 25.49
N PRO D 435 31.16 -10.77 24.43
CA PRO D 435 32.60 -10.53 24.60
C PRO D 435 32.95 -9.06 24.85
N PHE D 436 32.13 -8.16 24.33
CA PHE D 436 32.36 -6.72 24.48
C PHE D 436 32.00 -6.24 25.89
N TRP D 437 30.95 -6.81 26.47
CA TRP D 437 30.59 -6.49 27.84
C TRP D 437 31.74 -6.86 28.78
N GLN D 438 32.41 -7.97 28.46
CA GLN D 438 33.53 -8.44 29.27
C GLN D 438 34.73 -7.53 29.15
N GLN D 439 34.86 -6.86 28.01
CA GLN D 439 35.98 -5.98 27.75
C GLN D 439 35.95 -4.73 28.63
N VAL D 440 34.81 -4.47 29.25
CA VAL D 440 34.63 -3.28 30.07
C VAL D 440 35.56 -3.33 31.29
N ASP D 441 35.71 -4.53 31.85
CA ASP D 441 36.64 -4.75 32.95
C ASP D 441 38.08 -4.55 32.51
N TRP D 442 38.43 -5.18 31.39
CA TRP D 442 39.81 -5.19 30.93
C TRP D 442 39.90 -5.63 29.46
N ASP D 443 40.52 -4.79 28.63
CA ASP D 443 40.66 -5.12 27.21
C ASP D 443 42.09 -5.53 26.86
N GLY D 444 42.93 -5.62 27.89
CA GLY D 444 44.35 -5.89 27.68
C GLY D 444 45.22 -4.68 27.93
N THR D 445 44.61 -3.50 28.01
CA THR D 445 45.34 -2.26 28.23
C THR D 445 44.71 -1.40 29.31
N THR D 446 43.40 -1.20 29.20
CA THR D 446 42.67 -0.41 30.20
C THR D 446 41.27 -0.98 30.42
N GLY D 447 40.59 -0.48 31.44
CA GLY D 447 39.25 -0.94 31.76
C GLY D 447 38.75 -0.36 33.06
N ALA D 448 37.49 -0.63 33.39
CA ALA D 448 36.88 -0.09 34.59
C ALA D 448 37.09 -1.01 35.79
N GLY D 449 37.68 -2.19 35.54
CA GLY D 449 37.83 -3.18 36.58
C GLY D 449 39.08 -2.97 37.43
N ILE D 450 39.41 -3.95 38.26
CA ILE D 450 40.49 -3.80 39.24
C ILE D 450 41.86 -3.69 38.58
N ARG D 451 42.07 -4.46 37.51
CA ARG D 451 43.30 -4.40 36.72
C ARG D 451 43.41 -3.04 36.04
N GLY D 452 42.27 -2.36 35.89
CA GLY D 452 42.23 -1.07 35.22
C GLY D 452 42.01 0.06 36.20
N ASP D 453 41.03 0.91 35.91
CA ASP D 453 40.79 2.12 36.69
C ASP D 453 40.15 1.86 38.06
N ALA D 454 39.54 0.69 38.22
CA ALA D 454 38.91 0.28 39.48
C ALA D 454 37.92 1.33 39.98
N ALA D 455 36.92 1.63 39.17
CA ALA D 455 35.93 2.65 39.49
C ALA D 455 35.12 2.25 40.73
N TRP D 456 35.01 0.95 40.94
CA TRP D 456 34.28 0.40 42.07
C TRP D 456 35.14 -0.52 42.90
N ALA D 457 34.73 -0.72 44.15
CA ALA D 457 35.17 -1.87 44.93
C ALA D 457 33.94 -2.73 45.19
N TRP D 458 33.67 -3.65 44.27
CA TRP D 458 32.53 -4.53 44.41
C TRP D 458 32.77 -5.53 45.53
N LEU D 459 31.74 -5.75 46.35
CA LEU D 459 31.91 -6.56 47.54
C LEU D 459 31.27 -7.93 47.40
N LEU D 460 29.94 -7.99 47.31
CA LEU D 460 29.27 -9.29 47.42
C LEU D 460 28.07 -9.48 46.51
N ASN D 461 27.75 -10.73 46.20
CA ASN D 461 26.43 -11.10 45.68
C ASN D 461 25.60 -11.78 46.75
N ILE D 462 24.47 -11.17 47.09
CA ILE D 462 23.57 -11.68 48.12
C ILE D 462 22.68 -12.80 47.60
N GLN D 463 22.40 -13.79 48.44
CA GLN D 463 21.37 -14.79 48.14
C GLN D 463 20.10 -14.54 48.94
N HIS D 464 18.97 -14.94 48.37
CA HIS D 464 17.66 -14.70 48.99
C HIS D 464 17.32 -15.90 49.88
N THR D 465 16.65 -15.65 51.00
CA THR D 465 16.37 -16.71 51.95
C THR D 465 14.87 -16.90 52.17
N TYR D 466 14.42 -18.14 52.07
CA TYR D 466 13.01 -18.43 52.21
C TYR D 466 12.81 -19.56 53.21
N LEU D 467 11.72 -19.52 53.98
CA LEU D 467 11.36 -20.65 54.82
C LEU D 467 10.20 -21.36 54.15
N ALA D 468 10.28 -22.69 54.08
CA ALA D 468 9.25 -23.45 53.37
C ALA D 468 8.84 -24.72 54.12
N ASN D 469 7.55 -25.01 54.08
CA ASN D 469 7.00 -26.26 54.63
C ASN D 469 7.82 -27.44 54.13
N ASN D 470 8.06 -28.41 55.01
CA ASN D 470 8.99 -29.49 54.71
C ASN D 470 8.65 -30.31 53.47
N CYS D 471 7.37 -30.41 53.15
CA CYS D 471 6.93 -31.15 51.97
C CYS D 471 7.05 -30.35 50.68
N VAL D 472 7.44 -29.07 50.81
CA VAL D 472 7.52 -28.19 49.64
C VAL D 472 8.91 -28.09 49.02
N ASP D 473 8.99 -28.40 47.73
CA ASP D 473 10.20 -28.25 46.93
C ASP D 473 10.06 -27.09 45.96
N LEU D 474 10.83 -26.02 46.17
CA LEU D 474 10.72 -24.83 45.32
C LEU D 474 11.46 -24.98 43.99
N GLY D 475 12.04 -26.16 43.76
CA GLY D 475 12.70 -26.43 42.50
C GLY D 475 13.93 -25.57 42.31
N LYS D 476 14.12 -25.06 41.09
CA LYS D 476 15.26 -24.21 40.78
C LYS D 476 14.90 -23.25 39.64
N GLY D 477 15.72 -22.22 39.47
CA GLY D 477 15.51 -21.24 38.42
C GLY D 477 16.71 -20.34 38.21
N THR D 478 16.52 -19.32 37.40
CA THR D 478 17.55 -18.32 37.14
C THR D 478 17.91 -17.59 38.44
N PRO D 479 19.07 -16.93 38.47
CA PRO D 479 19.34 -16.07 39.63
C PRO D 479 18.19 -15.09 39.85
N GLU D 480 17.78 -14.90 41.09
CA GLU D 480 16.63 -14.05 41.36
C GLU D 480 16.99 -12.58 41.21
N ILE D 481 16.05 -11.80 40.67
CA ILE D 481 16.29 -10.38 40.46
C ILE D 481 16.37 -9.63 41.77
N HIS D 482 16.88 -8.40 41.73
CA HIS D 482 16.89 -7.55 42.90
C HIS D 482 15.53 -6.84 43.00
N GLY D 483 14.62 -7.46 43.73
CA GLY D 483 13.27 -6.97 43.86
C GLY D 483 12.34 -8.00 44.49
N SER D 484 11.08 -7.61 44.68
CA SER D 484 10.11 -8.45 45.35
C SER D 484 9.55 -9.51 44.41
N TRP D 485 9.07 -10.60 45.00
CA TRP D 485 8.39 -11.68 44.28
C TRP D 485 9.31 -12.36 43.25
N SER D 486 10.61 -12.32 43.50
CA SER D 486 11.59 -12.88 42.57
C SER D 486 11.48 -14.41 42.47
N LEU D 487 11.07 -15.02 43.58
CA LEU D 487 10.93 -16.48 43.67
C LEU D 487 10.11 -17.08 42.54
N LEU D 488 9.17 -16.28 42.02
CA LEU D 488 8.24 -16.76 41.01
C LEU D 488 8.98 -17.23 39.76
N ASN D 489 10.23 -16.81 39.61
CA ASN D 489 11.03 -17.25 38.47
C ASN D 489 11.21 -18.77 38.43
N SER D 490 10.89 -19.44 39.54
CA SER D 490 11.01 -20.90 39.61
C SER D 490 9.66 -21.61 39.70
N ILE D 491 8.57 -20.87 39.55
CA ILE D 491 7.24 -21.39 39.92
C ILE D 491 6.82 -22.69 39.22
N ASP D 492 7.32 -22.93 38.01
CA ASP D 492 6.93 -24.11 37.25
C ASP D 492 7.57 -25.38 37.79
N SER D 493 8.61 -25.24 38.58
CA SER D 493 9.34 -26.39 39.08
C SER D 493 8.94 -26.75 40.52
N TRP D 494 7.92 -26.07 41.03
CA TRP D 494 7.44 -26.34 42.39
C TRP D 494 6.74 -27.69 42.48
N LYS D 495 7.05 -28.47 43.51
CA LYS D 495 6.45 -29.79 43.66
C LYS D 495 5.95 -30.02 45.08
N TRP D 496 5.14 -31.06 45.24
CA TRP D 496 4.64 -31.50 46.54
C TRP D 496 5.10 -32.93 46.83
N THR D 497 5.92 -33.12 47.87
CA THR D 497 6.58 -34.41 48.10
C THR D 497 5.68 -35.43 48.82
N CYS D 498 4.53 -35.00 49.31
CA CYS D 498 3.66 -35.92 50.07
C CYS D 498 2.18 -35.72 49.72
NI NI E . 1.59 -6.99 -31.19
NI NI F . -34.00 -10.72 -18.78
NI NI G . 16.95 16.54 40.13
NI NI H . 7.46 -3.02 7.73
#